data_5ZLN
#
_entry.id   5ZLN
#
_cell.length_a   114.306
_cell.length_b   128.141
_cell.length_c   156.798
_cell.angle_alpha   90.00
_cell.angle_beta   90.00
_cell.angle_gamma   90.00
#
_symmetry.space_group_name_H-M   'P 21 21 21'
#
loop_
_entity.id
_entity.type
_entity.pdbx_description
1 polymer 'Toll-like receptor 9'
2 polymer "DNA (5'-D(*AP*GP*GP*CP*GP*TP*TP*TP*TP*T)-3')"
3 polymer "DNA (5'-D(*TP*CP*GP*C)-3')"
4 branched beta-D-mannopyranose-(1-4)-2-acetamido-2-deoxy-beta-D-glucopyranose-(1-4)-2-acetamido-2-deoxy-beta-D-glucopyranose
5 branched 2-acetamido-2-deoxy-beta-D-glucopyranose-(1-4)-2-acetamido-2-deoxy-beta-D-glucopyranose
6 non-polymer 2-acetamido-2-deoxy-beta-D-glucopyranose
7 non-polymer 'SULFATE ION'
8 water water
#
loop_
_entity_poly.entity_id
_entity_poly.type
_entity_poly.pdbx_seq_one_letter_code
_entity_poly.pdbx_strand_id
1 'polypeptide(L)'
;LGTLPAFLPCELKPHGLVDCNWLFLKSVPRFSAAASCSNITRLSLISNRIHHLHNSDFVHLSNLRQLNLKWNCPPTGLSP
LHFSCHMTIEPRTFLAMRTLEELNLSYNGITTVPRLPSSLVNLSLSHTNILVLDANSLAGLYSLRVLFMDGNCYYKNPCT
GAVKVTPGALLGLSNLTHLSLKYNNLTKVPRQLPPSLEYLLVSYNLIVKLGPEDLANLTSLRVLDVGGNCRRCDHAPNPC
IECGQKSLHLHPETFHHLSHLEGLVLKDSSLHTLNSSWFQGLVNMSVLDLSENFLYESIQHTNAFQNLTRLRKLNLSFNY
RKKVSFARLHLASSFKNLVSLQELNMNGIFFRSLNKYTLRWLADLPKLHTLHLQMNFINQAQLSIFGTFRALRFVDLSDN
RISGPSTLSEATPEEADDAEQEELLSADPHPAPLSTPASKNFMDRCKNFKFTMDLSRNNLVTIKPEMFVQLSRLQCLSLS
HNSIAQAVQGSQFLPLTNLQVLDLSHNKLDLYHWKSFSELPQLQALDLSYNSQPFSMKGIGHNFSFVAHLSMLHSLSLAH
NDIHTRVSSHLNSNSVRFLDFSGNGMGRMWDEGGLYLHFFQGLSGLLKLDLSQNNLHILRPQNLDNLPKSLKLLSLRDNY
LSFFQWTSLSFLPNLEVLDLAGNQLKALTNGTLPNGTLLQKLDVSSNSIVSVVPAFFALAVELKEVNLSHNILKTVDRSW
FGPIVMNLTVLDVRSNPLHCACGAAFVDLLLEVQTKVPGLANGVKCGSPGQLQGRSIFAQDLRLCLDEVLSWD
;
A,B
2 'polydeoxyribonucleotide' (DA)(DG)(DG)(DC)(DG)(DT)(DT)(DT)(DT)(DT) C,D
3 'polydeoxyribonucleotide' (DT)(DC)(DG)(DC)(DC)(DA) E,F
#
# COMPACT_ATOMS: atom_id res chain seq x y z
N THR A 3 5.58 -45.56 3.57
CA THR A 3 5.97 -44.15 3.33
C THR A 3 4.77 -43.24 2.88
N LEU A 4 4.12 -43.48 1.72
CA LEU A 4 2.98 -42.60 1.18
C LEU A 4 1.96 -42.19 2.22
N PRO A 5 1.53 -40.91 2.26
CA PRO A 5 0.73 -40.44 3.39
C PRO A 5 -0.51 -41.29 3.73
N ALA A 6 -1.06 -41.97 2.71
CA ALA A 6 -2.00 -43.14 2.89
C ALA A 6 -3.46 -42.81 2.78
N PHE A 7 -3.84 -41.56 3.05
CA PHE A 7 -5.18 -41.12 2.76
C PHE A 7 -5.21 -40.17 1.56
N LEU A 8 -4.31 -40.37 0.60
CA LEU A 8 -4.29 -39.53 -0.61
C LEU A 8 -5.66 -39.56 -1.28
N PRO A 9 -6.15 -38.45 -1.83
CA PRO A 9 -5.43 -37.19 -1.94
C PRO A 9 -5.63 -36.30 -0.74
N CYS A 10 -6.22 -36.83 0.32
CA CYS A 10 -6.51 -36.04 1.50
C CYS A 10 -5.35 -36.06 2.49
N GLU A 11 -5.51 -35.34 3.59
CA GLU A 11 -4.47 -35.19 4.58
C GLU A 11 -4.94 -35.76 5.92
N LEU A 12 -4.15 -36.65 6.52
CA LEU A 12 -4.49 -37.16 7.86
C LEU A 12 -4.06 -36.15 8.90
N LYS A 13 -4.94 -35.89 9.87
CA LYS A 13 -4.67 -34.94 10.93
C LYS A 13 -4.89 -35.61 12.29
N PRO A 14 -4.58 -34.90 13.39
CA PRO A 14 -4.71 -35.47 14.74
C PRO A 14 -5.84 -36.51 15.05
N HIS A 15 -6.93 -36.16 15.72
CA HIS A 15 -7.74 -37.19 16.39
C HIS A 15 -8.74 -37.83 15.41
N GLY A 16 -8.21 -38.66 14.51
CA GLY A 16 -8.99 -39.43 13.56
C GLY A 16 -9.59 -38.64 12.40
N LEU A 17 -9.09 -37.42 12.20
CA LEU A 17 -9.61 -36.47 11.22
C LEU A 17 -8.91 -36.56 9.88
N VAL A 18 -9.65 -36.85 8.83
CA VAL A 18 -9.09 -36.80 7.49
C VAL A 18 -9.67 -35.58 6.81
N ASP A 19 -8.81 -34.70 6.34
CA ASP A 19 -9.19 -33.43 5.77
C ASP A 19 -9.10 -33.50 4.24
N CYS A 20 -10.27 -33.49 3.59
CA CYS A 20 -10.39 -33.55 2.14
C CYS A 20 -10.95 -32.24 1.55
N ASN A 21 -10.81 -31.14 2.30
CA ASN A 21 -11.43 -29.90 1.90
C ASN A 21 -10.80 -29.35 0.64
N TRP A 22 -11.61 -28.69 -0.19
CA TRP A 22 -11.07 -27.93 -1.32
C TRP A 22 -10.19 -28.74 -2.28
N LEU A 23 -10.59 -29.98 -2.61
CA LEU A 23 -9.84 -30.80 -3.56
C LEU A 23 -10.60 -31.04 -4.88
N PHE A 24 -11.75 -30.38 -5.04
CA PHE A 24 -12.53 -30.45 -6.28
C PHE A 24 -12.95 -31.88 -6.62
N LEU A 25 -13.18 -32.66 -5.58
CA LEU A 25 -13.58 -34.04 -5.75
C LEU A 25 -15.02 -34.10 -6.21
N LYS A 26 -15.31 -35.04 -7.11
CA LYS A 26 -16.66 -35.25 -7.60
C LYS A 26 -17.34 -36.40 -6.88
N SER A 27 -16.56 -37.17 -6.12
CA SER A 27 -17.13 -38.26 -5.33
C SER A 27 -16.40 -38.47 -4.02
N VAL A 28 -17.05 -39.19 -3.12
CA VAL A 28 -16.46 -39.49 -1.84
C VAL A 28 -15.23 -40.37 -2.07
N PRO A 29 -14.05 -39.92 -1.64
CA PRO A 29 -12.85 -40.69 -1.95
C PRO A 29 -12.86 -42.09 -1.33
N ARG A 30 -12.32 -43.06 -2.07
CA ARG A 30 -12.38 -44.47 -1.68
C ARG A 30 -11.24 -44.89 -0.76
N PHE A 31 -10.11 -44.18 -0.80
CA PHE A 31 -8.91 -44.52 -0.03
C PHE A 31 -8.50 -45.98 -0.30
N SER A 32 -8.50 -46.37 -1.57
CA SER A 32 -8.25 -47.77 -1.97
C SER A 32 -6.95 -48.29 -1.36
N ALA A 33 -5.88 -47.52 -1.56
CA ALA A 33 -4.55 -47.92 -1.07
C ALA A 33 -4.30 -47.43 0.37
N ALA A 34 -5.32 -47.55 1.25
CA ALA A 34 -5.13 -47.52 2.70
C ALA A 34 -5.43 -48.92 3.21
N ALA A 35 -4.68 -49.34 4.21
CA ALA A 35 -4.89 -50.66 4.80
C ALA A 35 -6.24 -50.73 5.53
N SER A 36 -6.51 -49.73 6.37
CA SER A 36 -7.74 -49.71 7.17
C SER A 36 -8.32 -48.29 7.23
N CYS A 37 -9.63 -48.19 7.00
CA CYS A 37 -10.36 -46.95 7.21
C CYS A 37 -11.15 -47.00 8.54
N SER A 38 -10.92 -48.04 9.36
CA SER A 38 -11.65 -48.25 10.62
C SER A 38 -11.36 -47.21 11.69
N ASN A 39 -10.16 -46.62 11.65
CA ASN A 39 -9.78 -45.57 12.61
C ASN A 39 -10.29 -44.17 12.21
N ILE A 40 -10.83 -44.03 10.99
CA ILE A 40 -11.31 -42.72 10.55
C ILE A 40 -12.66 -42.41 11.19
N THR A 41 -12.67 -41.39 12.05
CA THR A 41 -13.87 -41.02 12.78
C THR A 41 -14.38 -39.62 12.38
N ARG A 42 -13.58 -38.83 11.68
CA ARG A 42 -14.00 -37.51 11.25
C ARG A 42 -13.55 -37.35 9.81
N LEU A 43 -14.47 -36.94 8.94
CA LEU A 43 -14.16 -36.68 7.54
C LEU A 43 -14.68 -35.31 7.08
N SER A 44 -13.80 -34.52 6.48
CA SER A 44 -14.16 -33.19 6.05
C SER A 44 -14.06 -33.11 4.53
N LEU A 45 -15.19 -32.77 3.88
CA LEU A 45 -15.24 -32.66 2.42
C LEU A 45 -15.77 -31.31 1.95
N ILE A 46 -15.39 -30.26 2.70
CA ILE A 46 -15.92 -28.93 2.48
C ILE A 46 -15.55 -28.41 1.11
N SER A 47 -16.50 -27.82 0.42
CA SER A 47 -16.24 -27.09 -0.87
C SER A 47 -15.56 -27.92 -1.94
N ASN A 48 -15.83 -29.24 -1.95
CA ASN A 48 -15.58 -30.09 -3.11
C ASN A 48 -16.78 -29.99 -4.08
N ARG A 49 -16.86 -30.88 -5.06
CA ARG A 49 -17.89 -30.84 -6.10
C ARG A 49 -18.72 -32.11 -6.17
N ILE A 50 -19.13 -32.59 -5.00
CA ILE A 50 -19.91 -33.78 -4.93
C ILE A 50 -21.37 -33.42 -5.08
N HIS A 51 -21.95 -33.71 -6.24
CA HIS A 51 -23.37 -33.46 -6.47
C HIS A 51 -24.24 -34.69 -6.35
N HIS A 52 -23.64 -35.87 -6.25
CA HIS A 52 -24.41 -37.11 -6.24
C HIS A 52 -23.86 -38.06 -5.21
N LEU A 53 -24.68 -38.42 -4.23
CA LEU A 53 -24.26 -39.35 -3.20
C LEU A 53 -25.03 -40.69 -3.34
N HIS A 54 -24.30 -41.79 -3.15
CA HIS A 54 -24.81 -43.11 -3.41
C HIS A 54 -24.82 -44.02 -2.15
N ASN A 55 -25.67 -45.05 -2.21
CA ASN A 55 -25.83 -45.99 -1.09
C ASN A 55 -24.52 -46.58 -0.62
N SER A 56 -23.61 -46.84 -1.55
CA SER A 56 -22.31 -47.44 -1.23
C SER A 56 -21.16 -46.47 -0.89
N ASP A 57 -21.40 -45.17 -0.89
CA ASP A 57 -20.30 -44.19 -0.79
C ASP A 57 -19.59 -44.22 0.57
N PHE A 58 -20.31 -44.50 1.65
CA PHE A 58 -19.74 -44.44 3.00
C PHE A 58 -19.64 -45.79 3.71
N VAL A 59 -19.81 -46.89 2.98
CA VAL A 59 -19.78 -48.27 3.52
C VAL A 59 -18.43 -48.61 4.15
N HIS A 60 -17.33 -48.14 3.54
CA HIS A 60 -15.98 -48.33 4.06
C HIS A 60 -15.58 -47.34 5.15
N LEU A 61 -16.47 -46.41 5.48
CA LEU A 61 -16.17 -45.34 6.46
C LEU A 61 -17.18 -45.45 7.58
N SER A 62 -17.50 -46.69 7.93
CA SER A 62 -18.69 -47.00 8.73
C SER A 62 -18.55 -46.60 10.19
N ASN A 63 -17.34 -46.20 10.61
CA ASN A 63 -17.13 -45.67 11.95
C ASN A 63 -17.12 -44.14 12.06
N LEU A 64 -17.43 -43.43 10.97
CA LEU A 64 -17.48 -41.94 11.07
C LEU A 64 -18.40 -41.48 12.17
N ARG A 65 -17.90 -40.52 12.95
CA ARG A 65 -18.69 -39.81 13.93
C ARG A 65 -19.02 -38.40 13.51
N GLN A 66 -18.23 -37.84 12.58
CA GLN A 66 -18.36 -36.45 12.20
C GLN A 66 -18.12 -36.35 10.69
N LEU A 67 -19.03 -35.70 9.97
CA LEU A 67 -18.95 -35.66 8.51
C LEU A 67 -19.39 -34.27 8.07
N ASN A 68 -18.54 -33.57 7.32
CA ASN A 68 -18.87 -32.25 6.83
C ASN A 68 -18.94 -32.24 5.29
N LEU A 69 -20.14 -31.99 4.74
CA LEU A 69 -20.34 -31.97 3.29
C LEU A 69 -20.75 -30.57 2.75
N LYS A 70 -20.49 -29.52 3.54
CA LYS A 70 -20.79 -28.13 3.19
C LYS A 70 -20.33 -27.73 1.82
N TRP A 71 -21.15 -26.98 1.10
CA TRP A 71 -20.72 -26.22 -0.08
C TRP A 71 -20.38 -27.09 -1.28
N ASN A 72 -20.81 -28.34 -1.25
CA ASN A 72 -20.54 -29.23 -2.40
C ASN A 72 -21.41 -28.95 -3.58
N CYS A 73 -22.59 -28.38 -3.36
CA CYS A 73 -23.55 -28.19 -4.41
C CYS A 73 -24.37 -26.92 -4.11
N PRO A 74 -23.72 -25.75 -4.23
CA PRO A 74 -24.32 -24.49 -3.76
C PRO A 74 -25.67 -24.17 -4.44
N PRO A 75 -26.66 -23.77 -3.65
CA PRO A 75 -27.88 -23.23 -4.22
C PRO A 75 -27.63 -22.01 -5.09
N THR A 76 -28.53 -21.76 -6.03
CA THR A 76 -28.39 -20.70 -7.02
C THR A 76 -27.87 -19.42 -6.41
N GLY A 77 -28.56 -18.91 -5.41
CA GLY A 77 -28.22 -17.59 -4.88
C GLY A 77 -26.85 -17.54 -4.22
N LEU A 78 -26.30 -18.69 -3.83
CA LEU A 78 -25.01 -18.76 -3.13
C LEU A 78 -23.86 -19.16 -4.01
N SER A 79 -24.18 -19.73 -5.17
CA SER A 79 -23.23 -20.00 -6.21
C SER A 79 -22.70 -18.70 -6.68
N PRO A 80 -21.37 -18.58 -6.74
CA PRO A 80 -20.75 -17.33 -7.18
C PRO A 80 -21.17 -16.89 -8.59
N LEU A 81 -21.44 -17.85 -9.47
CA LEU A 81 -21.93 -17.53 -10.80
C LEU A 81 -23.43 -17.82 -10.95
N HIS A 82 -24.13 -18.04 -9.85
CA HIS A 82 -25.58 -18.33 -9.84
C HIS A 82 -25.95 -19.58 -10.65
N PHE A 83 -25.06 -20.57 -10.64
CA PHE A 83 -25.39 -21.86 -11.20
C PHE A 83 -26.35 -22.51 -10.23
N SER A 84 -27.43 -23.10 -10.76
CA SER A 84 -28.30 -23.96 -9.95
C SER A 84 -27.58 -25.27 -9.72
N CYS A 85 -27.78 -25.86 -8.57
CA CYS A 85 -27.21 -27.15 -8.32
C CYS A 85 -28.27 -27.95 -7.65
N HIS A 86 -28.39 -29.20 -8.06
CA HIS A 86 -29.31 -30.11 -7.45
C HIS A 86 -28.54 -31.34 -6.93
N MET A 87 -28.50 -31.52 -5.62
CA MET A 87 -27.80 -32.65 -5.04
C MET A 87 -28.73 -33.85 -4.96
N THR A 88 -28.32 -34.98 -5.51
CA THR A 88 -29.06 -36.23 -5.36
C THR A 88 -28.43 -37.04 -4.27
N ILE A 89 -29.27 -37.66 -3.47
CA ILE A 89 -28.84 -38.53 -2.38
C ILE A 89 -29.66 -39.83 -2.40
N GLU A 90 -29.03 -40.95 -2.71
CA GLU A 90 -29.74 -42.21 -2.71
C GLU A 90 -30.20 -42.52 -1.29
N PRO A 91 -31.27 -43.30 -1.16
CA PRO A 91 -31.96 -43.35 0.14
C PRO A 91 -31.17 -43.87 1.37
N ARG A 92 -30.20 -44.76 1.18
CA ARG A 92 -29.53 -45.38 2.32
C ARG A 92 -28.16 -44.80 2.56
N THR A 93 -27.79 -43.81 1.77
CA THR A 93 -26.48 -43.17 1.84
C THR A 93 -25.90 -42.96 3.25
N PHE A 94 -26.63 -42.34 4.16
CA PHE A 94 -26.07 -42.04 5.50
C PHE A 94 -26.32 -43.14 6.53
N LEU A 95 -27.11 -44.15 6.16
CA LEU A 95 -27.47 -45.20 7.11
C LEU A 95 -26.34 -46.20 7.31
N ALA A 96 -25.41 -46.24 6.38
CA ALA A 96 -24.20 -47.02 6.54
C ALA A 96 -23.29 -46.57 7.68
N MET A 97 -23.51 -45.39 8.25
CA MET A 97 -22.72 -44.91 9.42
C MET A 97 -23.57 -44.91 10.69
N ARG A 98 -23.55 -46.04 11.36
CA ARG A 98 -24.54 -46.30 12.40
C ARG A 98 -24.18 -45.61 13.72
N THR A 99 -22.96 -45.07 13.83
CA THR A 99 -22.63 -44.20 14.98
C THR A 99 -22.35 -42.74 14.60
N LEU A 100 -22.81 -42.30 13.43
CA LEU A 100 -22.67 -40.88 13.03
C LEU A 100 -23.33 -39.94 14.04
N GLU A 101 -22.58 -38.97 14.54
CA GLU A 101 -23.08 -38.04 15.55
C GLU A 101 -23.30 -36.60 15.05
N GLU A 102 -22.51 -36.18 14.06
CA GLU A 102 -22.54 -34.82 13.56
C GLU A 102 -22.44 -34.79 12.05
N LEU A 103 -23.36 -34.09 11.41
CA LEU A 103 -23.42 -34.01 9.98
C LEU A 103 -23.74 -32.60 9.55
N ASN A 104 -22.97 -32.11 8.59
CA ASN A 104 -23.18 -30.79 8.06
C ASN A 104 -23.51 -30.91 6.57
N LEU A 105 -24.74 -30.57 6.20
CA LEU A 105 -25.20 -30.60 4.80
C LEU A 105 -25.45 -29.20 4.26
N SER A 106 -24.94 -28.18 4.97
CA SER A 106 -25.25 -26.80 4.66
C SER A 106 -24.69 -26.40 3.27
N TYR A 107 -25.31 -25.37 2.68
CA TYR A 107 -24.84 -24.84 1.41
C TYR A 107 -24.87 -25.87 0.29
N ASN A 108 -25.92 -26.68 0.29
CA ASN A 108 -26.15 -27.73 -0.71
C ASN A 108 -27.60 -27.69 -1.20
N GLY A 109 -27.76 -27.86 -2.50
CA GLY A 109 -29.09 -27.83 -3.14
C GLY A 109 -29.92 -29.12 -2.95
N ILE A 110 -30.38 -29.30 -1.72
CA ILE A 110 -31.31 -30.38 -1.44
C ILE A 110 -32.64 -29.77 -1.06
N THR A 111 -33.73 -30.49 -1.38
CA THR A 111 -35.09 -29.97 -1.14
C THR A 111 -35.83 -30.80 -0.12
N THR A 112 -35.24 -31.93 0.27
CA THR A 112 -35.81 -32.77 1.33
C THR A 112 -34.71 -33.32 2.23
N VAL A 113 -35.07 -33.65 3.45
CA VAL A 113 -34.10 -34.24 4.38
C VAL A 113 -33.89 -35.69 3.98
N PRO A 114 -32.63 -36.11 3.77
CA PRO A 114 -32.43 -37.53 3.58
C PRO A 114 -32.65 -38.32 4.88
N ARG A 115 -32.74 -39.64 4.76
CA ARG A 115 -32.82 -40.53 5.90
C ARG A 115 -31.49 -40.54 6.62
N LEU A 116 -31.54 -40.49 7.94
CA LEU A 116 -30.32 -40.39 8.75
C LEU A 116 -30.33 -41.43 9.87
N PRO A 117 -29.14 -41.79 10.39
CA PRO A 117 -29.06 -42.77 11.46
C PRO A 117 -29.53 -42.25 12.82
N SER A 118 -30.11 -43.13 13.64
CA SER A 118 -30.60 -42.81 15.01
C SER A 118 -29.57 -42.19 15.93
N SER A 119 -28.29 -42.46 15.67
CA SER A 119 -27.23 -41.92 16.51
C SER A 119 -27.03 -40.42 16.42
N LEU A 120 -27.63 -39.78 15.43
CA LEU A 120 -27.26 -38.38 15.11
C LEU A 120 -27.58 -37.41 16.25
N VAL A 121 -26.63 -36.53 16.53
CA VAL A 121 -26.77 -35.58 17.62
C VAL A 121 -26.88 -34.13 17.12
N ASN A 122 -26.08 -33.76 16.10
CA ASN A 122 -25.99 -32.39 15.58
C ASN A 122 -26.14 -32.45 14.07
N LEU A 123 -27.12 -31.71 13.56
CA LEU A 123 -27.38 -31.65 12.13
C LEU A 123 -27.46 -30.19 11.71
N SER A 124 -26.86 -29.87 10.58
CA SER A 124 -27.08 -28.59 9.93
C SER A 124 -27.65 -28.80 8.56
N LEU A 125 -28.82 -28.20 8.33
CA LEU A 125 -29.49 -28.14 7.03
C LEU A 125 -29.56 -26.69 6.54
N SER A 126 -28.69 -25.81 7.04
CA SER A 126 -28.76 -24.40 6.70
C SER A 126 -28.33 -24.11 5.25
N HIS A 127 -28.84 -23.04 4.69
CA HIS A 127 -28.52 -22.61 3.33
C HIS A 127 -28.67 -23.75 2.35
N THR A 128 -29.80 -24.43 2.48
CA THR A 128 -30.22 -25.45 1.52
C THR A 128 -31.53 -24.95 0.87
N ASN A 129 -32.21 -25.83 0.13
CA ASN A 129 -33.50 -25.53 -0.47
C ASN A 129 -34.63 -26.36 0.15
N ILE A 130 -34.47 -26.74 1.42
CA ILE A 130 -35.52 -27.42 2.18
C ILE A 130 -36.45 -26.35 2.70
N LEU A 131 -37.72 -26.45 2.32
CA LEU A 131 -38.72 -25.44 2.61
C LEU A 131 -39.82 -25.95 3.49
N VAL A 132 -39.85 -27.26 3.74
CA VAL A 132 -40.84 -27.85 4.63
C VAL A 132 -40.17 -28.81 5.59
N LEU A 133 -40.46 -28.66 6.87
CA LEU A 133 -40.11 -29.66 7.86
C LEU A 133 -41.44 -30.08 8.43
N ASP A 134 -41.77 -31.36 8.26
CA ASP A 134 -42.97 -31.94 8.82
C ASP A 134 -42.55 -33.11 9.72
N ALA A 135 -43.51 -33.82 10.28
CA ALA A 135 -43.17 -34.87 11.23
C ALA A 135 -42.41 -36.03 10.62
N ASN A 136 -42.38 -36.15 9.29
CA ASN A 136 -41.55 -37.19 8.65
C ASN A 136 -40.13 -36.75 8.33
N SER A 137 -39.84 -35.47 8.44
CA SER A 137 -38.56 -34.96 7.96
C SER A 137 -37.41 -35.53 8.77
N LEU A 138 -37.55 -35.52 10.08
CA LEU A 138 -36.47 -35.89 10.98
C LEU A 138 -36.94 -37.05 11.89
N ALA A 139 -37.79 -37.92 11.35
CA ALA A 139 -38.34 -39.05 12.11
C ALA A 139 -37.27 -39.98 12.67
N GLY A 140 -37.47 -40.35 13.93
CA GLY A 140 -36.62 -41.34 14.57
C GLY A 140 -35.30 -40.80 15.07
N LEU A 141 -35.06 -39.50 14.98
CA LEU A 141 -33.79 -38.95 15.45
C LEU A 141 -33.91 -38.55 16.90
N TYR A 142 -34.09 -39.57 17.74
CA TYR A 142 -34.40 -39.38 19.15
C TYR A 142 -33.24 -38.79 19.95
N SER A 143 -32.03 -38.91 19.44
CA SER A 143 -30.87 -38.38 20.12
C SER A 143 -30.49 -36.98 19.67
N LEU A 144 -31.25 -36.38 18.74
CA LEU A 144 -30.84 -35.11 18.17
C LEU A 144 -30.91 -34.01 19.23
N ARG A 145 -29.79 -33.33 19.46
CA ARG A 145 -29.69 -32.21 20.39
C ARG A 145 -29.65 -30.84 19.70
N VAL A 146 -29.07 -30.79 18.50
CA VAL A 146 -28.81 -29.52 17.82
C VAL A 146 -29.23 -29.58 16.35
N LEU A 147 -30.07 -28.62 15.96
CA LEU A 147 -30.58 -28.55 14.59
C LEU A 147 -30.48 -27.12 14.11
N PHE A 148 -29.65 -26.91 13.11
CA PHE A 148 -29.59 -25.61 12.43
C PHE A 148 -30.29 -25.73 11.11
N MET A 149 -31.28 -24.89 10.82
CA MET A 149 -31.73 -24.67 9.45
C MET A 149 -32.02 -23.18 9.19
N ASP A 150 -30.94 -22.42 9.17
CA ASP A 150 -30.93 -21.02 8.89
C ASP A 150 -30.78 -20.77 7.37
N GLY A 151 -31.44 -19.74 6.87
CA GLY A 151 -31.12 -19.15 5.58
C GLY A 151 -31.65 -19.86 4.36
N ASN A 152 -32.84 -20.42 4.46
CA ASN A 152 -33.45 -21.17 3.37
C ASN A 152 -34.47 -20.33 2.65
N CYS A 153 -34.75 -19.13 3.13
CA CYS A 153 -35.65 -18.21 2.39
C CYS A 153 -35.41 -16.75 2.72
N TYR A 154 -34.35 -16.22 2.10
CA TYR A 154 -33.98 -14.83 2.22
C TYR A 154 -33.25 -14.37 0.96
N TYR A 155 -32.84 -13.11 0.91
CA TYR A 155 -32.36 -12.51 -0.38
C TYR A 155 -31.17 -13.25 -1.03
N LYS A 156 -30.34 -13.92 -0.22
CA LYS A 156 -29.18 -14.59 -0.77
C LYS A 156 -29.51 -16.03 -1.18
N ASN A 157 -30.62 -16.56 -0.69
CA ASN A 157 -31.09 -17.92 -1.03
C ASN A 157 -32.62 -17.85 -1.03
N PRO A 158 -33.20 -17.23 -2.06
CA PRO A 158 -34.62 -16.84 -2.04
C PRO A 158 -35.58 -17.98 -2.22
N CYS A 159 -36.77 -17.81 -1.65
CA CYS A 159 -37.96 -18.58 -1.97
C CYS A 159 -39.11 -17.60 -2.12
N THR A 160 -40.22 -18.08 -2.65
CA THR A 160 -41.33 -17.20 -3.00
C THR A 160 -42.15 -16.83 -1.78
N GLY A 161 -42.48 -17.81 -0.94
CA GLY A 161 -43.23 -17.58 0.28
C GLY A 161 -42.39 -17.64 1.55
N ALA A 162 -42.35 -18.80 2.18
CA ALA A 162 -41.67 -18.95 3.44
C ALA A 162 -41.40 -20.43 3.71
N VAL A 163 -40.40 -20.75 4.53
CA VAL A 163 -40.28 -22.13 4.94
C VAL A 163 -41.43 -22.39 5.88
N LYS A 164 -41.85 -23.64 5.89
CA LYS A 164 -42.96 -24.05 6.70
C LYS A 164 -42.46 -25.12 7.66
N VAL A 165 -42.71 -24.91 8.94
CA VAL A 165 -42.48 -25.93 9.95
C VAL A 165 -43.86 -26.27 10.53
N THR A 166 -44.36 -27.46 10.18
CA THR A 166 -45.74 -27.80 10.49
C THR A 166 -45.89 -27.96 11.99
N PRO A 167 -47.12 -27.74 12.49
CA PRO A 167 -47.32 -27.86 13.90
C PRO A 167 -46.90 -29.24 14.42
N GLY A 168 -46.03 -29.25 15.42
CA GLY A 168 -45.61 -30.49 16.05
C GLY A 168 -44.57 -31.25 15.28
N ALA A 169 -44.11 -30.73 14.16
CA ALA A 169 -43.13 -31.41 13.34
C ALA A 169 -41.91 -31.92 14.12
N LEU A 170 -41.44 -31.14 15.09
CA LEU A 170 -40.23 -31.52 15.83
C LEU A 170 -40.48 -32.11 17.23
N LEU A 171 -41.74 -32.32 17.58
CA LEU A 171 -42.10 -32.80 18.94
C LEU A 171 -41.42 -34.14 19.31
N GLY A 172 -41.26 -35.01 18.31
CA GLY A 172 -40.64 -36.30 18.49
C GLY A 172 -39.16 -36.25 18.79
N LEU A 173 -38.54 -35.09 18.58
CA LEU A 173 -37.14 -34.88 18.87
C LEU A 173 -37.05 -34.41 20.32
N SER A 174 -37.28 -35.32 21.26
CA SER A 174 -37.45 -34.91 22.67
C SER A 174 -36.14 -34.73 23.44
N ASN A 175 -35.00 -34.91 22.78
CA ASN A 175 -33.73 -34.46 23.35
C ASN A 175 -33.19 -33.13 22.75
N LEU A 176 -33.99 -32.50 21.88
CA LEU A 176 -33.58 -31.27 21.18
C LEU A 176 -33.43 -30.07 22.10
N THR A 177 -32.23 -29.53 22.16
CA THR A 177 -31.93 -28.38 22.99
C THR A 177 -31.63 -27.08 22.26
N HIS A 178 -31.16 -27.16 21.02
CA HIS A 178 -30.73 -25.99 20.26
C HIS A 178 -31.41 -26.02 18.89
N LEU A 179 -32.21 -25.00 18.60
CA LEU A 179 -32.89 -24.91 17.32
C LEU A 179 -32.69 -23.52 16.75
N SER A 180 -32.26 -23.46 15.48
CA SER A 180 -32.03 -22.19 14.80
C SER A 180 -32.69 -22.18 13.43
N LEU A 181 -33.57 -21.19 13.22
CA LEU A 181 -34.44 -21.13 12.06
C LEU A 181 -34.53 -19.68 11.57
N LYS A 182 -33.35 -19.08 11.44
CA LYS A 182 -33.24 -17.69 11.02
C LYS A 182 -33.33 -17.56 9.51
N TYR A 183 -33.62 -16.34 9.07
CA TYR A 183 -33.60 -15.99 7.66
C TYR A 183 -34.45 -16.97 6.82
N ASN A 184 -35.66 -17.25 7.29
CA ASN A 184 -36.53 -18.22 6.63
C ASN A 184 -37.88 -17.63 6.24
N ASN A 185 -38.05 -16.31 6.38
CA ASN A 185 -39.35 -15.63 6.08
C ASN A 185 -40.56 -16.14 6.91
N LEU A 186 -40.32 -16.71 8.09
CA LEU A 186 -41.42 -17.24 8.91
C LEU A 186 -42.32 -16.09 9.33
N THR A 187 -43.63 -16.30 9.31
CA THR A 187 -44.57 -15.31 9.82
C THR A 187 -44.95 -15.56 11.28
N LYS A 188 -44.73 -16.77 11.78
CA LYS A 188 -44.96 -17.07 13.18
C LYS A 188 -43.93 -18.05 13.71
N VAL A 189 -43.81 -18.07 15.03
CA VAL A 189 -42.99 -19.06 15.69
C VAL A 189 -43.70 -20.36 15.43
N PRO A 190 -42.98 -21.39 14.97
CA PRO A 190 -43.64 -22.67 14.77
C PRO A 190 -44.31 -23.18 16.06
N ARG A 191 -45.39 -23.94 15.84
CA ARG A 191 -46.25 -24.45 16.90
C ARG A 191 -45.80 -25.79 17.45
N GLN A 192 -46.02 -25.97 18.76
CA GLN A 192 -45.72 -27.23 19.43
C GLN A 192 -44.27 -27.67 19.20
N LEU A 193 -43.34 -26.78 19.55
CA LEU A 193 -41.93 -27.12 19.54
C LEU A 193 -41.59 -27.93 20.78
N PRO A 194 -40.51 -28.70 20.73
CA PRO A 194 -40.11 -29.53 21.86
C PRO A 194 -39.82 -28.76 23.14
N PRO A 195 -40.49 -29.12 24.24
CA PRO A 195 -40.25 -28.45 25.52
C PRO A 195 -38.84 -28.55 26.04
N SER A 196 -38.06 -29.48 25.49
CA SER A 196 -36.66 -29.61 25.86
C SER A 196 -35.75 -28.45 25.41
N LEU A 197 -36.22 -27.60 24.48
CA LEU A 197 -35.42 -26.50 23.93
C LEU A 197 -34.84 -25.54 24.99
N GLU A 198 -33.52 -25.38 24.94
CA GLU A 198 -32.81 -24.35 25.73
C GLU A 198 -32.37 -23.12 24.92
N TYR A 199 -32.23 -23.24 23.60
CA TYR A 199 -31.77 -22.13 22.71
C TYR A 199 -32.67 -22.14 21.49
N LEU A 200 -33.45 -21.08 21.33
CA LEU A 200 -34.30 -20.93 20.20
C LEU A 200 -33.95 -19.63 19.51
N LEU A 201 -33.59 -19.71 18.23
CA LEU A 201 -33.19 -18.54 17.45
C LEU A 201 -34.10 -18.43 16.24
N VAL A 202 -34.90 -17.40 16.19
CA VAL A 202 -35.86 -17.21 15.09
C VAL A 202 -35.79 -15.78 14.56
N SER A 203 -34.58 -15.23 14.60
CA SER A 203 -34.33 -13.89 14.14
C SER A 203 -34.39 -13.77 12.60
N TYR A 204 -34.65 -12.55 12.13
CA TYR A 204 -34.59 -12.17 10.71
C TYR A 204 -35.57 -12.96 9.88
N ASN A 205 -36.76 -13.11 10.43
CA ASN A 205 -37.92 -13.66 9.76
C ASN A 205 -38.93 -12.52 9.62
N LEU A 206 -40.23 -12.81 9.54
CA LEU A 206 -41.24 -11.77 9.53
C LEU A 206 -42.25 -11.98 10.65
N ILE A 207 -41.78 -12.34 11.82
CA ILE A 207 -42.66 -12.58 12.98
C ILE A 207 -42.90 -11.26 13.66
N VAL A 208 -43.93 -10.55 13.19
CA VAL A 208 -44.20 -9.17 13.60
C VAL A 208 -45.04 -9.08 14.87
N LYS A 209 -45.45 -10.22 15.40
CA LYS A 209 -46.31 -10.27 16.56
C LYS A 209 -45.87 -11.47 17.41
N LEU A 210 -45.71 -11.23 18.71
CA LEU A 210 -45.41 -12.30 19.66
C LEU A 210 -46.17 -12.11 20.94
N GLY A 211 -46.65 -13.21 21.48
CA GLY A 211 -47.25 -13.26 22.81
C GLY A 211 -46.87 -14.59 23.46
N PRO A 212 -47.34 -14.82 24.69
CA PRO A 212 -46.99 -16.04 25.41
C PRO A 212 -47.39 -17.31 24.68
N GLU A 213 -48.46 -17.24 23.92
CA GLU A 213 -48.95 -18.40 23.20
C GLU A 213 -47.97 -18.90 22.15
N ASP A 214 -47.20 -17.98 21.57
CA ASP A 214 -46.14 -18.36 20.60
C ASP A 214 -44.94 -19.09 21.20
N LEU A 215 -44.82 -19.09 22.54
CA LEU A 215 -43.68 -19.74 23.23
C LEU A 215 -44.22 -20.72 24.26
N ALA A 216 -45.30 -21.36 23.87
CA ALA A 216 -46.04 -22.23 24.76
C ALA A 216 -45.21 -23.44 25.10
N ASN A 217 -45.08 -23.70 26.40
CA ASN A 217 -44.52 -24.94 26.96
C ASN A 217 -42.98 -24.98 26.79
N LEU A 218 -42.35 -23.87 26.40
CA LEU A 218 -40.88 -23.84 26.20
C LEU A 218 -40.18 -23.33 27.44
N THR A 219 -40.48 -23.97 28.57
CA THR A 219 -40.09 -23.45 29.88
C THR A 219 -38.65 -23.71 30.21
N SER A 220 -37.96 -24.49 29.38
CA SER A 220 -36.53 -24.71 29.56
C SER A 220 -35.61 -23.70 28.83
N LEU A 221 -36.16 -22.70 28.15
CA LEU A 221 -35.34 -21.75 27.40
C LEU A 221 -34.38 -20.99 28.30
N ARG A 222 -33.11 -20.98 27.92
CA ARG A 222 -32.06 -20.10 28.48
C ARG A 222 -31.75 -18.93 27.55
N VAL A 223 -31.85 -19.13 26.23
CA VAL A 223 -31.55 -18.08 25.23
C VAL A 223 -32.65 -18.07 24.16
N LEU A 224 -33.19 -16.89 23.92
CA LEU A 224 -34.23 -16.69 22.93
C LEU A 224 -33.86 -15.48 22.11
N ASP A 225 -33.75 -15.68 20.80
CA ASP A 225 -33.39 -14.58 19.86
C ASP A 225 -34.56 -14.38 18.89
N VAL A 226 -35.30 -13.28 19.06
CA VAL A 226 -36.43 -12.95 18.22
C VAL A 226 -36.21 -11.64 17.48
N GLY A 227 -34.94 -11.25 17.34
CA GLY A 227 -34.64 -9.95 16.76
C GLY A 227 -34.77 -9.95 15.25
N GLY A 228 -34.70 -8.76 14.67
CA GLY A 228 -34.74 -8.62 13.22
C GLY A 228 -36.04 -9.01 12.54
N ASN A 229 -37.14 -9.06 13.26
CA ASN A 229 -38.41 -9.44 12.69
C ASN A 229 -39.29 -8.23 12.33
N CYS A 230 -38.90 -7.04 12.75
CA CYS A 230 -39.57 -5.77 12.30
C CYS A 230 -38.47 -4.70 12.21
N ARG A 231 -37.78 -4.69 11.08
CA ARG A 231 -36.49 -4.05 10.97
C ARG A 231 -36.64 -2.59 10.68
N ARG A 232 -35.60 -1.83 11.02
CA ARG A 232 -35.49 -0.46 10.63
C ARG A 232 -34.53 -0.47 9.44
N CYS A 233 -35.05 -0.32 8.22
CA CYS A 233 -34.20 -0.49 7.05
C CYS A 233 -33.27 0.69 6.76
N ASP A 234 -33.47 1.82 7.42
CA ASP A 234 -32.56 2.92 7.29
C ASP A 234 -31.13 2.54 7.74
N HIS A 235 -30.97 1.52 8.58
CA HIS A 235 -29.64 1.11 9.04
C HIS A 235 -29.11 -0.18 8.41
N ALA A 236 -29.94 -0.85 7.61
CA ALA A 236 -29.52 -2.12 6.99
C ALA A 236 -28.31 -2.01 6.03
N PRO A 237 -27.34 -2.92 6.18
CA PRO A 237 -26.22 -3.00 5.23
C PRO A 237 -26.49 -3.93 4.07
N ASN A 238 -27.71 -4.45 3.96
CA ASN A 238 -28.03 -5.54 3.08
C ASN A 238 -29.47 -5.33 2.69
N PRO A 239 -29.99 -6.08 1.70
CA PRO A 239 -31.42 -5.92 1.40
C PRO A 239 -32.27 -6.19 2.64
N CYS A 240 -33.31 -5.40 2.81
CA CYS A 240 -34.04 -5.40 4.04
C CYS A 240 -35.52 -5.37 3.71
N ILE A 241 -36.27 -6.27 4.32
CA ILE A 241 -37.70 -6.29 4.13
C ILE A 241 -38.38 -5.35 5.12
N GLU A 242 -39.09 -4.39 4.53
CA GLU A 242 -39.88 -3.38 5.22
C GLU A 242 -40.92 -4.05 6.13
N CYS A 243 -40.93 -3.67 7.39
CA CYS A 243 -41.92 -4.19 8.32
C CYS A 243 -43.28 -3.55 8.05
N GLY A 244 -44.35 -4.32 8.09
CA GLY A 244 -45.68 -3.75 7.85
C GLY A 244 -46.22 -2.81 8.93
N GLN A 245 -45.53 -2.70 10.06
CA GLN A 245 -46.02 -2.00 11.25
C GLN A 245 -44.93 -1.03 11.72
N LYS A 246 -45.30 -0.14 12.63
CA LYS A 246 -44.36 0.80 13.24
C LYS A 246 -43.43 0.07 14.20
N SER A 247 -43.87 -1.07 14.72
CA SER A 247 -43.18 -1.75 15.77
C SER A 247 -43.55 -3.23 15.81
N LEU A 248 -42.62 -4.08 16.21
CA LEU A 248 -42.94 -5.44 16.65
C LEU A 248 -43.97 -5.33 17.77
N HIS A 249 -45.04 -6.12 17.72
CA HIS A 249 -46.06 -6.16 18.79
C HIS A 249 -45.74 -7.30 19.74
N LEU A 250 -45.38 -6.92 20.96
CA LEU A 250 -44.93 -7.84 21.99
C LEU A 250 -45.89 -7.79 23.14
N HIS A 251 -46.59 -8.88 23.38
CA HIS A 251 -47.48 -8.91 24.54
C HIS A 251 -46.65 -8.67 25.81
N PRO A 252 -47.24 -7.98 26.79
CA PRO A 252 -46.58 -7.75 28.06
C PRO A 252 -46.09 -9.00 28.78
N GLU A 253 -46.80 -10.11 28.66
CA GLU A 253 -46.45 -11.33 29.39
C GLU A 253 -45.79 -12.41 28.51
N THR A 254 -45.30 -12.01 27.35
CA THR A 254 -44.67 -12.91 26.42
C THR A 254 -43.64 -13.83 27.04
N PHE A 255 -42.73 -13.25 27.82
CA PHE A 255 -41.60 -14.01 28.33
C PHE A 255 -41.77 -14.52 29.78
N HIS A 256 -42.89 -14.18 30.44
CA HIS A 256 -43.03 -14.38 31.90
C HIS A 256 -42.86 -15.82 32.38
N HIS A 257 -43.26 -16.78 31.57
CA HIS A 257 -43.14 -18.19 31.91
C HIS A 257 -41.76 -18.81 31.65
N LEU A 258 -40.81 -18.01 31.15
CA LEU A 258 -39.46 -18.52 30.81
C LEU A 258 -38.52 -18.27 31.97
N SER A 259 -38.82 -18.91 33.09
CA SER A 259 -38.19 -18.65 34.37
C SER A 259 -36.66 -18.79 34.31
N HIS A 260 -36.14 -19.62 33.43
CA HIS A 260 -34.69 -19.85 33.37
C HIS A 260 -33.96 -18.94 32.40
N LEU A 261 -34.67 -18.02 31.74
CA LEU A 261 -34.09 -17.22 30.64
C LEU A 261 -32.89 -16.39 31.12
N GLU A 262 -31.79 -16.53 30.39
CA GLU A 262 -30.53 -15.81 30.62
C GLU A 262 -30.17 -14.82 29.51
N GLY A 263 -30.55 -15.13 28.27
CA GLY A 263 -30.26 -14.26 27.13
C GLY A 263 -31.50 -13.98 26.28
N LEU A 264 -31.77 -12.70 26.04
CA LEU A 264 -32.85 -12.28 25.21
C LEU A 264 -32.36 -11.26 24.18
N VAL A 265 -32.67 -11.52 22.91
CA VAL A 265 -32.33 -10.62 21.82
C VAL A 265 -33.60 -10.00 21.24
N LEU A 266 -33.70 -8.69 21.40
CA LEU A 266 -34.77 -7.90 20.82
C LEU A 266 -34.24 -6.89 19.80
N LYS A 267 -33.05 -7.14 19.24
CA LYS A 267 -32.46 -6.17 18.32
C LYS A 267 -33.33 -6.02 17.09
N ASP A 268 -33.28 -4.83 16.51
CA ASP A 268 -33.89 -4.53 15.19
C ASP A 268 -35.35 -4.99 15.12
N SER A 269 -36.10 -4.53 16.12
CA SER A 269 -37.50 -4.86 16.30
C SER A 269 -38.38 -3.63 16.17
N SER A 270 -37.79 -2.48 15.85
CA SER A 270 -38.52 -1.23 15.72
C SER A 270 -39.30 -0.81 16.98
N LEU A 271 -38.76 -1.16 18.14
CA LEU A 271 -39.34 -0.79 19.41
C LEU A 271 -39.10 0.68 19.74
N HIS A 272 -40.18 1.37 20.06
CA HIS A 272 -40.17 2.76 20.43
C HIS A 272 -40.33 2.95 21.94
N THR A 273 -40.66 1.87 22.67
CA THR A 273 -40.75 1.92 24.14
C THR A 273 -40.32 0.59 24.74
N LEU A 274 -39.94 0.61 26.02
CA LEU A 274 -39.70 -0.62 26.79
C LEU A 274 -40.83 -0.78 27.78
N ASN A 275 -41.42 -1.96 27.85
CA ASN A 275 -42.36 -2.28 28.90
C ASN A 275 -41.61 -3.23 29.86
N SER A 276 -41.45 -2.77 31.09
CA SER A 276 -40.76 -3.55 32.12
C SER A 276 -41.31 -4.94 32.40
N SER A 277 -42.58 -5.17 32.10
CA SER A 277 -43.16 -6.51 32.30
C SER A 277 -42.51 -7.58 31.43
N TRP A 278 -41.91 -7.18 30.31
CA TRP A 278 -41.11 -8.13 29.50
C TRP A 278 -40.01 -8.81 30.30
N PHE A 279 -39.42 -8.09 31.25
CA PHE A 279 -38.26 -8.61 31.97
C PHE A 279 -38.59 -9.14 33.37
N GLN A 280 -39.86 -9.14 33.73
CA GLN A 280 -40.27 -9.43 35.08
C GLN A 280 -40.32 -10.95 35.29
N GLY A 281 -39.77 -11.39 36.42
CA GLY A 281 -39.77 -12.82 36.77
C GLY A 281 -38.61 -13.58 36.18
N LEU A 282 -37.68 -12.86 35.56
CA LEU A 282 -36.52 -13.47 34.94
C LEU A 282 -35.35 -13.15 35.83
N VAL A 283 -35.18 -13.94 36.88
CA VAL A 283 -34.14 -13.65 37.85
C VAL A 283 -32.75 -13.82 37.29
N ASN A 284 -32.60 -14.63 36.24
CA ASN A 284 -31.30 -14.93 35.67
C ASN A 284 -31.00 -14.23 34.36
N MET A 285 -31.80 -13.22 34.01
CA MET A 285 -31.53 -12.37 32.84
C MET A 285 -30.12 -11.74 32.95
N SER A 286 -29.21 -12.20 32.09
CA SER A 286 -27.81 -11.79 32.11
C SER A 286 -27.36 -11.02 30.88
N VAL A 287 -27.95 -11.30 29.74
CA VAL A 287 -27.49 -10.71 28.50
C VAL A 287 -28.69 -10.20 27.74
N LEU A 288 -28.77 -8.90 27.56
CA LEU A 288 -29.87 -8.28 26.89
C LEU A 288 -29.40 -7.43 25.72
N ASP A 289 -29.91 -7.70 24.53
CA ASP A 289 -29.57 -6.95 23.31
C ASP A 289 -30.82 -6.16 22.87
N LEU A 290 -30.74 -4.83 22.96
CA LEU A 290 -31.82 -3.93 22.56
C LEU A 290 -31.40 -3.03 21.39
N SER A 291 -30.35 -3.45 20.71
CA SER A 291 -29.72 -2.63 19.68
C SER A 291 -30.62 -2.42 18.49
N GLU A 292 -30.37 -1.33 17.76
CA GLU A 292 -31.05 -1.01 16.47
C GLU A 292 -32.56 -0.85 16.61
N ASN A 293 -33.00 -0.44 17.79
CA ASN A 293 -34.39 -0.06 18.02
C ASN A 293 -34.51 1.48 17.98
N PHE A 294 -35.62 2.03 18.47
CA PHE A 294 -35.82 3.48 18.52
C PHE A 294 -35.97 3.92 19.96
N LEU A 295 -35.02 3.51 20.79
CA LEU A 295 -35.14 3.71 22.25
C LEU A 295 -34.38 4.96 22.77
N TYR A 296 -34.09 5.94 21.89
CA TYR A 296 -33.30 7.10 22.27
C TYR A 296 -33.92 7.90 23.43
N GLU A 297 -35.25 8.00 23.46
CA GLU A 297 -35.93 8.68 24.56
C GLU A 297 -36.14 7.74 25.72
N SER A 298 -36.53 6.51 25.41
CA SER A 298 -36.86 5.52 26.41
C SER A 298 -35.71 5.23 27.39
N ILE A 299 -34.47 5.12 26.92
CA ILE A 299 -33.35 4.91 27.83
C ILE A 299 -33.02 6.11 28.71
N GLN A 300 -33.59 7.27 28.43
CA GLN A 300 -33.38 8.42 29.28
C GLN A 300 -34.47 8.52 30.34
N HIS A 301 -35.54 7.76 30.21
CA HIS A 301 -36.67 7.90 31.10
C HIS A 301 -37.13 6.58 31.80
N THR A 302 -37.10 5.46 31.11
CA THR A 302 -37.66 4.20 31.59
C THR A 302 -37.35 3.73 33.03
N ASN A 303 -38.30 2.97 33.58
CA ASN A 303 -38.12 2.25 34.84
C ASN A 303 -37.69 0.79 34.55
N ALA A 304 -37.48 0.44 33.28
CA ALA A 304 -37.42 -0.97 32.92
C ALA A 304 -36.21 -1.74 33.45
N PHE A 305 -35.17 -1.02 33.87
CA PHE A 305 -33.94 -1.62 34.40
C PHE A 305 -33.91 -1.82 35.92
N GLN A 306 -34.99 -1.46 36.60
CA GLN A 306 -35.07 -1.48 38.07
C GLN A 306 -34.71 -2.81 38.69
N ASN A 307 -35.26 -3.87 38.15
CA ASN A 307 -35.15 -5.21 38.71
C ASN A 307 -34.14 -6.12 38.00
N LEU A 308 -33.40 -5.60 37.04
CA LEU A 308 -32.45 -6.42 36.27
C LEU A 308 -31.09 -6.52 36.99
N THR A 309 -31.14 -7.10 38.20
CA THR A 309 -30.05 -7.02 39.12
C THR A 309 -28.95 -8.00 38.83
N ARG A 310 -29.22 -8.97 37.95
CA ARG A 310 -28.19 -9.90 37.49
C ARG A 310 -27.72 -9.65 36.04
N LEU A 311 -28.21 -8.60 35.38
CA LEU A 311 -27.78 -8.29 34.01
C LEU A 311 -26.30 -7.93 33.95
N ARG A 312 -25.57 -8.67 33.11
CA ARG A 312 -24.12 -8.52 32.93
C ARG A 312 -23.72 -7.74 31.67
N LYS A 313 -24.40 -7.98 30.57
CA LYS A 313 -24.12 -7.32 29.29
C LYS A 313 -25.41 -6.74 28.73
N LEU A 314 -25.33 -5.49 28.29
CA LEU A 314 -26.48 -4.81 27.72
C LEU A 314 -26.04 -4.07 26.46
N ASN A 315 -26.76 -4.30 25.36
CA ASN A 315 -26.43 -3.64 24.07
C ASN A 315 -27.51 -2.65 23.74
N LEU A 316 -27.20 -1.36 23.78
CA LEU A 316 -28.17 -0.34 23.41
C LEU A 316 -27.74 0.36 22.11
N SER A 317 -26.88 -0.29 21.32
CA SER A 317 -26.22 0.42 20.24
C SER A 317 -27.19 0.72 19.09
N PHE A 318 -26.93 1.81 18.39
CA PHE A 318 -27.72 2.24 17.21
C PHE A 318 -29.21 2.41 17.42
N ASN A 319 -29.57 2.91 18.61
CA ASN A 319 -30.89 3.39 18.93
C ASN A 319 -30.91 4.90 18.64
N TYR A 320 -30.64 5.27 17.41
CA TYR A 320 -30.58 6.66 17.02
C TYR A 320 -31.91 7.10 16.41
N ARG A 321 -32.16 8.40 16.44
CA ARG A 321 -33.33 8.95 15.79
C ARG A 321 -32.96 9.28 14.35
N LYS A 322 -33.83 8.87 13.41
CA LYS A 322 -33.62 9.19 11.98
C LYS A 322 -33.31 10.67 11.74
N LYS A 323 -32.21 10.92 11.05
CA LYS A 323 -31.84 12.24 10.54
C LYS A 323 -31.43 13.23 11.63
N VAL A 324 -31.24 12.72 12.84
CA VAL A 324 -30.99 13.56 14.01
C VAL A 324 -29.77 13.12 14.80
N SER A 325 -29.03 14.10 15.33
CA SER A 325 -28.27 13.86 16.56
C SER A 325 -28.81 14.76 17.70
N PHE A 326 -28.62 14.32 18.94
CA PHE A 326 -29.09 15.07 20.10
C PHE A 326 -27.98 15.95 20.71
N ALA A 327 -28.32 17.10 21.26
CA ALA A 327 -27.35 17.91 22.00
C ALA A 327 -26.82 17.14 23.25
N ARG A 328 -27.68 16.40 23.90
CA ARG A 328 -27.30 15.68 25.08
C ARG A 328 -28.12 14.41 25.26
N LEU A 329 -27.62 13.53 26.13
CA LEU A 329 -28.29 12.26 26.46
C LEU A 329 -27.99 12.00 27.93
N HIS A 330 -29.01 11.65 28.69
CA HIS A 330 -28.90 11.34 30.12
C HIS A 330 -29.55 9.99 30.35
N LEU A 331 -28.77 8.99 30.71
CA LEU A 331 -29.33 7.69 31.02
C LEU A 331 -30.25 7.82 32.26
N ALA A 332 -31.36 7.09 32.22
CA ALA A 332 -32.36 7.07 33.26
C ALA A 332 -31.80 6.55 34.57
N SER A 333 -32.41 7.00 35.66
CA SER A 333 -31.96 6.62 36.98
C SER A 333 -32.10 5.14 37.23
N SER A 334 -33.06 4.48 36.58
CA SER A 334 -33.20 3.01 36.80
C SER A 334 -31.91 2.22 36.51
N PHE A 335 -31.02 2.77 35.68
CA PHE A 335 -29.70 2.14 35.44
C PHE A 335 -28.90 1.94 36.70
N LYS A 336 -29.21 2.71 37.75
CA LYS A 336 -28.47 2.65 39.02
C LYS A 336 -28.54 1.29 39.67
N ASN A 337 -29.56 0.52 39.29
CA ASN A 337 -29.82 -0.79 39.84
C ASN A 337 -29.05 -1.92 39.14
N LEU A 338 -28.35 -1.63 38.04
CA LEU A 338 -27.70 -2.70 37.28
C LEU A 338 -26.35 -3.14 37.92
N VAL A 339 -26.39 -3.61 39.17
CA VAL A 339 -25.14 -3.83 39.92
C VAL A 339 -24.24 -4.92 39.37
N SER A 340 -24.82 -5.85 38.62
CA SER A 340 -24.07 -6.94 38.03
C SER A 340 -23.48 -6.57 36.66
N LEU A 341 -23.76 -5.35 36.18
CA LEU A 341 -23.39 -4.95 34.81
C LEU A 341 -21.86 -4.83 34.61
N GLN A 342 -21.33 -5.62 33.68
CA GLN A 342 -19.92 -5.56 33.30
C GLN A 342 -19.61 -4.87 31.96
N GLU A 343 -20.58 -4.87 31.05
CA GLU A 343 -20.33 -4.39 29.70
C GLU A 343 -21.56 -3.70 29.14
N LEU A 344 -21.38 -2.50 28.64
CA LEU A 344 -22.47 -1.72 28.07
C LEU A 344 -22.04 -1.18 26.73
N ASN A 345 -22.87 -1.39 25.72
CA ASN A 345 -22.59 -0.85 24.39
C ASN A 345 -23.59 0.29 24.08
N MET A 346 -23.06 1.52 23.94
CA MET A 346 -23.84 2.70 23.59
C MET A 346 -23.35 3.35 22.31
N ASN A 347 -22.80 2.53 21.42
CA ASN A 347 -22.36 2.99 20.10
C ASN A 347 -23.55 3.50 19.28
N GLY A 348 -23.36 4.59 18.55
CA GLY A 348 -24.29 4.96 17.49
C GLY A 348 -25.68 5.40 17.89
N ILE A 349 -25.79 6.09 19.01
CA ILE A 349 -27.05 6.70 19.39
C ILE A 349 -27.13 8.13 18.81
N PHE A 350 -25.96 8.75 18.71
CA PHE A 350 -25.75 10.08 18.09
C PHE A 350 -26.14 11.20 19.06
N PHE A 351 -25.18 11.59 19.91
CA PHE A 351 -25.32 12.70 20.83
C PHE A 351 -24.01 13.46 20.95
N ARG A 352 -24.09 14.78 21.04
CA ARG A 352 -22.93 15.64 20.84
C ARG A 352 -22.08 16.02 22.05
N SER A 353 -22.63 15.91 23.24
CA SER A 353 -21.84 16.17 24.46
C SER A 353 -21.89 14.97 25.37
N LEU A 354 -20.77 14.74 26.03
CA LEU A 354 -20.62 13.72 27.04
C LEU A 354 -20.12 14.44 28.27
N ASN A 355 -20.94 14.47 29.34
CA ASN A 355 -20.51 15.03 30.61
C ASN A 355 -21.03 14.20 31.78
N LYS A 356 -20.92 14.75 32.99
CA LYS A 356 -21.22 13.99 34.22
C LYS A 356 -22.65 13.51 34.28
N TYR A 357 -23.56 14.22 33.62
CA TYR A 357 -24.95 13.82 33.62
C TYR A 357 -25.27 12.68 32.64
N THR A 358 -24.48 12.54 31.58
CA THR A 358 -24.76 11.55 30.55
C THR A 358 -24.78 10.13 31.15
N LEU A 359 -23.74 9.81 31.88
CA LEU A 359 -23.54 8.48 32.41
C LEU A 359 -23.56 8.46 33.92
N ARG A 360 -24.13 9.50 34.54
CA ARG A 360 -24.08 9.63 35.99
C ARG A 360 -24.47 8.32 36.68
N TRP A 361 -25.53 7.69 36.21
CA TRP A 361 -26.07 6.55 36.89
C TRP A 361 -25.30 5.26 36.67
N LEU A 362 -24.22 5.30 35.88
CA LEU A 362 -23.33 4.17 35.67
C LEU A 362 -22.09 4.26 36.58
N ALA A 363 -21.83 5.46 37.07
CA ALA A 363 -20.57 5.75 37.73
C ALA A 363 -20.32 5.00 39.05
N ASP A 364 -21.39 4.52 39.70
CA ASP A 364 -21.24 3.80 40.98
C ASP A 364 -21.56 2.30 40.89
N LEU A 365 -21.72 1.78 39.66
CA LEU A 365 -21.95 0.35 39.48
C LEU A 365 -20.64 -0.35 39.75
N PRO A 366 -20.65 -1.36 40.64
CA PRO A 366 -19.38 -1.90 41.13
C PRO A 366 -18.59 -2.80 40.18
N LYS A 367 -19.17 -3.25 39.07
CA LYS A 367 -18.42 -4.16 38.19
C LYS A 367 -18.42 -3.75 36.71
N LEU A 368 -18.72 -2.51 36.40
CA LEU A 368 -18.73 -2.04 35.02
C LEU A 368 -17.29 -1.89 34.50
N HIS A 369 -16.89 -2.85 33.66
CA HIS A 369 -15.52 -2.96 33.13
C HIS A 369 -15.35 -2.29 31.78
N THR A 370 -16.40 -2.36 30.95
CA THR A 370 -16.28 -2.10 29.53
C THR A 370 -17.42 -1.25 29.00
N LEU A 371 -17.05 -0.18 28.35
CA LEU A 371 -18.01 0.81 27.89
C LEU A 371 -17.69 1.19 26.43
N HIS A 372 -18.64 1.02 25.52
CA HIS A 372 -18.47 1.35 24.11
C HIS A 372 -19.29 2.62 23.81
N LEU A 373 -18.61 3.70 23.40
CA LEU A 373 -19.22 4.98 23.08
C LEU A 373 -18.79 5.48 21.67
N GLN A 374 -18.58 4.54 20.74
CA GLN A 374 -18.10 4.86 19.40
C GLN A 374 -19.22 5.45 18.56
N MET A 375 -18.84 6.23 17.56
CA MET A 375 -19.75 6.58 16.47
C MET A 375 -20.95 7.31 17.02
N ASN A 376 -20.72 8.29 17.89
CA ASN A 376 -21.82 9.06 18.46
C ASN A 376 -21.85 10.53 18.06
N PHE A 377 -20.95 10.96 17.17
CA PHE A 377 -20.78 12.37 16.82
C PHE A 377 -20.52 13.29 18.05
N ILE A 378 -19.88 12.71 19.05
CA ILE A 378 -19.51 13.45 20.24
C ILE A 378 -18.43 14.47 19.90
N ASN A 379 -18.75 15.74 20.10
CA ASN A 379 -17.78 16.83 19.84
C ASN A 379 -17.33 17.55 21.10
N GLN A 380 -17.99 17.28 22.23
CA GLN A 380 -17.51 17.79 23.52
C GLN A 380 -17.53 16.68 24.56
N ALA A 381 -16.39 16.44 25.19
CA ALA A 381 -16.28 15.32 26.14
C ALA A 381 -15.48 15.69 27.38
N GLN A 382 -16.14 15.57 28.53
CA GLN A 382 -15.52 15.80 29.83
C GLN A 382 -14.98 14.42 30.19
N LEU A 383 -13.78 14.10 29.72
CA LEU A 383 -13.25 12.74 29.94
C LEU A 383 -12.97 12.47 31.40
N SER A 384 -12.88 13.53 32.18
CA SER A 384 -12.63 13.39 33.61
C SER A 384 -13.62 12.48 34.31
N ILE A 385 -14.87 12.41 33.85
CA ILE A 385 -15.87 11.54 34.48
C ILE A 385 -15.44 10.08 34.67
N PHE A 386 -14.63 9.58 33.74
CA PHE A 386 -14.20 8.19 33.81
C PHE A 386 -13.23 7.93 34.96
N GLY A 387 -12.70 8.97 35.56
CA GLY A 387 -11.76 8.83 36.65
C GLY A 387 -12.35 8.33 37.97
N THR A 388 -13.65 8.49 38.17
CA THR A 388 -14.26 8.06 39.43
C THR A 388 -15.15 6.84 39.25
N PHE A 389 -15.20 6.29 38.03
CA PHE A 389 -15.89 5.01 37.81
C PHE A 389 -15.26 3.92 38.67
N ARG A 390 -16.06 2.98 39.14
CA ARG A 390 -15.62 2.06 40.17
C ARG A 390 -14.64 0.98 39.68
N ALA A 391 -14.78 0.51 38.43
CA ALA A 391 -14.02 -0.64 37.91
C ALA A 391 -13.74 -0.62 36.39
N LEU A 392 -13.80 0.56 35.76
CA LEU A 392 -13.51 0.69 34.36
C LEU A 392 -12.18 0.07 33.97
N ARG A 393 -12.19 -0.82 33.00
CA ARG A 393 -10.98 -1.37 32.39
C ARG A 393 -10.77 -0.93 30.92
N PHE A 394 -11.87 -0.69 30.18
CA PHE A 394 -11.78 -0.29 28.77
C PHE A 394 -12.91 0.69 28.43
N VAL A 395 -12.57 1.89 28.00
CA VAL A 395 -13.59 2.80 27.46
C VAL A 395 -13.21 3.21 26.04
N ASP A 396 -14.15 2.97 25.13
CA ASP A 396 -13.89 3.17 23.70
C ASP A 396 -14.69 4.36 23.19
N LEU A 397 -13.98 5.44 22.92
CA LEU A 397 -14.56 6.63 22.37
C LEU A 397 -14.10 6.87 20.91
N SER A 398 -13.63 5.81 20.24
CA SER A 398 -13.12 5.98 18.87
C SER A 398 -14.23 6.38 17.92
N ASP A 399 -13.87 7.02 16.81
CA ASP A 399 -14.85 7.47 15.78
C ASP A 399 -15.88 8.48 16.36
N ASN A 400 -15.34 9.53 16.96
CA ASN A 400 -16.13 10.66 17.41
C ASN A 400 -15.49 11.94 16.86
N ARG A 401 -15.92 13.09 17.36
CA ARG A 401 -15.42 14.38 16.92
C ARG A 401 -14.79 15.20 18.05
N ILE A 402 -14.18 14.50 18.99
CA ILE A 402 -13.51 15.16 20.10
C ILE A 402 -12.30 15.91 19.54
N SER A 403 -12.09 17.16 19.94
CA SER A 403 -10.98 17.94 19.41
C SER A 403 -10.13 18.64 20.45
N GLY A 404 -10.46 18.44 21.72
CA GLY A 404 -9.69 19.04 22.78
C GLY A 404 -10.31 18.81 24.16
N PRO A 405 -9.84 19.55 25.18
CA PRO A 405 -10.49 19.61 26.49
C PRO A 405 -11.90 20.10 26.34
N SER A 406 -12.78 19.73 27.26
CA SER A 406 -14.15 20.22 27.20
C SER A 406 -14.22 21.71 27.53
N THR A 407 -15.17 22.38 26.87
CA THR A 407 -15.20 23.80 26.66
C THR A 407 -16.13 24.50 27.67
N LYS A 440 1.29 -6.66 15.61
CA LYS A 440 1.51 -5.38 14.93
C LYS A 440 0.42 -4.31 15.22
N ASN A 441 -0.76 -4.69 15.70
CA ASN A 441 -1.69 -3.71 16.30
C ASN A 441 -1.23 -3.46 17.74
N PHE A 442 -0.66 -2.28 18.02
CA PHE A 442 -0.11 -2.03 19.34
C PHE A 442 -1.12 -2.25 20.45
N MET A 443 -2.41 -2.03 20.15
CA MET A 443 -3.47 -2.11 21.17
C MET A 443 -3.72 -3.49 21.69
N ASP A 444 -3.27 -4.54 20.99
CA ASP A 444 -3.42 -5.91 21.50
C ASP A 444 -2.68 -6.11 22.81
N ARG A 445 -1.54 -5.41 22.97
CA ARG A 445 -0.78 -5.31 24.22
C ARG A 445 -1.61 -4.91 25.44
N CYS A 446 -2.75 -4.25 25.24
CA CYS A 446 -3.55 -3.66 26.32
C CYS A 446 -4.73 -4.51 26.80
N LYS A 447 -4.89 -5.69 26.23
CA LYS A 447 -6.09 -6.53 26.35
C LYS A 447 -6.44 -6.94 27.81
N ASN A 448 -5.43 -7.24 28.64
CA ASN A 448 -5.71 -7.54 30.06
C ASN A 448 -5.30 -6.37 30.94
N PHE A 449 -5.14 -5.17 30.41
CA PHE A 449 -4.69 -4.02 31.25
C PHE A 449 -5.74 -3.57 32.27
N LYS A 450 -5.31 -2.80 33.26
CA LYS A 450 -6.18 -2.25 34.31
C LYS A 450 -7.11 -1.17 33.75
N PHE A 451 -6.59 -0.40 32.78
CA PHE A 451 -7.31 0.78 32.30
C PHE A 451 -6.77 1.30 30.95
N THR A 452 -7.59 1.10 29.91
CA THR A 452 -7.27 1.50 28.57
C THR A 452 -8.37 2.43 28.06
N MET A 453 -7.99 3.48 27.35
CA MET A 453 -8.95 4.36 26.68
C MET A 453 -8.59 4.48 25.19
N ASP A 454 -9.59 4.33 24.33
CA ASP A 454 -9.38 4.45 22.89
C ASP A 454 -10.00 5.76 22.41
N LEU A 455 -9.18 6.72 22.03
CA LEU A 455 -9.63 7.99 21.48
C LEU A 455 -9.23 8.12 20.01
N SER A 456 -9.01 6.99 19.35
CA SER A 456 -8.57 7.00 17.96
C SER A 456 -9.70 7.52 17.09
N ARG A 457 -9.38 7.99 15.89
CA ARG A 457 -10.41 8.43 14.93
C ARG A 457 -11.28 9.52 15.54
N ASN A 458 -10.60 10.50 16.14
CA ASN A 458 -11.26 11.69 16.61
C ASN A 458 -10.64 12.87 15.86
N ASN A 459 -10.90 14.09 16.29
CA ASN A 459 -10.54 15.27 15.53
C ASN A 459 -9.44 16.04 16.25
N LEU A 460 -8.52 15.34 16.91
CA LEU A 460 -7.47 16.05 17.63
C LEU A 460 -6.42 16.54 16.67
N VAL A 461 -6.07 17.80 16.81
CA VAL A 461 -4.96 18.38 16.05
C VAL A 461 -3.77 18.73 16.95
N THR A 462 -4.04 19.13 18.20
CA THR A 462 -2.97 19.29 19.20
C THR A 462 -3.42 18.57 20.46
N ILE A 463 -2.46 18.17 21.28
CA ILE A 463 -2.77 17.56 22.55
C ILE A 463 -2.47 18.58 23.65
N LYS A 464 -3.47 18.83 24.48
CA LYS A 464 -3.31 19.66 25.67
C LYS A 464 -3.41 18.79 26.90
N PRO A 465 -2.45 18.91 27.81
CA PRO A 465 -2.42 18.02 28.96
C PRO A 465 -3.72 18.09 29.81
N GLU A 466 -4.43 19.21 29.79
CA GLU A 466 -5.68 19.32 30.55
C GLU A 466 -6.74 18.35 30.07
N MET A 467 -6.68 17.84 28.84
CA MET A 467 -7.69 16.87 28.42
C MET A 467 -7.55 15.57 29.22
N PHE A 468 -6.43 15.42 29.94
CA PHE A 468 -6.19 14.20 30.73
C PHE A 468 -6.44 14.31 32.25
N VAL A 469 -7.03 15.41 32.72
CA VAL A 469 -7.23 15.57 34.18
C VAL A 469 -8.05 14.43 34.70
N GLN A 470 -7.59 13.88 35.81
CA GLN A 470 -8.23 12.77 36.51
C GLN A 470 -8.05 11.43 35.84
N LEU A 471 -7.29 11.34 34.76
CA LEU A 471 -7.08 10.04 34.12
C LEU A 471 -5.68 9.52 34.37
N SER A 472 -5.12 9.87 35.54
CA SER A 472 -3.78 9.41 35.93
C SER A 472 -3.61 7.94 36.02
N ARG A 473 -4.71 7.23 36.18
CA ARG A 473 -4.65 5.79 36.26
C ARG A 473 -4.48 5.10 34.89
N LEU A 474 -4.54 5.84 33.77
CA LEU A 474 -4.47 5.16 32.46
C LEU A 474 -3.19 4.42 32.22
N GLN A 475 -3.30 3.16 31.79
CA GLN A 475 -2.16 2.33 31.42
C GLN A 475 -1.92 2.33 29.90
N CYS A 476 -3.01 2.47 29.14
CA CYS A 476 -2.96 2.41 27.71
C CYS A 476 -3.88 3.45 27.10
N LEU A 477 -3.41 4.10 26.03
CA LEU A 477 -4.18 5.12 25.36
C LEU A 477 -3.92 5.01 23.87
N SER A 478 -4.99 5.06 23.07
CA SER A 478 -4.81 5.24 21.65
C SER A 478 -5.29 6.60 21.24
N LEU A 479 -4.43 7.32 20.54
CA LEU A 479 -4.81 8.49 19.82
C LEU A 479 -4.56 8.30 18.31
N SER A 480 -4.66 7.07 17.84
CA SER A 480 -4.27 6.80 16.47
C SER A 480 -5.31 7.41 15.54
N HIS A 481 -4.92 7.66 14.30
CA HIS A 481 -5.86 8.12 13.28
C HIS A 481 -6.59 9.39 13.67
N ASN A 482 -5.88 10.32 14.28
CA ASN A 482 -6.41 11.62 14.56
C ASN A 482 -5.75 12.56 13.51
N SER A 483 -5.61 13.84 13.80
CA SER A 483 -4.99 14.76 12.86
C SER A 483 -3.87 15.54 13.55
N ILE A 484 -3.16 14.87 14.45
CA ILE A 484 -2.29 15.56 15.37
C ILE A 484 -1.07 16.00 14.60
N ALA A 485 -0.87 17.33 14.58
CA ALA A 485 0.21 17.96 13.82
C ALA A 485 0.93 18.90 14.76
N GLN A 486 1.90 18.37 15.46
CA GLN A 486 2.39 19.09 16.61
C GLN A 486 3.83 18.67 16.79
N ALA A 487 4.69 19.67 17.04
CA ALA A 487 6.05 19.41 17.48
C ALA A 487 6.04 19.10 19.01
N VAL A 488 5.63 17.89 19.34
CA VAL A 488 5.70 17.40 20.72
C VAL A 488 7.04 17.71 21.39
N GLN A 489 6.96 18.11 22.66
CA GLN A 489 8.11 18.64 23.37
C GLN A 489 8.04 18.50 24.90
N GLY A 490 7.31 17.51 25.38
CA GLY A 490 7.33 17.19 26.79
C GLY A 490 6.18 17.66 27.67
N SER A 491 5.27 18.48 27.14
CA SER A 491 4.17 19.07 27.91
C SER A 491 2.80 18.59 27.50
N GLN A 492 2.72 17.57 26.68
CA GLN A 492 1.41 17.15 26.13
C GLN A 492 0.68 16.20 27.05
N PHE A 493 1.43 15.33 27.73
CA PHE A 493 0.87 14.17 28.39
C PHE A 493 1.07 14.17 29.92
N LEU A 494 1.17 15.35 30.53
CA LEU A 494 1.64 15.53 31.93
C LEU A 494 0.96 14.63 32.93
N PRO A 495 -0.38 14.56 32.90
CA PRO A 495 -1.03 13.72 33.90
C PRO A 495 -0.88 12.21 33.73
N LEU A 496 -0.34 11.73 32.62
CA LEU A 496 -0.43 10.28 32.35
C LEU A 496 0.77 9.51 32.92
N THR A 497 0.85 9.55 34.25
CA THR A 497 2.03 9.02 34.97
C THR A 497 1.98 7.52 35.16
N ASN A 498 0.91 6.84 34.75
CA ASN A 498 0.89 5.37 34.73
C ASN A 498 0.92 4.77 33.32
N LEU A 499 0.95 5.60 32.28
CA LEU A 499 0.81 5.12 30.92
C LEU A 499 1.99 4.30 30.48
N GLN A 500 1.73 3.04 30.09
CA GLN A 500 2.78 2.17 29.55
C GLN A 500 2.71 2.01 28.00
N VAL A 501 1.51 2.13 27.42
CA VAL A 501 1.35 1.98 25.99
C VAL A 501 0.69 3.20 25.38
N LEU A 502 1.25 3.70 24.27
CA LEU A 502 0.69 4.88 23.59
C LEU A 502 0.77 4.64 22.08
N ASP A 503 -0.40 4.57 21.44
CA ASP A 503 -0.51 4.43 20.01
C ASP A 503 -0.77 5.81 19.42
N LEU A 504 0.20 6.34 18.68
CA LEU A 504 0.03 7.64 17.98
C LEU A 504 0.07 7.43 16.47
N SER A 505 -0.17 6.20 16.02
CA SER A 505 -0.05 5.91 14.60
C SER A 505 -1.08 6.71 13.75
N HIS A 506 -0.73 6.94 12.49
CA HIS A 506 -1.61 7.64 11.59
C HIS A 506 -1.96 9.05 12.07
N ASN A 507 -0.92 9.81 12.40
CA ASN A 507 -1.07 11.26 12.66
C ASN A 507 -0.04 12.03 11.80
N LYS A 508 0.27 13.27 12.18
CA LYS A 508 1.23 14.10 11.48
C LYS A 508 2.22 14.75 12.44
N LEU A 509 2.70 13.93 13.36
CA LEU A 509 3.62 14.38 14.38
C LEU A 509 4.94 14.81 13.80
N ASP A 510 5.45 15.89 14.37
CA ASP A 510 6.72 16.48 13.99
C ASP A 510 7.78 16.11 15.02
N LEU A 511 8.60 15.11 14.68
CA LEU A 511 9.61 14.62 15.60
C LEU A 511 10.86 15.48 15.45
N TYR A 512 11.12 16.27 16.48
CA TYR A 512 12.10 17.34 16.41
C TYR A 512 12.68 17.65 17.79
N HIS A 513 11.84 18.07 18.75
CA HIS A 513 12.30 18.41 20.11
C HIS A 513 12.69 17.19 20.93
N TRP A 514 13.80 17.28 21.62
CA TRP A 514 14.35 16.14 22.36
C TRP A 514 13.52 15.69 23.57
N LYS A 515 12.66 16.57 24.09
CA LYS A 515 11.82 16.24 25.23
C LYS A 515 10.52 15.50 24.89
N SER A 516 10.17 15.35 23.61
CA SER A 516 9.04 14.48 23.19
C SER A 516 8.85 13.26 24.05
N PHE A 517 7.69 13.13 24.67
CA PHE A 517 7.30 11.91 25.42
C PHE A 517 8.06 11.63 26.71
N SER A 518 8.98 12.51 27.12
CA SER A 518 9.75 12.25 28.34
C SER A 518 8.93 12.50 29.63
N GLU A 519 7.78 13.14 29.49
CA GLU A 519 6.82 13.24 30.57
C GLU A 519 6.02 11.96 30.78
N LEU A 520 6.33 10.87 30.08
CA LEU A 520 5.62 9.63 30.35
C LEU A 520 6.55 8.64 31.07
N PRO A 521 6.52 8.64 32.40
CA PRO A 521 7.54 7.92 33.13
C PRO A 521 7.52 6.43 32.99
N GLN A 522 6.37 5.86 32.68
CA GLN A 522 6.26 4.41 32.56
C GLN A 522 6.20 3.87 31.12
N LEU A 523 6.37 4.75 30.13
CA LEU A 523 6.17 4.39 28.73
C LEU A 523 7.05 3.26 28.22
N GLN A 524 6.43 2.16 27.81
CA GLN A 524 7.15 0.97 27.30
C GLN A 524 6.97 0.66 25.82
N ALA A 525 5.81 1.04 25.28
CA ALA A 525 5.49 0.80 23.90
C ALA A 525 4.90 2.06 23.29
N LEU A 526 5.49 2.50 22.20
CA LEU A 526 5.10 3.74 21.52
C LEU A 526 5.01 3.45 20.02
N ASP A 527 3.83 3.67 19.44
CA ASP A 527 3.67 3.48 18.01
C ASP A 527 3.61 4.84 17.34
N LEU A 528 4.63 5.15 16.54
CA LEU A 528 4.67 6.40 15.74
C LEU A 528 4.58 6.14 14.24
N SER A 529 3.96 5.02 13.86
CA SER A 529 3.91 4.60 12.49
C SER A 529 2.94 5.48 11.72
N TYR A 530 3.16 5.54 10.42
CA TYR A 530 2.27 6.33 9.52
C TYR A 530 2.10 7.78 9.95
N ASN A 531 3.20 8.37 10.40
CA ASN A 531 3.34 9.79 10.55
C ASN A 531 4.30 10.32 9.47
N SER A 532 4.03 9.97 8.23
CA SER A 532 4.99 10.18 7.14
C SER A 532 5.04 11.60 6.59
N GLN A 533 3.94 12.31 6.67
CA GLN A 533 3.83 13.56 5.95
C GLN A 533 5.00 14.53 6.25
N PRO A 534 5.36 14.70 7.52
CA PRO A 534 6.48 15.65 7.76
C PRO A 534 7.78 15.17 7.17
N PHE A 535 8.02 13.86 7.18
CA PHE A 535 9.27 13.30 6.68
C PHE A 535 9.38 13.44 5.14
N SER A 536 8.28 13.70 4.48
CA SER A 536 8.24 13.89 3.02
C SER A 536 8.48 15.34 2.61
N MET A 537 8.58 16.27 3.57
CA MET A 537 8.95 17.67 3.26
C MET A 537 10.41 17.78 2.83
N LYS A 538 10.65 18.10 1.56
CA LYS A 538 12.01 18.19 1.03
C LYS A 538 12.67 19.51 1.43
N GLY A 539 13.50 19.44 2.47
CA GLY A 539 14.21 20.61 2.94
C GLY A 539 14.03 20.86 4.42
N ILE A 540 13.06 20.19 5.03
CA ILE A 540 12.91 20.27 6.48
C ILE A 540 13.26 18.95 7.15
N GLY A 541 14.23 19.00 8.05
CA GLY A 541 14.73 17.81 8.69
C GLY A 541 14.03 17.51 9.99
N HIS A 542 14.42 16.38 10.58
CA HIS A 542 13.80 15.90 11.81
C HIS A 542 14.82 15.29 12.70
N ASN A 543 14.41 14.91 13.91
CA ASN A 543 15.37 14.54 14.92
C ASN A 543 14.82 13.49 15.87
N PHE A 544 15.59 12.41 16.01
CA PHE A 544 15.18 11.24 16.81
C PHE A 544 15.91 11.19 18.16
N SER A 545 16.59 12.26 18.54
CA SER A 545 17.38 12.24 19.76
C SER A 545 16.48 12.02 21.00
N PHE A 546 15.17 12.32 20.88
CA PHE A 546 14.25 12.00 21.96
C PHE A 546 14.27 10.55 22.39
N VAL A 547 14.61 9.63 21.48
CA VAL A 547 14.54 8.22 21.82
C VAL A 547 15.43 7.90 22.98
N ALA A 548 16.62 8.52 23.01
CA ALA A 548 17.60 8.31 24.08
C ALA A 548 17.09 8.69 25.50
N HIS A 549 16.11 9.58 25.60
CA HIS A 549 15.57 10.01 26.89
C HIS A 549 14.34 9.20 27.35
N LEU A 550 13.90 8.22 26.57
CA LEU A 550 12.75 7.39 26.95
C LEU A 550 13.22 6.13 27.65
N SER A 551 13.29 6.20 28.96
CA SER A 551 14.13 5.27 29.73
C SER A 551 13.55 3.88 29.91
N MET A 552 12.22 3.76 29.78
CA MET A 552 11.54 2.47 29.93
C MET A 552 11.10 1.87 28.58
N LEU A 553 11.35 2.60 27.48
CA LEU A 553 10.84 2.25 26.18
C LEU A 553 11.45 0.94 25.72
N HIS A 554 10.58 -0.01 25.42
CA HIS A 554 10.95 -1.36 25.07
C HIS A 554 10.57 -1.66 23.58
N SER A 555 9.45 -1.10 23.13
CA SER A 555 8.93 -1.36 21.81
C SER A 555 8.62 -0.05 21.12
N LEU A 556 9.19 0.13 19.93
CA LEU A 556 9.04 1.36 19.19
C LEU A 556 8.74 1.04 17.73
N SER A 557 7.71 1.69 17.18
CA SER A 557 7.50 1.63 15.73
C SER A 557 7.69 2.99 15.11
N LEU A 558 8.57 3.03 14.12
CA LEU A 558 8.74 4.17 13.23
C LEU A 558 8.34 3.78 11.81
N ALA A 559 7.50 2.78 11.69
CA ALA A 559 7.21 2.21 10.38
C ALA A 559 6.40 3.12 9.48
N HIS A 560 6.57 2.92 8.18
CA HIS A 560 5.81 3.61 7.14
C HIS A 560 5.83 5.11 7.35
N ASN A 561 7.02 5.64 7.60
CA ASN A 561 7.18 7.08 7.86
C ASN A 561 7.92 7.81 6.73
N ASP A 562 8.31 7.12 5.66
CA ASP A 562 9.06 7.75 4.58
C ASP A 562 10.38 8.40 5.12
N ILE A 563 10.98 7.76 6.12
CA ILE A 563 12.22 8.31 6.67
C ILE A 563 13.34 8.03 5.69
N HIS A 564 13.88 9.07 5.09
CA HIS A 564 14.85 8.89 4.02
C HIS A 564 15.93 9.93 3.86
N THR A 565 15.76 11.07 4.51
CA THR A 565 16.70 12.17 4.35
C THR A 565 16.54 13.14 5.52
N ARG A 566 17.65 13.80 5.87
CA ARG A 566 17.64 14.89 6.81
C ARG A 566 17.06 14.51 8.17
N VAL A 567 17.60 13.44 8.73
CA VAL A 567 17.29 13.04 10.09
C VAL A 567 18.60 12.86 10.87
N SER A 568 18.50 12.76 12.19
CA SER A 568 19.65 12.49 13.00
C SER A 568 20.30 11.20 12.56
N SER A 569 21.62 11.13 12.71
CA SER A 569 22.39 10.04 12.14
C SER A 569 22.58 8.86 13.09
N HIS A 570 22.15 9.00 14.35
CA HIS A 570 22.35 7.96 15.39
C HIS A 570 21.06 7.79 16.24
N LEU A 571 20.49 6.58 16.30
CA LEU A 571 19.52 6.28 17.35
C LEU A 571 20.28 5.72 18.54
N ASN A 572 19.83 6.08 19.74
CA ASN A 572 20.43 5.61 21.00
C ASN A 572 19.41 5.21 22.04
N SER A 573 19.68 4.10 22.70
CA SER A 573 18.82 3.65 23.79
C SER A 573 19.55 2.53 24.52
N ASN A 574 19.18 2.33 25.79
CA ASN A 574 19.56 1.12 26.53
C ASN A 574 18.38 0.17 26.75
N SER A 575 17.17 0.58 26.39
CA SER A 575 15.96 -0.18 26.75
C SER A 575 15.24 -0.80 25.54
N VAL A 576 15.36 -0.17 24.36
CA VAL A 576 14.60 -0.59 23.21
C VAL A 576 15.02 -1.99 22.80
N ARG A 577 14.04 -2.88 22.67
CA ARG A 577 14.29 -4.28 22.29
C ARG A 577 13.68 -4.68 20.94
N PHE A 578 12.56 -4.06 20.58
CA PHE A 578 11.92 -4.23 19.29
C PHE A 578 11.80 -2.87 18.59
N LEU A 579 12.40 -2.75 17.42
CA LEU A 579 12.22 -1.59 16.55
C LEU A 579 11.65 -2.01 15.20
N ASP A 580 10.45 -1.50 14.88
CA ASP A 580 9.87 -1.67 13.56
C ASP A 580 10.21 -0.46 12.74
N PHE A 581 11.08 -0.65 11.75
CA PHE A 581 11.47 0.41 10.82
C PHE A 581 11.00 0.12 9.39
N SER A 582 10.08 -0.82 9.24
CA SER A 582 9.37 -1.04 7.99
C SER A 582 8.96 0.17 7.24
N GLY A 583 9.07 0.15 5.91
CA GLY A 583 8.39 1.14 5.06
C GLY A 583 9.03 2.47 5.14
N ASN A 584 10.35 2.48 5.23
CA ASN A 584 11.12 3.72 5.22
C ASN A 584 12.13 3.65 4.06
N GLY A 585 13.13 4.51 4.06
CA GLY A 585 14.10 4.54 2.95
C GLY A 585 15.52 4.40 3.42
N MET A 586 15.79 3.31 4.14
CA MET A 586 17.14 3.00 4.58
C MET A 586 18.07 2.77 3.37
N GLY A 587 17.51 2.24 2.31
CA GLY A 587 18.28 2.12 1.08
C GLY A 587 18.90 3.45 0.69
N ARG A 588 18.09 4.50 0.69
CA ARG A 588 18.62 5.79 0.32
C ARG A 588 19.56 6.35 1.42
N MET A 589 19.25 6.07 2.68
CA MET A 589 20.11 6.55 3.75
C MET A 589 21.50 5.90 3.73
N TRP A 590 21.57 4.61 3.41
CA TRP A 590 22.84 3.89 3.34
C TRP A 590 23.55 4.10 2.00
N ASP A 591 22.98 4.94 1.16
CA ASP A 591 23.63 5.45 -0.04
C ASP A 591 24.21 6.86 0.16
N GLU A 592 24.15 7.41 1.37
CA GLU A 592 24.66 8.78 1.63
C GLU A 592 26.05 8.81 2.26
N GLY A 593 27.04 8.24 1.59
CA GLY A 593 28.36 8.05 2.21
C GLY A 593 28.21 7.37 3.57
N GLY A 594 28.95 7.80 4.54
CA GLY A 594 28.88 7.12 5.81
C GLY A 594 27.89 7.74 6.78
N LEU A 595 27.05 8.65 6.33
CA LEU A 595 26.25 9.42 7.26
C LEU A 595 25.39 8.59 8.18
N TYR A 596 24.78 7.52 7.65
CA TYR A 596 23.83 6.71 8.42
C TYR A 596 24.35 5.33 8.68
N LEU A 597 25.66 5.18 8.59
CA LEU A 597 26.29 3.88 8.77
C LEU A 597 26.12 3.30 10.18
N HIS A 598 25.96 4.14 11.21
CA HIS A 598 25.82 3.66 12.59
C HIS A 598 24.44 3.98 13.15
N PHE A 599 23.45 4.14 12.27
CA PHE A 599 22.09 4.58 12.66
C PHE A 599 21.45 3.74 13.77
N PHE A 600 21.51 2.42 13.65
CA PHE A 600 20.92 1.54 14.63
C PHE A 600 21.89 1.12 15.75
N GLN A 601 23.17 1.45 15.60
CA GLN A 601 24.19 0.81 16.43
C GLN A 601 24.02 1.07 17.91
N GLY A 602 23.70 2.31 18.25
CA GLY A 602 23.52 2.68 19.65
C GLY A 602 22.23 2.23 20.30
N LEU A 603 21.45 1.37 19.65
CA LEU A 603 20.35 0.71 20.33
C LEU A 603 20.90 -0.52 21.06
N SER A 604 21.54 -0.29 22.22
CA SER A 604 22.13 -1.40 22.99
C SER A 604 21.06 -2.32 23.46
N GLY A 605 21.29 -3.61 23.25
CA GLY A 605 20.35 -4.60 23.68
C GLY A 605 19.28 -4.94 22.66
N LEU A 606 19.23 -4.24 21.53
CA LEU A 606 18.18 -4.46 20.55
C LEU A 606 18.13 -5.95 20.21
N LEU A 607 16.93 -6.52 20.23
CA LEU A 607 16.73 -7.91 19.92
C LEU A 607 16.06 -8.18 18.55
N LYS A 608 15.14 -7.30 18.13
CA LYS A 608 14.44 -7.46 16.86
C LYS A 608 14.40 -6.17 16.09
N LEU A 609 14.76 -6.27 14.81
CA LEU A 609 14.76 -5.12 13.92
C LEU A 609 14.07 -5.46 12.60
N ASP A 610 13.01 -4.71 12.28
CA ASP A 610 12.30 -4.89 11.04
C ASP A 610 12.71 -3.83 10.02
N LEU A 611 13.42 -4.28 8.99
CA LEU A 611 13.86 -3.43 7.92
C LEU A 611 13.16 -3.82 6.61
N SER A 612 11.98 -4.42 6.70
CA SER A 612 11.25 -4.74 5.48
C SER A 612 10.81 -3.46 4.77
N GLN A 613 10.64 -3.58 3.46
CA GLN A 613 10.18 -2.49 2.61
C GLN A 613 10.96 -1.22 2.85
N ASN A 614 12.30 -1.30 2.76
CA ASN A 614 13.13 -0.12 2.85
C ASN A 614 13.90 0.21 1.55
N ASN A 615 13.42 -0.30 0.42
CA ASN A 615 14.07 -0.08 -0.88
C ASN A 615 15.57 -0.38 -0.88
N LEU A 616 15.95 -1.45 -0.21
CA LEU A 616 17.33 -1.90 -0.22
C LEU A 616 17.60 -2.68 -1.52
N HIS A 617 18.48 -2.14 -2.36
CA HIS A 617 18.94 -2.82 -3.56
C HIS A 617 20.28 -3.56 -3.37
N ILE A 618 21.01 -3.19 -2.33
CA ILE A 618 22.17 -3.94 -1.81
C ILE A 618 22.29 -3.81 -0.30
N LEU A 619 23.07 -4.70 0.28
CA LEU A 619 23.32 -4.67 1.69
C LEU A 619 24.77 -5.04 1.92
N ARG A 620 25.58 -4.09 2.39
CA ARG A 620 26.98 -4.34 2.66
C ARG A 620 27.22 -5.03 4.01
N PRO A 621 28.31 -5.78 4.11
CA PRO A 621 28.69 -6.35 5.39
C PRO A 621 28.87 -5.32 6.48
N GLN A 622 29.48 -4.17 6.17
CA GLN A 622 29.68 -3.14 7.19
C GLN A 622 28.32 -2.68 7.79
N ASN A 623 27.27 -2.66 6.97
CA ASN A 623 25.96 -2.23 7.48
C ASN A 623 25.37 -3.23 8.45
N LEU A 624 25.54 -4.54 8.21
CA LEU A 624 25.13 -5.52 9.21
C LEU A 624 26.02 -5.53 10.44
N ASP A 625 27.34 -5.37 10.22
CA ASP A 625 28.29 -5.35 11.32
C ASP A 625 28.03 -4.21 12.32
N ASN A 626 27.40 -3.13 11.87
CA ASN A 626 27.09 -1.98 12.71
C ASN A 626 25.67 -1.99 13.27
N LEU A 627 24.91 -3.06 13.06
CA LEU A 627 23.70 -3.27 13.81
C LEU A 627 24.12 -3.76 15.18
N PRO A 628 23.25 -3.59 16.19
CA PRO A 628 23.57 -4.07 17.52
C PRO A 628 23.86 -5.57 17.55
N LYS A 629 24.98 -5.95 18.18
CA LYS A 629 25.43 -7.35 18.28
C LYS A 629 24.44 -8.25 19.02
N SER A 630 23.59 -7.66 19.86
CA SER A 630 22.52 -8.41 20.56
C SER A 630 21.38 -8.98 19.65
N LEU A 631 21.39 -8.63 18.37
CA LEU A 631 20.24 -8.87 17.52
C LEU A 631 19.95 -10.34 17.31
N LYS A 632 18.71 -10.72 17.58
CA LYS A 632 18.23 -12.09 17.35
C LYS A 632 17.32 -12.25 16.15
N LEU A 633 16.71 -11.15 15.69
CA LEU A 633 15.76 -11.20 14.56
C LEU A 633 15.96 -9.99 13.68
N LEU A 634 16.17 -10.27 12.40
CA LEU A 634 16.30 -9.27 11.35
C LEU A 634 15.33 -9.64 10.23
N SER A 635 14.44 -8.71 9.88
CA SER A 635 13.58 -8.87 8.72
C SER A 635 14.01 -7.92 7.63
N LEU A 636 14.23 -8.48 6.44
CA LEU A 636 14.57 -7.76 5.24
C LEU A 636 13.48 -8.04 4.18
N ARG A 637 12.29 -8.43 4.65
CA ARG A 637 11.19 -8.83 3.76
C ARG A 637 10.85 -7.73 2.77
N ASP A 638 10.53 -8.11 1.54
CA ASP A 638 10.06 -7.19 0.51
C ASP A 638 11.00 -6.01 0.24
N ASN A 639 12.28 -6.32 0.06
CA ASN A 639 13.25 -5.36 -0.45
C ASN A 639 13.63 -5.76 -1.90
N TYR A 640 14.74 -5.29 -2.45
CA TYR A 640 15.10 -5.62 -3.83
C TYR A 640 16.49 -6.25 -3.84
N LEU A 641 16.77 -7.11 -2.88
CA LEU A 641 18.08 -7.75 -2.79
C LEU A 641 18.18 -8.89 -3.80
N SER A 642 19.17 -8.84 -4.69
CA SER A 642 19.42 -9.95 -5.60
C SER A 642 20.75 -10.63 -5.36
N PHE A 643 21.36 -10.31 -4.24
CA PHE A 643 22.63 -10.89 -3.84
C PHE A 643 22.70 -10.84 -2.34
N PHE A 644 23.20 -11.90 -1.72
CA PHE A 644 23.45 -11.86 -0.30
C PHE A 644 24.68 -12.70 0.03
N GLN A 645 25.61 -12.04 0.71
CA GLN A 645 26.88 -12.60 1.11
C GLN A 645 26.68 -13.35 2.45
N TRP A 646 26.47 -14.66 2.40
CA TRP A 646 26.04 -15.38 3.60
C TRP A 646 27.04 -15.42 4.74
N THR A 647 28.34 -15.31 4.42
CA THR A 647 29.35 -15.30 5.47
C THR A 647 29.20 -14.06 6.35
N SER A 648 28.59 -12.99 5.83
CA SER A 648 28.32 -11.81 6.65
C SER A 648 27.34 -12.05 7.83
N LEU A 649 26.62 -13.18 7.84
CA LEU A 649 25.85 -13.56 9.05
C LEU A 649 26.71 -13.77 10.29
N SER A 650 27.99 -14.03 10.08
CA SER A 650 28.96 -14.10 11.19
C SER A 650 29.10 -12.79 11.95
N PHE A 651 28.77 -11.66 11.32
CA PHE A 651 28.66 -10.36 12.02
C PHE A 651 27.40 -10.18 12.89
N LEU A 652 26.48 -11.14 12.84
CA LEU A 652 25.28 -11.13 13.69
C LEU A 652 25.32 -12.40 14.49
N PRO A 653 26.22 -12.45 15.48
CA PRO A 653 26.45 -13.70 16.19
C PRO A 653 25.21 -14.24 16.85
N ASN A 654 24.31 -13.36 17.30
CA ASN A 654 23.15 -13.85 18.05
C ASN A 654 21.88 -14.13 17.21
N LEU A 655 21.99 -13.95 15.89
CA LEU A 655 20.85 -14.07 15.01
C LEU A 655 20.26 -15.45 15.09
N GLU A 656 18.96 -15.48 15.31
CA GLU A 656 18.16 -16.70 15.28
C GLU A 656 17.14 -16.70 14.13
N VAL A 657 16.68 -15.53 13.70
CA VAL A 657 15.65 -15.48 12.67
C VAL A 657 16.05 -14.48 11.60
N LEU A 658 16.01 -14.93 10.36
CA LEU A 658 16.29 -14.07 9.20
C LEU A 658 15.17 -14.27 8.17
N ASP A 659 14.52 -13.17 7.81
CA ASP A 659 13.45 -13.17 6.85
C ASP A 659 13.92 -12.40 5.63
N LEU A 660 14.17 -13.11 4.53
CA LEU A 660 14.52 -12.53 3.24
C LEU A 660 13.44 -12.75 2.17
N ALA A 661 12.22 -13.06 2.60
CA ALA A 661 11.14 -13.27 1.65
C ALA A 661 10.85 -12.04 0.82
N GLY A 662 10.36 -12.26 -0.41
CA GLY A 662 9.97 -11.17 -1.28
C GLY A 662 11.12 -10.37 -1.85
N ASN A 663 12.33 -10.93 -1.86
CA ASN A 663 13.45 -10.25 -2.49
C ASN A 663 13.64 -10.80 -3.92
N GLN A 664 14.82 -10.66 -4.52
CA GLN A 664 15.03 -11.12 -5.90
C GLN A 664 16.25 -12.07 -5.97
N LEU A 665 16.45 -12.87 -4.94
CA LEU A 665 17.51 -13.85 -4.95
C LEU A 665 17.28 -14.86 -6.09
N LYS A 666 18.35 -15.16 -6.83
CA LYS A 666 18.26 -16.05 -7.99
C LYS A 666 18.68 -17.47 -7.66
N ALA A 667 19.34 -17.63 -6.51
CA ALA A 667 19.78 -18.92 -6.01
C ALA A 667 20.21 -18.76 -4.55
N LEU A 668 20.45 -19.86 -3.86
CA LEU A 668 21.13 -19.78 -2.58
C LEU A 668 22.57 -20.18 -2.86
N THR A 669 23.45 -19.19 -2.84
CA THR A 669 24.78 -19.35 -3.36
C THR A 669 25.64 -18.19 -2.82
N ASN A 670 26.88 -18.07 -3.30
CA ASN A 670 27.84 -17.08 -2.78
C ASN A 670 28.03 -17.33 -1.30
N GLY A 671 28.32 -18.58 -0.97
CA GLY A 671 28.58 -18.99 0.41
C GLY A 671 27.52 -19.91 0.93
N THR A 672 27.68 -20.33 2.17
CA THR A 672 26.79 -21.23 2.82
C THR A 672 26.51 -20.63 4.17
N LEU A 673 25.47 -21.07 4.85
CA LEU A 673 25.26 -20.60 6.19
C LEU A 673 26.54 -20.88 6.98
N PRO A 674 27.09 -19.87 7.63
CA PRO A 674 28.44 -20.05 8.19
C PRO A 674 28.50 -20.82 9.48
N ASN A 675 29.64 -21.47 9.70
CA ASN A 675 29.88 -22.27 10.89
C ASN A 675 29.69 -21.42 12.15
N GLY A 676 29.10 -22.01 13.18
CA GLY A 676 28.79 -21.29 14.41
C GLY A 676 27.48 -20.49 14.43
N THR A 677 26.82 -20.32 13.28
CA THR A 677 25.60 -19.51 13.26
C THR A 677 24.50 -20.15 14.11
N LEU A 678 23.81 -19.33 14.89
CA LEU A 678 22.71 -19.81 15.72
C LEU A 678 21.33 -19.78 15.02
N LEU A 679 21.33 -19.61 13.71
CA LEU A 679 20.09 -19.39 12.97
C LEU A 679 19.11 -20.54 13.16
N GLN A 680 17.86 -20.19 13.45
CA GLN A 680 16.77 -21.13 13.68
C GLN A 680 15.74 -21.14 12.57
N LYS A 681 15.48 -19.96 11.97
CA LYS A 681 14.47 -19.81 10.93
C LYS A 681 15.09 -19.02 9.79
N LEU A 682 14.97 -19.55 8.60
CA LEU A 682 15.29 -18.81 7.40
C LEU A 682 14.08 -18.84 6.48
N ASP A 683 13.58 -17.64 6.17
CA ASP A 683 12.52 -17.48 5.21
C ASP A 683 13.10 -16.86 3.96
N VAL A 684 13.14 -17.63 2.87
CA VAL A 684 13.57 -17.12 1.55
C VAL A 684 12.47 -17.38 0.53
N SER A 685 11.23 -17.35 1.01
CA SER A 685 10.09 -17.48 0.12
C SER A 685 9.90 -16.29 -0.81
N SER A 686 9.20 -16.56 -1.89
CA SER A 686 8.80 -15.52 -2.84
C SER A 686 10.00 -14.76 -3.36
N ASN A 687 11.06 -15.51 -3.67
CA ASN A 687 12.21 -14.97 -4.41
C ASN A 687 12.19 -15.51 -5.86
N SER A 688 13.32 -15.64 -6.53
CA SER A 688 13.38 -16.34 -7.83
C SER A 688 14.45 -17.45 -7.81
N ILE A 689 14.52 -18.15 -6.70
CA ILE A 689 15.57 -19.09 -6.44
C ILE A 689 15.43 -20.31 -7.37
N VAL A 690 16.45 -20.57 -8.19
CA VAL A 690 16.47 -21.71 -9.13
C VAL A 690 17.37 -22.84 -8.67
N SER A 691 18.37 -22.56 -7.85
CA SER A 691 19.24 -23.61 -7.31
C SER A 691 19.77 -23.30 -5.93
N VAL A 692 20.23 -24.35 -5.29
CA VAL A 692 20.85 -24.26 -4.00
C VAL A 692 22.18 -25.02 -4.10
N VAL A 693 23.20 -24.38 -3.61
CA VAL A 693 24.53 -24.88 -3.58
C VAL A 693 24.64 -26.06 -2.59
N PRO A 694 25.51 -27.05 -2.89
CA PRO A 694 25.72 -28.18 -1.97
C PRO A 694 26.04 -27.78 -0.55
N ALA A 695 25.40 -28.43 0.40
CA ALA A 695 25.64 -28.19 1.80
C ALA A 695 25.31 -26.75 2.27
N PHE A 696 24.45 -26.06 1.54
CA PHE A 696 24.08 -24.68 1.92
C PHE A 696 23.62 -24.59 3.37
N PHE A 697 22.80 -25.52 3.82
CA PHE A 697 22.24 -25.47 5.16
C PHE A 697 23.04 -26.25 6.22
N ALA A 698 24.04 -27.01 5.78
CA ALA A 698 24.66 -28.09 6.60
C ALA A 698 25.33 -27.65 7.90
N LEU A 699 25.93 -26.46 7.95
CA LEU A 699 26.56 -26.00 9.19
C LEU A 699 25.62 -25.34 10.22
N ALA A 700 24.36 -25.12 9.85
CA ALA A 700 23.42 -24.40 10.71
C ALA A 700 22.75 -25.37 11.63
N VAL A 701 23.50 -25.74 12.65
CA VAL A 701 23.13 -26.82 13.57
C VAL A 701 21.82 -26.53 14.32
N GLU A 702 21.45 -25.27 14.51
CA GLU A 702 20.24 -24.92 15.27
C GLU A 702 18.98 -24.73 14.39
N LEU A 703 19.13 -24.94 13.09
CA LEU A 703 18.10 -24.61 12.10
C LEU A 703 16.86 -25.51 12.20
N LYS A 704 15.68 -24.90 12.35
CA LYS A 704 14.41 -25.64 12.52
C LYS A 704 13.42 -25.41 11.39
N GLU A 705 13.34 -24.19 10.86
CA GLU A 705 12.36 -23.86 9.84
C GLU A 705 13.01 -23.29 8.63
N VAL A 706 12.72 -23.87 7.46
CA VAL A 706 13.07 -23.18 6.23
C VAL A 706 11.89 -23.10 5.29
N ASN A 707 11.61 -21.87 4.85
CA ASN A 707 10.59 -21.62 3.86
C ASN A 707 11.21 -21.34 2.51
N LEU A 708 11.08 -22.29 1.60
CA LEU A 708 11.54 -22.12 0.23
C LEU A 708 10.40 -21.93 -0.75
N SER A 709 9.18 -21.73 -0.23
CA SER A 709 8.00 -21.68 -1.12
C SER A 709 8.00 -20.49 -2.06
N HIS A 710 7.23 -20.63 -3.12
CA HIS A 710 7.10 -19.60 -4.18
C HIS A 710 8.43 -19.17 -4.74
N ASN A 711 9.21 -20.15 -5.19
CA ASN A 711 10.46 -19.89 -5.85
C ASN A 711 10.38 -20.64 -7.19
N ILE A 712 11.51 -20.91 -7.84
CA ILE A 712 11.46 -21.65 -9.10
C ILE A 712 12.37 -22.87 -9.08
N LEU A 713 12.30 -23.60 -7.98
CA LEU A 713 13.01 -24.86 -7.82
C LEU A 713 12.37 -25.98 -8.66
N LYS A 714 13.19 -26.70 -9.42
CA LYS A 714 12.72 -27.84 -10.20
C LYS A 714 12.87 -29.11 -9.39
N THR A 715 13.58 -29.04 -8.26
CA THR A 715 13.79 -30.22 -7.42
C THR A 715 13.95 -29.82 -5.96
N VAL A 716 14.14 -30.82 -5.09
CA VAL A 716 14.50 -30.59 -3.68
C VAL A 716 15.52 -31.68 -3.33
N ASP A 717 16.71 -31.29 -2.87
CA ASP A 717 17.84 -32.23 -2.69
C ASP A 717 18.32 -32.43 -1.28
N ARG A 718 18.43 -33.69 -0.84
CA ARG A 718 18.97 -33.97 0.51
C ARG A 718 20.35 -33.31 0.68
N SER A 719 21.11 -33.25 -0.42
CA SER A 719 22.48 -32.75 -0.41
C SER A 719 22.62 -31.24 -0.09
N TRP A 720 21.50 -30.49 -0.14
CA TRP A 720 21.49 -29.10 0.32
C TRP A 720 21.65 -28.99 1.84
N PHE A 721 21.16 -30.00 2.54
CA PHE A 721 21.04 -29.95 4.01
C PHE A 721 22.06 -30.78 4.75
N GLY A 722 22.39 -31.94 4.20
CA GLY A 722 23.17 -32.93 4.92
C GLY A 722 22.33 -33.46 6.07
N PRO A 723 22.99 -33.82 7.19
CA PRO A 723 22.29 -34.45 8.31
C PRO A 723 21.20 -33.60 9.01
N ILE A 724 21.35 -32.27 9.01
CA ILE A 724 20.43 -31.42 9.76
C ILE A 724 19.00 -31.44 9.23
N VAL A 725 18.76 -32.06 8.08
CA VAL A 725 17.40 -32.19 7.58
C VAL A 725 16.49 -32.95 8.57
N MET A 726 17.06 -33.86 9.35
CA MET A 726 16.29 -34.61 10.37
C MET A 726 15.91 -33.78 11.61
N ASN A 727 16.66 -32.71 11.89
CA ASN A 727 16.30 -31.79 12.98
C ASN A 727 15.26 -30.72 12.55
N LEU A 728 14.89 -30.63 11.27
CA LEU A 728 13.95 -29.57 10.83
C LEU A 728 12.53 -29.84 11.28
N THR A 729 11.86 -28.81 11.77
CA THR A 729 10.45 -28.89 12.14
C THR A 729 9.55 -28.47 11.00
N VAL A 730 9.97 -27.52 10.15
CA VAL A 730 9.21 -27.21 8.94
C VAL A 730 10.10 -26.94 7.73
N LEU A 731 9.78 -27.59 6.62
CA LEU A 731 10.44 -27.40 5.34
C LEU A 731 9.35 -27.13 4.28
N ASP A 732 9.23 -25.89 3.82
CA ASP A 732 8.10 -25.53 3.00
C ASP A 732 8.57 -25.39 1.57
N VAL A 733 8.04 -26.23 0.68
CA VAL A 733 8.47 -26.23 -0.70
C VAL A 733 7.30 -26.03 -1.68
N ARG A 734 6.13 -25.62 -1.18
CA ARG A 734 5.02 -25.37 -2.10
C ARG A 734 5.32 -24.26 -3.12
N SER A 735 4.50 -24.27 -4.16
CA SER A 735 4.55 -23.30 -5.27
C SER A 735 5.95 -23.18 -5.82
N ASN A 736 6.58 -24.33 -6.03
CA ASN A 736 7.78 -24.45 -6.87
C ASN A 736 7.41 -25.35 -8.04
N PRO A 737 7.93 -25.06 -9.23
CA PRO A 737 7.61 -25.83 -10.43
C PRO A 737 8.47 -27.10 -10.51
N LEU A 738 8.25 -27.97 -9.52
CA LEU A 738 8.94 -29.22 -9.42
C LEU A 738 8.74 -30.10 -10.68
N HIS A 739 9.83 -30.69 -11.15
CA HIS A 739 9.80 -31.56 -12.35
C HIS A 739 9.40 -32.95 -11.92
N CYS A 740 8.17 -33.34 -12.28
CA CYS A 740 7.65 -34.64 -11.88
C CYS A 740 7.83 -35.66 -13.02
N ALA A 741 9.09 -35.93 -13.35
CA ALA A 741 9.44 -37.01 -14.28
C ALA A 741 9.45 -38.30 -13.48
N CYS A 742 9.43 -39.42 -14.22
CA CYS A 742 9.12 -40.72 -13.62
C CYS A 742 10.03 -41.10 -12.46
N GLY A 743 11.34 -41.01 -12.64
CA GLY A 743 12.24 -41.39 -11.54
C GLY A 743 12.45 -40.38 -10.43
N ALA A 744 11.76 -39.24 -10.48
CA ALA A 744 12.11 -38.06 -9.67
C ALA A 744 12.59 -38.33 -8.22
N ALA A 745 13.78 -37.83 -7.92
CA ALA A 745 14.48 -38.09 -6.64
C ALA A 745 13.89 -37.41 -5.41
N PHE A 746 13.34 -36.20 -5.58
CA PHE A 746 12.86 -35.41 -4.43
C PHE A 746 11.76 -36.10 -3.66
N VAL A 747 11.00 -36.96 -4.34
CA VAL A 747 9.87 -37.66 -3.70
C VAL A 747 10.32 -38.43 -2.47
N ASP A 748 11.47 -39.09 -2.58
CA ASP A 748 11.97 -39.91 -1.49
C ASP A 748 12.38 -39.01 -0.33
N LEU A 749 13.02 -37.88 -0.64
CA LEU A 749 13.35 -36.94 0.43
C LEU A 749 12.08 -36.44 1.13
N LEU A 750 11.10 -35.97 0.36
CA LEU A 750 9.92 -35.35 1.01
C LEU A 750 9.18 -36.40 1.84
N LEU A 751 9.10 -37.64 1.35
CA LEU A 751 8.48 -38.70 2.16
C LEU A 751 9.23 -38.97 3.45
N GLU A 752 10.56 -38.92 3.41
CA GLU A 752 11.38 -39.13 4.59
C GLU A 752 11.12 -38.07 5.66
N VAL A 753 10.77 -36.86 5.24
CA VAL A 753 10.43 -35.78 6.21
C VAL A 753 8.96 -35.32 6.13
N GLN A 754 8.08 -36.22 5.71
CA GLN A 754 6.67 -35.89 5.38
C GLN A 754 5.89 -35.18 6.46
N THR A 755 6.12 -35.55 7.70
CA THR A 755 5.55 -34.92 8.87
C THR A 755 5.90 -33.43 8.96
N LYS A 756 6.97 -33.00 8.29
CA LYS A 756 7.50 -31.63 8.41
C LYS A 756 7.25 -30.75 7.20
N VAL A 757 6.61 -31.26 6.15
CA VAL A 757 6.36 -30.41 5.00
C VAL A 757 4.86 -30.14 4.87
N PRO A 758 4.48 -28.88 5.14
CA PRO A 758 3.09 -28.47 5.13
C PRO A 758 2.50 -28.67 3.76
N GLY A 759 1.29 -29.21 3.73
CA GLY A 759 0.55 -29.41 2.50
C GLY A 759 1.19 -30.40 1.55
N LEU A 760 1.94 -31.36 2.09
CA LEU A 760 2.61 -32.33 1.23
C LEU A 760 1.60 -33.12 0.42
N ALA A 761 0.57 -33.60 1.10
CA ALA A 761 -0.42 -34.49 0.49
C ALA A 761 -0.99 -33.99 -0.85
N ASN A 762 -1.47 -32.75 -0.91
CA ASN A 762 -1.99 -32.21 -2.18
C ASN A 762 -1.54 -30.78 -2.50
N GLY A 763 -0.98 -30.05 -1.55
CA GLY A 763 -0.49 -28.68 -1.83
C GLY A 763 0.88 -28.50 -2.48
N VAL A 764 1.69 -29.57 -2.53
CA VAL A 764 2.98 -29.50 -3.20
C VAL A 764 2.81 -30.02 -4.61
N LYS A 765 3.02 -29.15 -5.60
CA LYS A 765 2.59 -29.39 -6.96
C LYS A 765 3.75 -29.38 -7.96
N CYS A 766 3.51 -29.97 -9.13
CA CYS A 766 4.50 -30.06 -10.22
C CYS A 766 4.42 -28.87 -11.17
N GLY A 767 5.53 -28.45 -11.77
CA GLY A 767 5.50 -27.44 -12.83
C GLY A 767 5.58 -28.03 -14.23
N SER A 768 5.94 -29.31 -14.28
CA SER A 768 6.22 -30.03 -15.52
C SER A 768 6.27 -31.55 -15.18
N PRO A 769 6.09 -32.42 -16.18
CA PRO A 769 5.82 -32.08 -17.58
C PRO A 769 4.37 -31.63 -17.77
N GLY A 770 4.04 -31.21 -18.98
CA GLY A 770 2.73 -30.59 -19.30
C GLY A 770 1.47 -31.23 -18.70
N GLN A 771 1.39 -32.55 -18.77
CA GLN A 771 0.21 -33.30 -18.25
C GLN A 771 0.05 -33.17 -16.73
N LEU A 772 1.14 -32.88 -16.02
CA LEU A 772 1.10 -32.79 -14.55
C LEU A 772 1.18 -31.38 -13.98
N GLN A 773 1.37 -30.37 -14.82
CA GLN A 773 1.38 -28.97 -14.39
C GLN A 773 0.14 -28.70 -13.54
N GLY A 774 0.39 -28.18 -12.35
CA GLY A 774 -0.69 -27.76 -11.48
C GLY A 774 -1.27 -28.87 -10.66
N ARG A 775 -0.72 -30.09 -10.76
CA ARG A 775 -1.24 -31.24 -10.01
C ARG A 775 -0.26 -31.66 -8.93
N SER A 776 -0.79 -32.35 -7.90
CA SER A 776 0.02 -32.87 -6.80
C SER A 776 1.17 -33.73 -7.30
N ILE A 777 2.30 -33.72 -6.59
CA ILE A 777 3.39 -34.63 -6.91
C ILE A 777 2.96 -36.10 -6.75
N PHE A 778 1.86 -36.35 -6.03
CA PHE A 778 1.32 -37.70 -5.88
C PHE A 778 0.12 -38.05 -6.81
N ALA A 779 -0.15 -37.24 -7.82
CA ALA A 779 -1.24 -37.54 -8.74
C ALA A 779 -0.89 -38.70 -9.67
N GLN A 780 0.33 -38.75 -10.19
CA GLN A 780 0.92 -40.03 -10.68
C GLN A 780 1.69 -40.56 -9.50
N ASP A 781 1.98 -41.87 -9.49
CA ASP A 781 3.02 -42.37 -8.60
C ASP A 781 4.34 -42.27 -9.38
N LEU A 782 5.28 -41.48 -8.87
CA LEU A 782 6.52 -41.20 -9.58
C LEU A 782 7.68 -42.12 -9.13
N ARG A 783 7.39 -43.11 -8.29
CA ARG A 783 8.36 -44.19 -7.98
C ARG A 783 8.02 -45.46 -8.76
N LEU A 784 6.74 -45.79 -8.90
CA LEU A 784 6.29 -46.96 -9.67
C LEU A 784 6.36 -46.67 -11.18
N CYS A 785 7.56 -46.79 -11.73
CA CYS A 785 7.81 -46.80 -13.19
C CYS A 785 9.31 -46.97 -13.47
N THR B 3 16.41 -12.65 -41.07
CA THR B 3 15.46 -12.50 -39.92
C THR B 3 16.17 -12.02 -38.59
N LEU B 4 17.12 -12.79 -38.02
CA LEU B 4 17.78 -12.47 -36.68
C LEU B 4 18.18 -10.99 -36.51
N PRO B 5 17.88 -10.35 -35.35
CA PRO B 5 18.10 -8.90 -35.24
C PRO B 5 19.51 -8.43 -35.63
N ALA B 6 20.51 -9.30 -35.46
CA ALA B 6 21.87 -9.14 -36.09
C ALA B 6 22.86 -8.10 -35.50
N PHE B 7 22.39 -7.22 -34.63
CA PHE B 7 23.27 -6.61 -33.67
C PHE B 7 23.15 -7.24 -32.27
N LEU B 8 22.78 -8.53 -32.23
CA LEU B 8 22.78 -9.29 -30.98
C LEU B 8 24.12 -9.20 -30.29
N PRO B 9 24.15 -9.14 -28.96
CA PRO B 9 23.00 -9.21 -28.09
C PRO B 9 22.38 -7.84 -27.82
N CYS B 10 22.78 -6.84 -28.58
CA CYS B 10 22.29 -5.50 -28.36
C CYS B 10 21.03 -5.26 -29.18
N GLU B 11 20.50 -4.05 -29.06
CA GLU B 11 19.25 -3.70 -29.71
C GLU B 11 19.46 -2.55 -30.65
N LEU B 12 19.10 -2.71 -31.91
CA LEU B 12 19.25 -1.61 -32.88
C LEU B 12 18.08 -0.68 -32.73
N LYS B 13 18.37 0.61 -32.71
CA LYS B 13 17.36 1.64 -32.56
C LYS B 13 17.51 2.67 -33.70
N PRO B 14 16.60 3.66 -33.75
CA PRO B 14 16.67 4.59 -34.88
C PRO B 14 17.89 5.52 -34.83
N HIS B 15 18.24 6.04 -35.99
CA HIS B 15 19.27 7.06 -36.17
C HIS B 15 20.68 6.54 -35.82
N GLY B 16 20.91 5.28 -36.16
CA GLY B 16 22.18 4.63 -36.00
C GLY B 16 22.60 4.28 -34.59
N LEU B 17 21.66 4.27 -33.64
CA LEU B 17 21.96 3.94 -32.21
C LEU B 17 21.90 2.43 -31.93
N VAL B 18 22.98 1.86 -31.46
CA VAL B 18 22.93 0.49 -30.98
C VAL B 18 22.99 0.55 -29.47
N ASP B 19 21.99 -0.03 -28.80
CA ASP B 19 21.88 0.07 -27.35
C ASP B 19 22.32 -1.26 -26.72
N CYS B 20 23.47 -1.21 -26.03
CA CYS B 20 24.03 -2.37 -25.35
C CYS B 20 24.04 -2.20 -23.83
N ASN B 21 23.19 -1.32 -23.31
CA ASN B 21 23.18 -1.03 -21.89
C ASN B 21 22.79 -2.25 -21.07
N TRP B 22 23.40 -2.36 -19.90
CA TRP B 22 22.95 -3.36 -18.91
C TRP B 22 22.91 -4.80 -19.41
N LEU B 23 23.93 -5.23 -20.15
CA LEU B 23 24.01 -6.62 -20.62
C LEU B 23 25.14 -7.40 -19.97
N PHE B 24 25.81 -6.80 -19.00
CA PHE B 24 26.89 -7.45 -18.22
C PHE B 24 28.01 -7.95 -19.13
N LEU B 25 28.26 -7.21 -20.19
CA LEU B 25 29.30 -7.57 -21.13
C LEU B 25 30.66 -7.27 -20.50
N LYS B 26 31.63 -8.14 -20.73
CA LYS B 26 33.00 -7.93 -20.27
C LYS B 26 33.85 -7.38 -21.36
N SER B 27 33.32 -7.36 -22.59
CA SER B 27 34.05 -6.78 -23.73
C SER B 27 33.14 -6.10 -24.74
N VAL B 28 33.77 -5.31 -25.59
CA VAL B 28 33.06 -4.59 -26.63
C VAL B 28 32.55 -5.64 -27.62
N PRO B 29 31.22 -5.70 -27.83
CA PRO B 29 30.71 -6.75 -28.69
C PRO B 29 31.18 -6.61 -30.15
N ARG B 30 31.34 -7.75 -30.80
CA ARG B 30 31.98 -7.82 -32.12
C ARG B 30 31.01 -7.58 -33.28
N PHE B 31 29.73 -7.93 -33.07
CA PHE B 31 28.70 -7.86 -34.12
C PHE B 31 29.14 -8.60 -35.37
N SER B 32 29.74 -9.80 -35.17
CA SER B 32 30.24 -10.63 -36.28
C SER B 32 29.15 -10.86 -37.31
N ALA B 33 27.97 -11.26 -36.84
CA ALA B 33 26.84 -11.56 -37.72
C ALA B 33 26.37 -10.40 -38.63
N ALA B 34 26.68 -9.14 -38.30
CA ALA B 34 26.19 -8.01 -39.07
C ALA B 34 26.93 -7.89 -40.38
N ALA B 35 26.17 -7.57 -41.43
CA ALA B 35 26.74 -7.39 -42.75
C ALA B 35 27.68 -6.16 -42.79
N SER B 36 27.20 -5.04 -42.26
CA SER B 36 27.99 -3.81 -42.16
C SER B 36 27.76 -3.12 -40.80
N CYS B 37 28.84 -2.65 -40.17
CA CYS B 37 28.73 -1.81 -38.98
C CYS B 37 29.00 -0.32 -39.34
N SER B 38 29.05 -0.01 -40.64
CA SER B 38 29.39 1.34 -41.15
C SER B 38 28.36 2.39 -40.83
N ASN B 39 27.08 1.99 -40.72
CA ASN B 39 26.01 2.97 -40.42
C ASN B 39 25.80 3.14 -38.91
N ILE B 40 26.55 2.41 -38.08
CA ILE B 40 26.46 2.64 -36.63
C ILE B 40 27.21 3.93 -36.23
N THR B 41 26.45 4.90 -35.73
CA THR B 41 26.99 6.20 -35.35
C THR B 41 26.91 6.46 -33.85
N ARG B 42 26.12 5.68 -33.11
CA ARG B 42 26.00 5.88 -31.67
C ARG B 42 26.01 4.51 -31.03
N LEU B 43 26.84 4.34 -30.00
CA LEU B 43 26.91 3.07 -29.27
C LEU B 43 26.83 3.31 -27.75
N SER B 44 25.91 2.64 -27.12
CA SER B 44 25.73 2.80 -25.69
C SER B 44 26.09 1.51 -24.95
N LEU B 45 27.05 1.59 -24.01
CA LEU B 45 27.49 0.43 -23.23
C LEU B 45 27.39 0.66 -21.71
N ILE B 46 26.35 1.38 -21.31
CA ILE B 46 26.21 1.84 -19.94
C ILE B 46 26.08 0.67 -18.99
N SER B 47 26.82 0.72 -17.88
CA SER B 47 26.68 -0.25 -16.77
C SER B 47 26.85 -1.72 -17.18
N ASN B 48 27.67 -1.96 -18.20
CA ASN B 48 28.22 -3.27 -18.45
C ASN B 48 29.47 -3.49 -17.53
N ARG B 49 30.26 -4.53 -17.80
CA ARG B 49 31.40 -4.91 -16.94
C ARG B 49 32.72 -4.91 -17.69
N ILE B 50 32.93 -3.88 -18.50
CA ILE B 50 34.11 -3.81 -19.29
C ILE B 50 35.18 -3.11 -18.45
N HIS B 51 36.14 -3.88 -17.96
CA HIS B 51 37.26 -3.31 -17.21
C HIS B 51 38.53 -3.15 -18.02
N HIS B 52 38.53 -3.66 -19.25
CA HIS B 52 39.72 -3.63 -20.09
C HIS B 52 39.36 -3.27 -21.51
N LEU B 53 39.93 -2.19 -22.02
CA LEU B 53 39.70 -1.78 -23.39
C LEU B 53 40.99 -1.88 -24.23
N HIS B 54 40.82 -2.35 -25.46
CA HIS B 54 41.94 -2.71 -26.31
C HIS B 54 42.00 -1.91 -27.63
N ASN B 55 43.18 -1.87 -28.22
CA ASN B 55 43.42 -1.17 -29.51
C ASN B 55 42.48 -1.67 -30.59
N SER B 56 42.15 -2.94 -30.57
CA SER B 56 41.30 -3.57 -31.58
C SER B 56 39.80 -3.58 -31.29
N ASP B 57 39.37 -3.00 -30.17
CA ASP B 57 37.97 -3.07 -29.77
C ASP B 57 37.03 -2.37 -30.72
N PHE B 58 37.43 -1.23 -31.27
CA PHE B 58 36.47 -0.33 -31.97
C PHE B 58 36.74 -0.18 -33.47
N VAL B 59 37.60 -1.05 -34.01
CA VAL B 59 38.04 -0.99 -35.41
C VAL B 59 36.90 -1.16 -36.40
N HIS B 60 35.90 -1.98 -36.09
CA HIS B 60 34.73 -2.13 -36.98
C HIS B 60 33.67 -1.05 -36.80
N LEU B 61 33.89 -0.13 -35.87
CA LEU B 61 32.90 0.88 -35.53
C LEU B 61 33.51 2.24 -35.78
N SER B 62 34.24 2.34 -36.88
CA SER B 62 35.11 3.46 -37.14
C SER B 62 34.34 4.75 -37.48
N ASN B 63 33.04 4.63 -37.73
CA ASN B 63 32.20 5.81 -37.94
C ASN B 63 31.42 6.27 -36.69
N LEU B 64 31.66 5.69 -35.52
CA LEU B 64 30.98 6.18 -34.30
C LEU B 64 31.16 7.67 -34.10
N ARG B 65 30.06 8.34 -33.78
CA ARG B 65 30.08 9.72 -33.36
C ARG B 65 29.83 9.87 -31.89
N GLN B 66 29.20 8.89 -31.25
CA GLN B 66 28.87 8.97 -29.82
C GLN B 66 29.11 7.62 -29.18
N LEU B 67 29.78 7.64 -28.04
CA LEU B 67 30.12 6.41 -27.33
C LEU B 67 29.96 6.64 -25.86
N ASN B 68 29.15 5.82 -25.20
CA ASN B 68 28.93 5.98 -23.76
C ASN B 68 29.42 4.73 -23.02
N LEU B 69 30.47 4.90 -22.20
CA LEU B 69 31.06 3.79 -21.43
C LEU B 69 30.90 3.94 -19.91
N LYS B 70 29.93 4.74 -19.49
CA LYS B 70 29.76 5.03 -18.06
C LYS B 70 29.47 3.79 -17.24
N TRP B 71 30.01 3.79 -16.04
CA TRP B 71 29.65 2.81 -15.00
C TRP B 71 30.18 1.40 -15.28
N ASN B 72 31.13 1.28 -16.23
CA ASN B 72 31.67 -0.04 -16.51
C ASN B 72 32.65 -0.54 -15.47
N CYS B 73 33.27 0.36 -14.75
CA CYS B 73 34.30 -0.01 -13.79
C CYS B 73 34.28 0.99 -12.62
N PRO B 74 33.23 0.92 -11.79
CA PRO B 74 33.00 1.93 -10.76
C PRO B 74 34.16 2.09 -9.78
N PRO B 75 34.56 3.33 -9.49
CA PRO B 75 35.48 3.58 -8.37
C PRO B 75 34.92 3.05 -7.04
N THR B 76 35.83 2.67 -6.13
CA THR B 76 35.47 2.03 -4.86
C THR B 76 34.27 2.70 -4.18
N GLY B 77 34.35 4.00 -4.01
CA GLY B 77 33.30 4.75 -3.30
C GLY B 77 31.93 4.66 -3.93
N LEU B 78 31.89 4.41 -5.24
CA LEU B 78 30.65 4.39 -6.00
C LEU B 78 30.12 2.98 -6.27
N SER B 79 31.00 2.00 -6.11
CA SER B 79 30.64 0.62 -6.23
C SER B 79 29.69 0.34 -5.09
N PRO B 80 28.55 -0.30 -5.37
CA PRO B 80 27.57 -0.64 -4.36
C PRO B 80 28.12 -1.50 -3.22
N LEU B 81 29.06 -2.38 -3.53
CA LEU B 81 29.71 -3.18 -2.51
C LEU B 81 31.12 -2.69 -2.18
N HIS B 82 31.48 -1.50 -2.66
CA HIS B 82 32.83 -0.92 -2.44
C HIS B 82 33.95 -1.79 -3.01
N PHE B 83 33.69 -2.48 -4.11
CA PHE B 83 34.74 -3.16 -4.83
C PHE B 83 35.60 -2.10 -5.50
N SER B 84 36.92 -2.27 -5.42
CA SER B 84 37.85 -1.46 -6.20
C SER B 84 37.80 -1.86 -7.68
N CYS B 85 38.03 -0.92 -8.56
CA CYS B 85 38.05 -1.25 -9.97
C CYS B 85 39.05 -0.36 -10.65
N HIS B 86 39.90 -0.97 -11.46
CA HIS B 86 40.81 -0.21 -12.28
C HIS B 86 40.61 -0.53 -13.76
N MET B 87 40.25 0.48 -14.55
CA MET B 87 40.03 0.27 -15.97
C MET B 87 41.35 0.44 -16.70
N THR B 88 41.74 -0.58 -17.46
CA THR B 88 42.93 -0.51 -18.33
C THR B 88 42.47 -0.15 -19.71
N ILE B 89 43.24 0.72 -20.35
CA ILE B 89 42.92 1.22 -21.68
C ILE B 89 44.20 1.23 -22.53
N GLU B 90 44.29 0.36 -23.52
CA GLU B 90 45.46 0.33 -24.40
C GLU B 90 45.54 1.66 -25.13
N PRO B 91 46.75 2.06 -25.53
CA PRO B 91 46.92 3.47 -25.94
C PRO B 91 46.16 3.95 -27.17
N ARG B 92 45.81 3.09 -28.12
CA ARG B 92 45.20 3.56 -29.38
C ARG B 92 43.74 3.26 -29.41
N THR B 93 43.21 2.76 -28.31
CA THR B 93 41.80 2.38 -28.18
C THR B 93 40.77 3.29 -28.85
N PHE B 94 40.80 4.58 -28.55
CA PHE B 94 39.81 5.50 -29.10
C PHE B 94 40.22 6.14 -30.42
N LEU B 95 41.44 5.90 -30.86
CA LEU B 95 41.98 6.51 -32.05
C LEU B 95 41.45 5.85 -33.31
N ALA B 96 40.94 4.64 -33.18
CA ALA B 96 40.26 3.98 -34.28
C ALA B 96 39.00 4.72 -34.78
N MET B 97 38.46 5.66 -33.98
CA MET B 97 37.24 6.39 -34.36
C MET B 97 37.57 7.85 -34.67
N ARG B 98 37.92 8.10 -35.93
CA ARG B 98 38.52 9.37 -36.29
C ARG B 98 37.47 10.49 -36.45
N THR B 99 36.17 10.16 -36.43
CA THR B 99 35.12 11.19 -36.32
C THR B 99 34.32 11.15 -35.01
N LEU B 100 34.85 10.53 -33.96
CA LEU B 100 34.18 10.51 -32.65
C LEU B 100 33.97 11.93 -32.11
N GLU B 101 32.73 12.25 -31.76
CA GLU B 101 32.38 13.60 -31.28
C GLU B 101 32.06 13.68 -29.77
N GLU B 102 31.54 12.59 -29.21
CA GLU B 102 31.08 12.57 -27.84
C GLU B 102 31.47 11.26 -27.16
N LEU B 103 32.11 11.38 -26.01
CA LEU B 103 32.52 10.22 -25.25
C LEU B 103 32.25 10.42 -23.78
N ASN B 104 31.67 9.40 -23.16
CA ASN B 104 31.40 9.43 -21.75
C ASN B 104 32.17 8.32 -21.06
N LEU B 105 33.15 8.70 -20.24
CA LEU B 105 33.98 7.78 -19.47
C LEU B 105 33.68 7.84 -17.98
N SER B 106 32.57 8.46 -17.63
CA SER B 106 32.23 8.71 -16.21
C SER B 106 32.00 7.42 -15.43
N TYR B 107 32.19 7.50 -14.12
CA TYR B 107 31.95 6.37 -13.24
C TYR B 107 32.81 5.15 -13.60
N ASN B 108 34.07 5.43 -13.95
CA ASN B 108 35.07 4.43 -14.31
C ASN B 108 36.38 4.75 -13.61
N GLY B 109 37.02 3.71 -13.09
CA GLY B 109 38.29 3.86 -12.38
C GLY B 109 39.48 4.05 -13.29
N ILE B 110 39.61 5.23 -13.86
CA ILE B 110 40.81 5.57 -14.59
C ILE B 110 41.53 6.69 -13.84
N THR B 111 42.86 6.71 -13.93
CA THR B 111 43.68 7.73 -13.24
C THR B 111 44.35 8.67 -14.19
N THR B 112 44.21 8.40 -15.49
CA THR B 112 44.89 9.10 -16.55
C THR B 112 43.92 9.33 -17.73
N VAL B 113 44.02 10.44 -18.45
CA VAL B 113 43.22 10.61 -19.64
C VAL B 113 43.82 9.77 -20.74
N PRO B 114 43.01 8.93 -21.40
CA PRO B 114 43.58 8.25 -22.56
C PRO B 114 43.75 9.22 -23.74
N ARG B 115 44.48 8.78 -24.76
CA ARG B 115 44.63 9.51 -26.00
C ARG B 115 43.29 9.47 -26.73
N LEU B 116 42.91 10.59 -27.31
CA LEU B 116 41.62 10.73 -27.95
C LEU B 116 41.74 11.34 -29.34
N PRO B 117 40.77 11.09 -30.22
CA PRO B 117 40.82 11.68 -31.56
C PRO B 117 40.54 13.19 -31.57
N SER B 118 41.14 13.89 -32.52
CA SER B 118 41.02 15.35 -32.72
C SER B 118 39.59 15.83 -32.89
N SER B 119 38.75 14.96 -33.42
CA SER B 119 37.36 15.28 -33.67
C SER B 119 36.52 15.50 -32.42
N LEU B 120 37.01 15.13 -31.25
CA LEU B 120 36.17 15.10 -30.05
C LEU B 120 35.61 16.48 -29.66
N VAL B 121 34.31 16.51 -29.35
CA VAL B 121 33.62 17.74 -29.00
C VAL B 121 33.17 17.76 -27.53
N ASN B 122 32.64 16.64 -27.02
CA ASN B 122 32.09 16.55 -25.64
C ASN B 122 32.72 15.37 -24.94
N LEU B 123 33.35 15.65 -23.82
CA LEU B 123 33.97 14.62 -23.01
C LEU B 123 33.48 14.72 -21.60
N SER B 124 33.13 13.58 -21.01
CA SER B 124 32.92 13.50 -19.58
C SER B 124 33.93 12.56 -18.95
N LEU B 125 34.68 13.09 -17.99
CA LEU B 125 35.60 12.34 -17.15
C LEU B 125 35.14 12.38 -15.68
N SER B 126 33.83 12.62 -15.46
CA SER B 126 33.32 12.76 -14.11
C SER B 126 33.29 11.45 -13.35
N HIS B 127 33.40 11.53 -12.02
CA HIS B 127 33.37 10.35 -11.16
C HIS B 127 34.34 9.29 -11.63
N THR B 128 35.55 9.76 -11.91
CA THR B 128 36.69 8.89 -12.18
C THR B 128 37.73 9.11 -11.09
N ASN B 129 38.94 8.60 -11.28
CA ASN B 129 40.04 8.78 -10.35
C ASN B 129 41.17 9.61 -10.96
N ILE B 130 40.84 10.48 -11.91
CA ILE B 130 41.80 11.40 -12.52
C ILE B 130 41.91 12.58 -11.57
N LEU B 131 43.13 12.81 -11.08
CA LEU B 131 43.40 13.83 -10.05
C LEU B 131 44.24 14.97 -10.55
N VAL B 132 44.73 14.84 -11.79
CA VAL B 132 45.58 15.85 -12.40
C VAL B 132 45.14 16.07 -13.83
N LEU B 133 44.89 17.33 -14.19
CA LEU B 133 44.77 17.73 -15.57
C LEU B 133 45.88 18.74 -15.75
N ASP B 134 46.81 18.44 -16.65
CA ASP B 134 47.91 19.34 -17.00
C ASP B 134 47.84 19.57 -18.50
N ALA B 135 48.80 20.32 -19.03
CA ALA B 135 48.77 20.67 -20.45
C ALA B 135 48.82 19.47 -21.42
N ASN B 136 49.27 18.31 -20.94
CA ASN B 136 49.28 17.10 -21.79
C ASN B 136 48.04 16.23 -21.68
N SER B 137 47.18 16.51 -20.72
CA SER B 137 46.05 15.63 -20.47
C SER B 137 45.10 15.58 -21.66
N LEU B 138 44.79 16.74 -22.22
CA LEU B 138 43.83 16.85 -23.28
C LEU B 138 44.46 17.41 -24.56
N ALA B 139 45.71 17.03 -24.82
CA ALA B 139 46.49 17.59 -25.95
C ALA B 139 45.85 17.35 -27.31
N GLY B 140 45.81 18.42 -28.10
CA GLY B 140 45.36 18.31 -29.47
C GLY B 140 43.86 18.29 -29.65
N LEU B 141 43.10 18.47 -28.57
CA LEU B 141 41.64 18.41 -28.68
C LEU B 141 41.08 19.79 -28.98
N TYR B 142 41.45 20.30 -30.15
CA TYR B 142 41.17 21.68 -30.55
C TYR B 142 39.70 21.95 -30.76
N SER B 143 38.92 20.90 -31.03
CA SER B 143 37.50 21.04 -31.26
C SER B 143 36.67 20.86 -30.00
N LEU B 144 37.29 20.63 -28.84
CA LEU B 144 36.52 20.30 -27.64
C LEU B 144 35.73 21.51 -27.18
N ARG B 145 34.41 21.34 -27.10
CA ARG B 145 33.50 22.38 -26.62
C ARG B 145 33.03 22.17 -25.17
N VAL B 146 32.92 20.93 -24.74
CA VAL B 146 32.36 20.59 -23.43
C VAL B 146 33.23 19.58 -22.68
N LEU B 147 33.56 19.92 -21.45
CA LEU B 147 34.38 19.08 -20.58
C LEU B 147 33.74 19.02 -19.20
N PHE B 148 33.28 17.85 -18.79
CA PHE B 148 32.80 17.62 -17.44
C PHE B 148 33.86 16.80 -16.73
N MET B 149 34.35 17.28 -15.59
CA MET B 149 35.05 16.41 -14.65
C MET B 149 34.67 16.76 -13.21
N ASP B 150 33.43 16.42 -12.91
CA ASP B 150 32.85 16.55 -11.57
C ASP B 150 33.11 15.31 -10.73
N GLY B 151 33.34 15.48 -9.44
CA GLY B 151 33.21 14.39 -8.47
C GLY B 151 34.37 13.42 -8.35
N ASN B 152 35.59 13.93 -8.51
CA ASN B 152 36.78 13.08 -8.43
C ASN B 152 37.46 13.16 -7.09
N CYS B 153 36.96 14.06 -6.21
CA CYS B 153 37.51 14.13 -4.86
C CYS B 153 36.55 14.70 -3.84
N TYR B 154 35.64 13.83 -3.42
CA TYR B 154 34.62 14.15 -2.44
C TYR B 154 34.18 12.89 -1.70
N TYR B 155 33.23 13.04 -0.77
CA TYR B 155 32.92 11.96 0.18
C TYR B 155 32.51 10.62 -0.47
N LYS B 156 31.89 10.69 -1.64
CA LYS B 156 31.43 9.50 -2.32
C LYS B 156 32.49 8.89 -3.24
N ASN B 157 33.54 9.64 -3.55
CA ASN B 157 34.64 9.19 -4.43
C ASN B 157 35.87 9.91 -3.91
N PRO B 158 36.40 9.47 -2.76
CA PRO B 158 37.42 10.22 -2.05
C PRO B 158 38.79 10.19 -2.70
N CYS B 159 39.56 11.24 -2.44
CA CYS B 159 41.00 11.27 -2.77
C CYS B 159 41.75 11.85 -1.59
N THR B 160 43.06 11.68 -1.62
CA THR B 160 43.94 12.07 -0.50
C THR B 160 44.06 13.59 -0.33
N GLY B 161 44.38 14.28 -1.43
CA GLY B 161 44.47 15.72 -1.41
C GLY B 161 43.31 16.44 -2.08
N ALA B 162 43.50 16.77 -3.35
CA ALA B 162 42.51 17.51 -4.13
C ALA B 162 42.86 17.30 -5.59
N VAL B 163 41.92 17.48 -6.51
CA VAL B 163 42.32 17.41 -7.90
C VAL B 163 43.08 18.69 -8.16
N LYS B 164 44.01 18.59 -9.11
CA LYS B 164 44.77 19.72 -9.51
C LYS B 164 44.54 19.95 -10.98
N VAL B 165 44.17 21.18 -11.33
CA VAL B 165 44.20 21.64 -12.70
C VAL B 165 45.31 22.71 -12.81
N THR B 166 46.42 22.34 -13.44
CA THR B 166 47.62 23.18 -13.41
C THR B 166 47.39 24.45 -14.20
N PRO B 167 48.15 25.50 -13.87
CA PRO B 167 47.88 26.77 -14.51
C PRO B 167 48.01 26.67 -16.04
N GLY B 168 46.98 27.11 -16.75
CA GLY B 168 47.00 27.09 -18.20
C GLY B 168 46.78 25.72 -18.84
N ALA B 169 46.55 24.69 -18.03
CA ALA B 169 46.37 23.34 -18.56
C ALA B 169 45.39 23.23 -19.73
N LEU B 170 44.31 24.01 -19.70
CA LEU B 170 43.25 23.91 -20.71
C LEU B 170 43.29 25.01 -21.77
N LEU B 171 44.32 25.86 -21.76
CA LEU B 171 44.40 27.02 -22.65
C LEU B 171 44.34 26.64 -24.13
N GLY B 172 44.96 25.52 -24.46
CA GLY B 172 45.02 25.02 -25.82
C GLY B 172 43.69 24.55 -26.37
N LEU B 173 42.71 24.37 -25.50
CA LEU B 173 41.33 24.05 -25.89
C LEU B 173 40.60 25.36 -26.19
N SER B 174 40.91 25.99 -27.30
CA SER B 174 40.40 27.34 -27.58
C SER B 174 38.98 27.38 -28.16
N ASN B 175 38.34 26.22 -28.34
CA ASN B 175 36.90 26.20 -28.62
C ASN B 175 36.05 25.81 -27.38
N LEU B 176 36.68 25.66 -26.22
CA LEU B 176 35.98 25.21 -25.01
C LEU B 176 34.99 26.24 -24.47
N THR B 177 33.71 25.83 -24.43
CA THR B 177 32.64 26.70 -23.96
C THR B 177 32.01 26.30 -22.64
N HIS B 178 32.07 25.03 -22.26
CA HIS B 178 31.41 24.52 -21.04
C HIS B 178 32.43 23.72 -20.23
N LEU B 179 32.66 24.12 -18.99
CA LEU B 179 33.60 23.42 -18.11
C LEU B 179 32.94 23.23 -16.74
N SER B 180 33.00 22.01 -16.20
CA SER B 180 32.43 21.68 -14.90
C SER B 180 33.42 20.88 -14.06
N LEU B 181 33.71 21.38 -12.87
CA LEU B 181 34.77 20.88 -12.01
C LEU B 181 34.31 20.90 -10.55
N LYS B 182 33.11 20.37 -10.35
CA LYS B 182 32.50 20.33 -9.03
C LYS B 182 33.01 19.17 -8.20
N TYR B 183 32.80 19.25 -6.90
CA TYR B 183 33.10 18.17 -5.98
C TYR B 183 34.53 17.61 -6.17
N ASN B 184 35.51 18.52 -6.26
CA ASN B 184 36.91 18.13 -6.50
C ASN B 184 37.87 18.61 -5.43
N ASN B 185 37.37 19.15 -4.33
CA ASN B 185 38.23 19.68 -3.25
C ASN B 185 39.17 20.84 -3.68
N LEU B 186 38.77 21.59 -4.70
CA LEU B 186 39.59 22.70 -5.16
C LEU B 186 39.60 23.78 -4.09
N THR B 187 40.77 24.38 -3.87
CA THR B 187 40.87 25.55 -2.97
C THR B 187 40.77 26.84 -3.77
N LYS B 188 41.03 26.78 -5.07
CA LYS B 188 40.97 27.99 -5.90
C LYS B 188 40.44 27.68 -7.27
N VAL B 189 39.92 28.71 -7.92
CA VAL B 189 39.53 28.57 -9.29
C VAL B 189 40.83 28.35 -10.05
N PRO B 190 40.88 27.34 -10.93
CA PRO B 190 42.10 27.15 -11.71
C PRO B 190 42.48 28.40 -12.52
N ARG B 191 43.79 28.55 -12.72
CA ARG B 191 44.39 29.74 -13.36
C ARG B 191 44.47 29.62 -14.88
N GLN B 192 44.29 30.74 -15.55
CA GLN B 192 44.41 30.84 -17.01
C GLN B 192 43.53 29.81 -17.71
N LEU B 193 42.24 29.89 -17.44
CA LEU B 193 41.26 29.08 -18.16
C LEU B 193 40.96 29.73 -19.50
N PRO B 194 40.47 28.92 -20.44
CA PRO B 194 40.23 29.43 -21.79
C PRO B 194 39.18 30.54 -21.86
N PRO B 195 39.55 31.70 -22.43
CA PRO B 195 38.63 32.83 -22.56
C PRO B 195 37.40 32.55 -23.38
N SER B 196 37.37 31.45 -24.12
CA SER B 196 36.17 31.04 -24.83
C SER B 196 35.00 30.57 -23.94
N LEU B 197 35.27 30.27 -22.65
CA LEU B 197 34.25 29.71 -21.74
C LEU B 197 32.97 30.55 -21.61
N GLU B 198 31.83 29.90 -21.86
CA GLU B 198 30.53 30.46 -21.60
C GLU B 198 29.84 29.91 -20.34
N TYR B 199 30.23 28.73 -19.85
CA TYR B 199 29.63 28.08 -18.67
C TYR B 199 30.75 27.54 -17.82
N LEU B 200 30.85 28.03 -16.61
CA LEU B 200 31.88 27.57 -15.68
C LEU B 200 31.19 27.19 -14.41
N LEU B 201 31.38 25.95 -13.96
CA LEU B 201 30.76 25.42 -12.75
C LEU B 201 31.86 24.93 -11.84
N VAL B 202 32.01 25.55 -10.67
CA VAL B 202 33.04 25.15 -9.72
C VAL B 202 32.47 25.02 -8.32
N SER B 203 31.21 24.62 -8.27
CA SER B 203 30.50 24.49 -7.01
C SER B 203 30.97 23.27 -6.19
N TYR B 204 30.73 23.34 -4.88
CA TYR B 204 30.96 22.25 -3.93
C TYR B 204 32.41 21.80 -3.90
N ASN B 205 33.28 22.80 -3.90
CA ASN B 205 34.70 22.63 -3.65
C ASN B 205 34.99 23.33 -2.31
N LEU B 206 36.20 23.85 -2.11
CA LEU B 206 36.50 24.61 -0.91
C LEU B 206 37.06 25.98 -1.29
N ILE B 207 36.46 26.61 -2.30
CA ILE B 207 36.90 27.91 -2.75
C ILE B 207 36.21 28.95 -1.90
N VAL B 208 36.82 29.27 -0.77
CA VAL B 208 36.22 30.14 0.25
C VAL B 208 36.43 31.65 -0.03
N LYS B 209 37.14 31.97 -1.11
CA LYS B 209 37.49 33.33 -1.43
C LYS B 209 37.46 33.52 -2.93
N LEU B 210 36.78 34.57 -3.39
CA LEU B 210 36.75 34.90 -4.80
C LEU B 210 36.85 36.39 -5.01
N GLY B 211 37.62 36.77 -6.02
CA GLY B 211 37.70 38.14 -6.50
C GLY B 211 37.85 38.14 -8.00
N PRO B 212 37.95 39.33 -8.61
CA PRO B 212 38.04 39.40 -10.08
C PRO B 212 39.26 38.65 -10.66
N GLU B 213 40.32 38.56 -9.87
CA GLU B 213 41.54 37.85 -10.27
C GLU B 213 41.25 36.38 -10.59
N ASP B 214 40.36 35.76 -9.82
CA ASP B 214 39.99 34.36 -10.01
C ASP B 214 39.16 34.08 -11.28
N LEU B 215 38.66 35.14 -11.95
CA LEU B 215 37.86 35.01 -13.17
C LEU B 215 38.47 35.82 -14.28
N ALA B 216 39.79 35.84 -14.27
CA ALA B 216 40.56 36.69 -15.18
C ALA B 216 40.35 36.27 -16.62
N ASN B 217 39.96 37.23 -17.45
CA ASN B 217 39.93 37.07 -18.91
C ASN B 217 38.76 36.19 -19.38
N LEU B 218 37.81 35.87 -18.49
CA LEU B 218 36.66 35.01 -18.85
C LEU B 218 35.46 35.86 -19.21
N THR B 219 35.65 36.75 -20.17
CA THR B 219 34.65 37.76 -20.49
C THR B 219 33.54 37.24 -21.37
N SER B 220 33.63 35.98 -21.79
CA SER B 220 32.52 35.36 -22.51
C SER B 220 31.50 34.61 -21.62
N LEU B 221 31.69 34.58 -20.31
CA LEU B 221 30.78 33.81 -19.43
C LEU B 221 29.33 34.29 -19.51
N ARG B 222 28.43 33.34 -19.76
CA ARG B 222 26.98 33.52 -19.62
C ARG B 222 26.47 32.94 -18.30
N VAL B 223 27.08 31.86 -17.80
CA VAL B 223 26.65 31.18 -16.57
C VAL B 223 27.85 30.84 -15.71
N LEU B 224 27.76 31.20 -14.42
CA LEU B 224 28.82 30.94 -13.47
C LEU B 224 28.20 30.41 -12.20
N ASP B 225 28.67 29.25 -11.75
CA ASP B 225 28.15 28.57 -10.54
C ASP B 225 29.31 28.38 -9.57
N VAL B 226 29.30 29.16 -8.51
CA VAL B 226 30.35 29.12 -7.48
C VAL B 226 29.76 28.74 -6.12
N GLY B 227 28.57 28.13 -6.13
CA GLY B 227 27.87 27.82 -4.90
C GLY B 227 28.49 26.66 -4.15
N GLY B 228 28.07 26.50 -2.90
CA GLY B 228 28.47 25.35 -2.13
C GLY B 228 29.92 25.31 -1.70
N ASN B 229 30.60 26.45 -1.73
CA ASN B 229 32.02 26.49 -1.37
C ASN B 229 32.24 26.92 0.09
N CYS B 230 31.18 27.43 0.73
CA CYS B 230 31.19 27.73 2.17
C CYS B 230 29.81 27.40 2.75
N ARG B 231 29.63 26.12 3.04
CA ARG B 231 28.29 25.58 3.21
C ARG B 231 27.79 25.81 4.62
N ARG B 232 26.47 25.80 4.76
CA ARG B 232 25.85 25.80 6.05
C ARG B 232 25.43 24.37 6.32
N CYS B 233 26.14 23.67 7.21
CA CYS B 233 25.89 22.23 7.36
C CYS B 233 24.61 21.85 8.09
N ASP B 234 23.99 22.81 8.77
CA ASP B 234 22.72 22.54 9.41
C ASP B 234 21.64 22.14 8.40
N HIS B 235 21.79 22.50 7.12
CA HIS B 235 20.79 22.15 6.11
C HIS B 235 21.20 21.00 5.17
N ALA B 236 22.44 20.55 5.26
CA ALA B 236 22.92 19.45 4.42
C ALA B 236 22.17 18.12 4.60
N PRO B 237 21.77 17.49 3.48
CA PRO B 237 21.23 16.14 3.51
C PRO B 237 22.28 15.05 3.36
N ASN B 238 23.55 15.44 3.37
CA ASN B 238 24.65 14.54 3.00
C ASN B 238 25.83 14.98 3.85
N PRO B 239 26.94 14.20 3.88
CA PRO B 239 28.11 14.69 4.60
C PRO B 239 28.53 16.07 4.10
N CYS B 240 28.90 16.91 5.03
CA CYS B 240 29.11 18.30 4.71
C CYS B 240 30.40 18.77 5.35
N ILE B 241 31.26 19.42 4.57
CA ILE B 241 32.50 19.94 5.12
C ILE B 241 32.28 21.33 5.68
N GLU B 242 32.54 21.47 6.98
CA GLU B 242 32.48 22.75 7.70
C GLU B 242 33.37 23.81 7.02
N CYS B 243 32.81 24.95 6.67
CA CYS B 243 33.59 26.02 6.07
C CYS B 243 34.45 26.67 7.14
N GLY B 244 35.68 27.00 6.80
CA GLY B 244 36.59 27.60 7.80
C GLY B 244 36.23 29.01 8.26
N GLN B 245 35.26 29.64 7.60
CA GLN B 245 34.92 31.03 7.79
C GLN B 245 33.42 31.14 8.02
N LYS B 246 33.00 32.32 8.47
CA LYS B 246 31.60 32.63 8.70
C LYS B 246 30.87 32.80 7.35
N SER B 247 31.63 33.14 6.31
CA SER B 247 31.05 33.49 5.05
C SER B 247 32.05 33.31 3.92
N LEU B 248 31.56 32.97 2.74
CA LEU B 248 32.34 33.10 1.51
C LEU B 248 32.78 34.56 1.39
N HIS B 249 34.07 34.80 1.08
CA HIS B 249 34.58 36.16 0.87
C HIS B 249 34.56 36.50 -0.61
N LEU B 250 33.71 37.44 -0.97
CA LEU B 250 33.41 37.77 -2.35
C LEU B 250 33.77 39.23 -2.58
N HIS B 251 34.80 39.50 -3.36
CA HIS B 251 35.17 40.87 -3.65
C HIS B 251 33.97 41.57 -4.32
N PRO B 252 33.77 42.86 -4.02
CA PRO B 252 32.72 43.64 -4.64
C PRO B 252 32.71 43.68 -6.16
N GLU B 253 33.88 43.64 -6.79
CA GLU B 253 33.95 43.74 -8.24
C GLU B 253 34.27 42.38 -8.94
N THR B 254 34.05 41.28 -8.21
CA THR B 254 34.31 39.93 -8.74
C THR B 254 33.71 39.70 -10.12
N PHE B 255 32.46 40.07 -10.30
CA PHE B 255 31.72 39.75 -11.50
C PHE B 255 31.62 40.88 -12.52
N HIS B 256 32.18 42.06 -12.20
CA HIS B 256 31.89 43.29 -12.99
C HIS B 256 32.31 43.19 -14.45
N HIS B 257 33.40 42.47 -14.71
CA HIS B 257 33.89 42.31 -16.06
C HIS B 257 33.17 41.25 -16.92
N LEU B 258 32.17 40.57 -16.35
CA LEU B 258 31.45 39.51 -17.06
C LEU B 258 30.20 40.09 -17.70
N SER B 259 30.44 40.94 -18.68
CA SER B 259 29.39 41.77 -19.26
C SER B 259 28.25 40.94 -19.81
N HIS B 260 28.51 39.71 -20.26
CA HIS B 260 27.43 38.92 -20.88
C HIS B 260 26.70 38.00 -19.89
N LEU B 261 27.03 38.07 -18.59
CA LEU B 261 26.50 37.13 -17.61
C LEU B 261 24.96 37.12 -17.54
N GLU B 262 24.38 35.93 -17.67
CA GLU B 262 22.93 35.67 -17.61
C GLU B 262 22.50 34.83 -16.39
N GLY B 263 23.42 34.06 -15.82
CA GLY B 263 23.10 33.16 -14.70
C GLY B 263 24.21 33.12 -13.68
N LEU B 264 23.85 33.28 -12.41
CA LEU B 264 24.81 33.31 -11.34
C LEU B 264 24.26 32.51 -10.16
N VAL B 265 25.05 31.56 -9.67
CA VAL B 265 24.68 30.71 -8.56
C VAL B 265 25.58 30.97 -7.39
N LEU B 266 24.98 31.49 -6.32
CA LEU B 266 25.65 31.78 -5.06
C LEU B 266 25.05 30.95 -3.93
N LYS B 267 24.39 29.84 -4.25
CA LYS B 267 23.72 29.06 -3.22
C LYS B 267 24.75 28.51 -2.25
N ASP B 268 24.29 28.31 -1.02
CA ASP B 268 25.05 27.61 0.03
C ASP B 268 26.46 28.16 0.17
N SER B 269 26.52 29.48 0.35
CA SER B 269 27.76 30.24 0.43
C SER B 269 27.92 30.91 1.80
N SER B 270 27.00 30.65 2.71
CA SER B 270 27.03 31.26 4.03
C SER B 270 27.05 32.81 4.03
N LEU B 271 26.40 33.39 3.04
CA LEU B 271 26.29 34.82 2.90
C LEU B 271 25.28 35.41 3.88
N HIS B 272 25.75 36.39 4.65
CA HIS B 272 24.89 37.09 5.61
C HIS B 272 24.46 38.47 5.08
N THR B 273 25.03 38.91 3.95
CA THR B 273 24.62 40.17 3.30
C THR B 273 24.72 40.06 1.78
N LEU B 274 24.00 40.93 1.08
CA LEU B 274 24.17 41.12 -0.35
C LEU B 274 24.83 42.45 -0.58
N ASN B 275 25.87 42.48 -1.42
CA ASN B 275 26.43 43.74 -1.89
C ASN B 275 25.98 43.96 -3.31
N SER B 276 25.24 45.03 -3.52
CA SER B 276 24.68 45.35 -4.85
C SER B 276 25.70 45.48 -5.97
N SER B 277 26.95 45.79 -5.64
CA SER B 277 27.99 45.88 -6.66
C SER B 277 28.27 44.56 -7.37
N TRP B 278 27.96 43.43 -6.73
CA TRP B 278 28.02 42.12 -7.39
C TRP B 278 27.22 42.08 -8.68
N PHE B 279 26.07 42.76 -8.70
CA PHE B 279 25.13 42.65 -9.81
C PHE B 279 25.18 43.82 -10.77
N GLN B 280 26.06 44.77 -10.50
CA GLN B 280 26.14 46.02 -11.25
C GLN B 280 26.90 45.78 -12.57
N GLY B 281 26.35 46.30 -13.65
CA GLY B 281 26.96 46.19 -14.97
C GLY B 281 26.54 44.95 -15.73
N LEU B 282 25.64 44.17 -15.14
CA LEU B 282 25.22 42.88 -15.70
C LEU B 282 23.81 43.06 -16.23
N VAL B 283 23.72 43.66 -17.41
CA VAL B 283 22.45 44.02 -17.98
C VAL B 283 21.57 42.83 -18.33
N ASN B 284 22.18 41.67 -18.58
CA ASN B 284 21.44 40.48 -19.01
C ASN B 284 21.28 39.41 -17.93
N MET B 285 21.57 39.76 -16.67
CA MET B 285 21.32 38.86 -15.53
C MET B 285 19.86 38.42 -15.51
N SER B 286 19.62 37.14 -15.78
CA SER B 286 18.28 36.55 -15.86
C SER B 286 17.93 35.56 -14.76
N VAL B 287 18.92 34.85 -14.24
CA VAL B 287 18.63 33.76 -13.31
C VAL B 287 19.58 33.86 -12.15
N LEU B 288 19.05 34.08 -10.96
CA LEU B 288 19.89 34.27 -9.80
C LEU B 288 19.45 33.34 -8.69
N ASP B 289 20.41 32.57 -8.17
CA ASP B 289 20.16 31.60 -7.11
C ASP B 289 20.92 32.03 -5.88
N LEU B 290 20.18 32.42 -4.84
CA LEU B 290 20.76 32.89 -3.57
C LEU B 290 20.33 31.99 -2.42
N SER B 291 19.85 30.79 -2.78
CA SER B 291 19.27 29.86 -1.83
C SER B 291 20.30 29.39 -0.83
N GLU B 292 19.80 28.98 0.33
CA GLU B 292 20.58 28.34 1.39
C GLU B 292 21.67 29.21 1.97
N ASN B 293 21.47 30.52 1.90
CA ASN B 293 22.33 31.50 2.57
C ASN B 293 21.68 31.97 3.87
N PHE B 294 22.16 33.07 4.47
CA PHE B 294 21.59 33.59 5.70
C PHE B 294 21.02 35.00 5.45
N LEU B 295 20.20 35.11 4.41
CA LEU B 295 19.72 36.40 3.94
C LEU B 295 18.33 36.84 4.45
N TYR B 296 17.91 36.28 5.58
CA TYR B 296 16.57 36.55 6.15
C TYR B 296 16.33 38.05 6.43
N GLU B 297 17.35 38.75 6.92
CA GLU B 297 17.25 40.19 7.15
C GLU B 297 17.50 40.96 5.87
N SER B 298 18.51 40.53 5.12
CA SER B 298 18.93 41.21 3.90
C SER B 298 17.82 41.39 2.87
N ILE B 299 16.99 40.38 2.65
CA ILE B 299 15.89 40.53 1.69
C ILE B 299 14.78 41.48 2.15
N GLN B 300 14.78 41.87 3.41
CA GLN B 300 13.78 42.82 3.89
C GLN B 300 14.29 44.24 3.78
N HIS B 301 15.61 44.42 3.56
CA HIS B 301 16.20 45.75 3.60
C HIS B 301 17.05 46.13 2.36
N THR B 302 17.77 45.20 1.78
CA THR B 302 18.73 45.50 0.70
C THR B 302 18.23 46.33 -0.49
N ASN B 303 19.16 47.07 -1.07
CA ASN B 303 18.95 47.80 -2.31
C ASN B 303 19.43 46.97 -3.51
N ALA B 304 19.88 45.74 -3.26
CA ALA B 304 20.58 44.96 -4.26
C ALA B 304 19.80 44.63 -5.53
N PHE B 305 18.47 44.69 -5.46
CA PHE B 305 17.63 44.34 -6.62
C PHE B 305 17.23 45.53 -7.52
N GLN B 306 17.74 46.72 -7.19
CA GLN B 306 17.35 47.97 -7.87
C GLN B 306 17.50 47.95 -9.37
N ASN B 307 18.65 47.47 -9.83
CA ASN B 307 19.00 47.53 -11.25
C ASN B 307 18.86 46.19 -12.00
N LEU B 308 18.30 45.18 -11.35
CA LEU B 308 18.15 43.85 -11.96
C LEU B 308 16.90 43.75 -12.83
N THR B 309 16.87 44.59 -13.87
CA THR B 309 15.63 44.84 -14.60
C THR B 309 15.30 43.77 -15.59
N ARG B 310 16.26 42.88 -15.86
CA ARG B 310 16.01 41.73 -16.74
C ARG B 310 15.98 40.39 -15.99
N LEU B 311 16.08 40.41 -14.66
CA LEU B 311 15.97 39.18 -13.88
C LEU B 311 14.61 38.48 -14.05
N ARG B 312 14.65 37.22 -14.48
CA ARG B 312 13.45 36.38 -14.72
C ARG B 312 13.14 35.42 -13.56
N LYS B 313 14.15 34.80 -12.98
CA LYS B 313 14.00 33.79 -11.94
C LYS B 313 14.89 34.14 -10.79
N LEU B 314 14.35 34.07 -9.58
CA LEU B 314 15.11 34.34 -8.39
C LEU B 314 14.82 33.28 -7.31
N ASN B 315 15.85 32.69 -6.75
CA ASN B 315 15.69 31.65 -5.74
C ASN B 315 16.22 32.19 -4.43
N LEU B 316 15.32 32.42 -3.48
CA LEU B 316 15.72 32.88 -2.15
C LEU B 316 15.46 31.81 -1.11
N SER B 317 15.31 30.56 -1.54
CA SER B 317 14.78 29.53 -0.67
C SER B 317 15.77 29.14 0.39
N PHE B 318 15.25 28.74 1.55
CA PHE B 318 16.04 28.26 2.68
C PHE B 318 17.12 29.20 3.19
N ASN B 319 16.77 30.49 3.17
CA ASN B 319 17.50 31.54 3.85
C ASN B 319 16.89 31.74 5.23
N TYR B 320 16.93 30.68 6.04
CA TYR B 320 16.29 30.72 7.33
C TYR B 320 17.32 31.00 8.41
N ARG B 321 16.85 31.53 9.54
CA ARG B 321 17.71 31.72 10.68
C ARG B 321 17.75 30.46 11.51
N LYS B 322 18.93 30.01 11.90
CA LYS B 322 19.08 28.82 12.74
C LYS B 322 18.18 28.87 13.98
N LYS B 323 17.38 27.81 14.15
CA LYS B 323 16.57 27.55 15.36
C LYS B 323 15.45 28.59 15.55
N VAL B 324 15.14 29.33 14.49
CA VAL B 324 14.18 30.42 14.56
C VAL B 324 13.18 30.37 13.40
N SER B 325 11.92 30.65 13.74
CA SER B 325 11.00 31.22 12.76
C SER B 325 10.61 32.65 13.19
N PHE B 326 10.28 33.47 12.20
CA PHE B 326 9.92 34.87 12.43
C PHE B 326 8.43 35.08 12.52
N ALA B 327 7.99 36.03 13.35
CA ALA B 327 6.59 36.43 13.39
C ALA B 327 6.14 37.04 12.05
N ARG B 328 7.03 37.79 11.40
CA ARG B 328 6.62 38.54 10.22
C ARG B 328 7.77 38.72 9.23
N LEU B 329 7.46 39.25 8.05
CA LEU B 329 8.39 39.33 6.95
C LEU B 329 7.91 40.40 5.99
N HIS B 330 8.79 41.33 5.59
CA HIS B 330 8.44 42.36 4.58
C HIS B 330 9.54 42.39 3.54
N LEU B 331 9.22 42.09 2.30
CA LEU B 331 10.22 42.18 1.25
C LEU B 331 10.59 43.66 1.04
N ALA B 332 11.88 43.90 0.78
CA ALA B 332 12.41 45.24 0.54
C ALA B 332 11.82 45.91 -0.69
N SER B 333 11.81 47.24 -0.65
CA SER B 333 11.24 48.01 -1.75
C SER B 333 11.98 47.81 -3.05
N SER B 334 13.29 47.50 -2.98
CA SER B 334 14.05 47.28 -4.21
C SER B 334 13.45 46.18 -5.13
N PHE B 335 12.66 45.26 -4.56
CA PHE B 335 11.95 44.26 -5.35
C PHE B 335 11.02 44.87 -6.38
N LYS B 336 10.61 46.12 -6.16
CA LYS B 336 9.65 46.80 -7.04
C LYS B 336 10.18 46.95 -8.44
N ASN B 337 11.51 46.90 -8.56
CA ASN B 337 12.22 47.11 -9.82
C ASN B 337 12.35 45.85 -10.65
N LEU B 338 11.95 44.69 -10.13
CA LEU B 338 12.17 43.44 -10.85
C LEU B 338 11.10 43.20 -11.93
N VAL B 339 11.01 44.12 -12.89
CA VAL B 339 9.88 44.12 -13.82
C VAL B 339 9.86 42.93 -14.78
N SER B 340 11.01 42.29 -14.99
CA SER B 340 11.07 41.10 -15.84
C SER B 340 10.81 39.79 -15.06
N LEU B 341 10.63 39.88 -13.75
CA LEU B 341 10.56 38.67 -12.88
C LEU B 341 9.33 37.79 -13.14
N GLN B 342 9.57 36.53 -13.52
CA GLN B 342 8.50 35.54 -13.76
C GLN B 342 8.29 34.51 -12.64
N GLU B 343 9.34 34.22 -11.88
CA GLU B 343 9.32 33.12 -10.93
C GLU B 343 10.17 33.44 -9.72
N LEU B 344 9.60 33.27 -8.54
CA LEU B 344 10.28 33.59 -7.30
C LEU B 344 10.10 32.45 -6.33
N ASN B 345 11.18 31.99 -5.73
CA ASN B 345 11.11 30.87 -4.80
C ASN B 345 11.48 31.37 -3.41
N MET B 346 10.50 31.34 -2.50
CA MET B 346 10.64 31.79 -1.11
C MET B 346 10.32 30.68 -0.14
N ASN B 347 10.56 29.44 -0.58
CA ASN B 347 10.40 28.27 0.25
C ASN B 347 11.38 28.33 1.43
N GLY B 348 10.92 27.95 2.63
CA GLY B 348 11.84 27.61 3.72
C GLY B 348 12.63 28.75 4.32
N ILE B 349 12.02 29.93 4.39
CA ILE B 349 12.61 31.06 5.14
C ILE B 349 12.19 30.95 6.61
N PHE B 350 10.95 30.45 6.82
CA PHE B 350 10.34 30.21 8.12
C PHE B 350 9.81 31.52 8.74
N PHE B 351 8.57 31.87 8.36
CA PHE B 351 7.86 33.01 8.91
C PHE B 351 6.37 32.69 9.07
N ARG B 352 5.78 33.14 10.17
CA ARG B 352 4.47 32.64 10.60
C ARG B 352 3.24 33.37 10.11
N SER B 353 3.40 34.62 9.66
CA SER B 353 2.29 35.35 9.05
C SER B 353 2.64 35.83 7.68
N LEU B 354 1.65 35.71 6.80
CA LEU B 354 1.71 36.23 5.47
C LEU B 354 0.60 37.28 5.40
N ASN B 355 1.01 38.51 5.60
CA ASN B 355 0.18 39.69 5.63
C ASN B 355 0.00 40.25 4.24
N LYS B 356 -0.95 41.18 4.13
CA LYS B 356 -1.14 41.94 2.89
C LYS B 356 0.13 42.71 2.49
N TYR B 357 0.89 43.14 3.48
CA TYR B 357 2.08 43.89 3.22
C TYR B 357 3.29 43.02 2.88
N THR B 358 3.32 41.76 3.32
CA THR B 358 4.52 40.92 3.24
C THR B 358 5.15 40.94 1.85
N LEU B 359 4.29 40.82 0.85
CA LEU B 359 4.70 40.79 -0.54
C LEU B 359 4.21 42.01 -1.31
N ARG B 360 3.92 43.09 -0.60
CA ARG B 360 3.44 44.33 -1.20
C ARG B 360 4.27 44.72 -2.40
N TRP B 361 5.60 44.66 -2.30
CA TRP B 361 6.40 45.14 -3.40
C TRP B 361 6.46 44.22 -4.65
N LEU B 362 5.82 43.05 -4.59
CA LEU B 362 5.68 42.16 -5.74
C LEU B 362 4.38 42.37 -6.49
N ALA B 363 3.44 43.06 -5.86
CA ALA B 363 2.07 43.07 -6.36
C ALA B 363 1.85 43.83 -7.69
N ASP B 364 2.78 44.71 -8.07
CA ASP B 364 2.67 45.42 -9.36
C ASP B 364 3.65 44.97 -10.45
N LEU B 365 4.41 43.90 -10.19
CA LEU B 365 5.33 43.37 -11.18
C LEU B 365 4.54 42.71 -12.29
N PRO B 366 4.79 43.13 -13.55
CA PRO B 366 3.83 42.79 -14.59
C PRO B 366 3.89 41.37 -15.15
N LYS B 367 4.95 40.61 -14.84
CA LYS B 367 5.08 39.26 -15.41
C LYS B 367 5.37 38.15 -14.40
N LEU B 368 5.13 38.42 -13.11
CA LEU B 368 5.28 37.42 -12.06
C LEU B 368 4.18 36.35 -12.14
N HIS B 369 4.57 35.17 -12.64
CA HIS B 369 3.65 34.07 -12.93
C HIS B 369 3.62 33.04 -11.80
N THR B 370 4.75 32.86 -11.12
CA THR B 370 4.97 31.70 -10.30
C THR B 370 5.62 32.06 -8.98
N LEU B 371 4.97 31.68 -7.89
CA LEU B 371 5.43 32.03 -6.56
C LEU B 371 5.45 30.77 -5.67
N HIS B 372 6.59 30.43 -5.10
CA HIS B 372 6.74 29.28 -4.21
C HIS B 372 6.87 29.77 -2.77
N LEU B 373 5.95 29.38 -1.89
CA LEU B 373 5.94 29.77 -0.46
C LEU B 373 5.80 28.57 0.47
N GLN B 374 6.37 27.44 0.06
CA GLN B 374 6.27 26.18 0.81
C GLN B 374 7.15 26.19 2.01
N MET B 375 6.79 25.37 3.01
CA MET B 375 7.69 25.00 4.09
C MET B 375 8.14 26.23 4.84
N ASN B 376 7.20 27.11 5.17
CA ASN B 376 7.51 28.34 5.88
C ASN B 376 6.93 28.42 7.31
N PHE B 377 6.32 27.36 7.79
CA PHE B 377 5.58 27.37 9.07
C PHE B 377 4.53 28.49 9.18
N ILE B 378 3.96 28.86 8.05
CA ILE B 378 2.95 29.89 7.99
C ILE B 378 1.67 29.38 8.63
N ASN B 379 1.24 30.05 9.71
CA ASN B 379 -0.01 29.68 10.38
C ASN B 379 -1.13 30.70 10.20
N GLN B 380 -0.81 31.88 9.66
CA GLN B 380 -1.84 32.86 9.31
C GLN B 380 -1.55 33.44 7.95
N ALA B 381 -2.52 33.41 7.03
CA ALA B 381 -2.27 33.89 5.67
C ALA B 381 -3.44 34.63 5.06
N GLN B 382 -3.21 35.85 4.60
CA GLN B 382 -4.23 36.66 3.95
C GLN B 382 -4.20 36.29 2.50
N LEU B 383 -4.89 35.21 2.14
CA LEU B 383 -4.83 34.69 0.78
C LEU B 383 -5.41 35.67 -0.23
N SER B 384 -6.23 36.60 0.25
CA SER B 384 -6.86 37.57 -0.62
C SER B 384 -5.87 38.33 -1.49
N ILE B 385 -4.67 38.60 -0.98
CA ILE B 385 -3.69 39.37 -1.75
C ILE B 385 -3.38 38.81 -3.14
N PHE B 386 -3.47 37.49 -3.30
CA PHE B 386 -3.15 36.87 -4.57
C PHE B 386 -4.18 37.20 -5.66
N GLY B 387 -5.34 37.70 -5.23
CA GLY B 387 -6.34 38.19 -6.16
C GLY B 387 -6.00 39.47 -6.89
N THR B 388 -5.08 40.25 -6.30
CA THR B 388 -4.69 41.56 -6.80
C THR B 388 -3.41 41.52 -7.66
N PHE B 389 -2.69 40.39 -7.62
CA PHE B 389 -1.43 40.26 -8.34
C PHE B 389 -1.72 40.31 -9.82
N ARG B 390 -0.82 40.93 -10.57
CA ARG B 390 -1.16 41.33 -11.92
C ARG B 390 -1.16 40.17 -12.92
N ALA B 391 -0.31 39.16 -12.69
CA ALA B 391 -0.22 38.02 -13.62
C ALA B 391 0.06 36.66 -13.01
N LEU B 392 -0.22 36.48 -11.72
CA LEU B 392 -0.07 35.18 -11.09
C LEU B 392 -0.80 34.08 -11.81
N ARG B 393 -0.07 33.01 -12.12
CA ARG B 393 -0.64 31.80 -12.68
C ARG B 393 -0.60 30.61 -11.69
N PHE B 394 0.39 30.58 -10.80
CA PHE B 394 0.54 29.47 -9.83
C PHE B 394 1.12 30.00 -8.52
N VAL B 395 0.41 29.84 -7.41
CA VAL B 395 1.00 30.12 -6.10
C VAL B 395 0.94 28.90 -5.21
N ASP B 396 2.08 28.53 -4.66
CA ASP B 396 2.21 27.27 -3.92
C ASP B 396 2.47 27.57 -2.47
N LEU B 397 1.45 27.33 -1.66
CA LEU B 397 1.55 27.47 -0.22
C LEU B 397 1.49 26.11 0.49
N SER B 398 1.81 25.02 -0.22
CA SER B 398 1.76 23.69 0.36
C SER B 398 2.77 23.55 1.48
N ASP B 399 2.53 22.62 2.38
CA ASP B 399 3.45 22.34 3.51
C ASP B 399 3.62 23.54 4.44
N ASN B 400 2.48 24.06 4.89
CA ASN B 400 2.45 25.12 5.89
C ASN B 400 1.45 24.74 6.97
N ARG B 401 1.08 25.69 7.82
CA ARG B 401 0.18 25.42 8.96
C ARG B 401 -1.09 26.31 8.92
N ILE B 402 -1.52 26.66 7.71
CA ILE B 402 -2.76 27.41 7.56
C ILE B 402 -3.94 26.55 8.05
N SER B 403 -4.85 27.13 8.85
CA SER B 403 -6.02 26.37 9.34
C SER B 403 -7.37 27.04 9.12
N GLY B 404 -7.39 28.18 8.47
CA GLY B 404 -8.65 28.88 8.23
C GLY B 404 -8.46 30.24 7.60
N PRO B 405 -9.54 31.05 7.55
CA PRO B 405 -9.47 32.46 7.17
C PRO B 405 -8.49 33.21 8.06
N SER B 406 -7.88 34.27 7.56
CA SER B 406 -6.92 34.98 8.38
C SER B 406 -7.61 35.77 9.48
N THR B 407 -6.93 35.86 10.62
CA THR B 407 -7.37 36.66 11.76
C THR B 407 -6.66 38.04 11.78
N LEU B 408 -5.90 38.38 10.72
CA LEU B 408 -4.98 39.54 10.73
C LEU B 408 -5.54 40.76 9.98
N SER B 409 -4.82 41.89 10.06
CA SER B 409 -5.14 43.15 9.34
C SER B 409 -3.96 43.66 8.49
N LYS B 440 -2.47 10.84 -13.36
CA LYS B 440 -3.23 10.47 -12.16
C LYS B 440 -3.25 11.54 -11.03
N ASN B 441 -2.26 12.44 -10.99
CA ASN B 441 -2.28 13.62 -10.11
C ASN B 441 -3.18 14.67 -10.75
N PHE B 442 -4.33 14.93 -10.13
CA PHE B 442 -5.33 15.80 -10.76
C PHE B 442 -4.76 17.18 -11.12
N MET B 443 -3.77 17.66 -10.35
CA MET B 443 -3.21 19.00 -10.54
C MET B 443 -2.43 19.15 -11.86
N ASP B 444 -2.03 18.04 -12.50
CA ASP B 444 -1.34 18.14 -13.79
C ASP B 444 -2.23 18.77 -14.87
N ARG B 445 -3.54 18.60 -14.74
CA ARG B 445 -4.56 19.30 -15.56
C ARG B 445 -4.39 20.83 -15.56
N CYS B 446 -3.72 21.39 -14.56
CA CYS B 446 -3.72 22.83 -14.30
C CYS B 446 -2.45 23.55 -14.76
N LYS B 447 -1.53 22.83 -15.38
CA LYS B 447 -0.22 23.45 -15.71
C LYS B 447 -0.27 24.58 -16.76
N ASN B 448 -1.25 24.57 -17.65
CA ASN B 448 -1.46 25.69 -18.59
C ASN B 448 -2.51 26.67 -18.12
N PHE B 449 -3.10 26.45 -16.94
CA PHE B 449 -4.26 27.26 -16.51
C PHE B 449 -3.85 28.68 -16.17
N LYS B 450 -4.83 29.57 -16.14
CA LYS B 450 -4.54 30.97 -15.88
C LYS B 450 -4.31 31.20 -14.38
N PHE B 451 -4.84 30.32 -13.50
CA PHE B 451 -4.71 30.58 -12.06
C PHE B 451 -4.97 29.37 -11.14
N THR B 452 -3.90 28.89 -10.52
CA THR B 452 -3.91 27.71 -9.67
C THR B 452 -3.30 28.05 -8.32
N MET B 453 -3.91 27.60 -7.23
CA MET B 453 -3.34 27.70 -5.89
C MET B 453 -3.23 26.34 -5.20
N ASP B 454 -2.09 26.07 -4.59
CA ASP B 454 -1.86 24.80 -3.91
C ASP B 454 -1.83 25.07 -2.41
N LEU B 455 -2.85 24.61 -1.70
CA LEU B 455 -2.91 24.71 -0.24
C LEU B 455 -2.79 23.35 0.40
N SER B 456 -2.24 22.38 -0.33
CA SER B 456 -2.13 21.00 0.18
C SER B 456 -1.18 20.96 1.35
N ARG B 457 -1.28 19.94 2.17
CA ARG B 457 -0.38 19.76 3.32
C ARG B 457 -0.38 20.99 4.21
N ASN B 458 -1.58 21.42 4.56
CA ASN B 458 -1.79 22.45 5.57
C ASN B 458 -2.63 21.85 6.69
N ASN B 459 -3.18 22.67 7.59
CA ASN B 459 -3.81 22.17 8.79
C ASN B 459 -5.30 22.46 8.75
N LEU B 460 -5.91 22.41 7.57
CA LEU B 460 -7.33 22.68 7.49
C LEU B 460 -8.14 21.50 7.99
N VAL B 461 -9.10 21.80 8.86
CA VAL B 461 -10.05 20.81 9.35
C VAL B 461 -11.46 21.08 8.84
N THR B 462 -11.79 22.33 8.57
CA THR B 462 -13.08 22.71 7.98
C THR B 462 -12.81 23.77 6.95
N ILE B 463 -13.66 23.89 5.96
CA ILE B 463 -13.52 24.92 4.94
C ILE B 463 -14.60 25.97 5.20
N LYS B 464 -14.16 27.22 5.30
CA LYS B 464 -15.07 28.35 5.40
C LYS B 464 -14.98 29.17 4.11
N PRO B 465 -16.13 29.52 3.53
CA PRO B 465 -16.10 30.26 2.26
C PRO B 465 -15.32 31.59 2.35
N GLU B 466 -15.26 32.20 3.53
CA GLU B 466 -14.53 33.45 3.68
C GLU B 466 -13.03 33.30 3.40
N MET B 467 -12.46 32.11 3.51
CA MET B 467 -11.03 31.97 3.19
C MET B 467 -10.77 32.24 1.70
N PHE B 468 -11.84 32.27 0.90
CA PHE B 468 -11.71 32.46 -0.54
C PHE B 468 -12.07 33.87 -1.07
N VAL B 469 -12.23 34.85 -0.20
CA VAL B 469 -12.59 36.18 -0.69
C VAL B 469 -11.52 36.68 -1.62
N GLN B 470 -11.97 37.24 -2.75
CA GLN B 470 -11.13 37.78 -3.80
C GLN B 470 -10.39 36.76 -4.64
N LEU B 471 -10.69 35.48 -4.47
CA LEU B 471 -10.06 34.44 -5.29
C LEU B 471 -11.03 33.88 -6.32
N SER B 472 -11.98 34.69 -6.76
CA SER B 472 -12.99 34.21 -7.71
C SER B 472 -12.39 33.85 -9.08
N ARG B 473 -11.19 34.35 -9.37
CA ARG B 473 -10.55 34.04 -10.63
C ARG B 473 -9.91 32.63 -10.63
N LEU B 474 -9.85 31.94 -9.49
CA LEU B 474 -9.16 30.65 -9.41
C LEU B 474 -9.81 29.62 -10.28
N GLN B 475 -8.98 28.93 -11.05
CA GLN B 475 -9.41 27.82 -11.86
C GLN B 475 -9.10 26.48 -11.24
N CYS B 476 -8.05 26.42 -10.44
CA CYS B 476 -7.60 25.18 -9.82
C CYS B 476 -7.16 25.40 -8.40
N LEU B 477 -7.52 24.47 -7.53
CA LEU B 477 -7.18 24.55 -6.11
C LEU B 477 -6.89 23.17 -5.59
N SER B 478 -5.81 23.05 -4.83
CA SER B 478 -5.59 21.82 -4.11
C SER B 478 -5.75 22.08 -2.65
N LEU B 479 -6.56 21.25 -2.01
CA LEU B 479 -6.60 21.16 -0.57
C LEU B 479 -6.20 19.76 -0.11
N SER B 480 -5.38 19.08 -0.89
CA SER B 480 -5.14 17.67 -0.61
C SER B 480 -4.28 17.56 0.60
N HIS B 481 -4.31 16.42 1.25
CA HIS B 481 -3.42 16.14 2.37
C HIS B 481 -3.57 17.14 3.51
N ASN B 482 -4.80 17.55 3.77
CA ASN B 482 -5.11 18.38 4.92
C ASN B 482 -5.77 17.44 5.93
N SER B 483 -6.62 17.95 6.83
CA SER B 483 -7.27 17.09 7.82
C SER B 483 -8.78 17.39 7.81
N ILE B 484 -9.32 17.62 6.62
CA ILE B 484 -10.65 18.18 6.50
C ILE B 484 -11.62 17.09 6.84
N ALA B 485 -12.41 17.32 7.87
CA ALA B 485 -13.37 16.33 8.40
C ALA B 485 -14.74 17.01 8.47
N GLN B 486 -15.48 17.01 7.39
CA GLN B 486 -16.57 17.94 7.27
C GLN B 486 -17.62 17.32 6.37
N ALA B 487 -18.87 17.39 6.79
CA ALA B 487 -20.01 17.01 5.99
C ALA B 487 -20.35 18.15 5.03
N VAL B 488 -19.53 18.32 3.98
CA VAL B 488 -19.78 19.33 2.97
C VAL B 488 -21.22 19.33 2.48
N GLN B 489 -21.77 20.54 2.27
CA GLN B 489 -23.20 20.71 2.00
C GLN B 489 -23.56 21.96 1.21
N GLY B 490 -22.63 22.45 0.40
CA GLY B 490 -22.96 23.51 -0.55
C GLY B 490 -22.53 24.93 -0.20
N SER B 491 -21.99 25.14 1.00
CA SER B 491 -21.67 26.49 1.48
C SER B 491 -20.18 26.70 1.69
N GLN B 492 -19.36 25.77 1.26
CA GLN B 492 -17.94 25.84 1.57
C GLN B 492 -17.17 26.69 0.57
N PHE B 493 -17.57 26.64 -0.70
CA PHE B 493 -16.77 27.16 -1.78
C PHE B 493 -17.45 28.30 -2.57
N LEU B 494 -18.34 29.06 -1.91
CA LEU B 494 -19.26 30.01 -2.58
C LEU B 494 -18.56 30.97 -3.52
N PRO B 495 -17.45 31.60 -3.08
CA PRO B 495 -16.81 32.53 -3.99
C PRO B 495 -16.16 31.96 -5.26
N LEU B 496 -15.95 30.65 -5.35
CA LEU B 496 -15.07 30.13 -6.39
C LEU B 496 -15.84 29.82 -7.68
N THR B 497 -16.37 30.86 -8.29
CA THR B 497 -17.27 30.75 -9.44
C THR B 497 -16.60 30.27 -10.74
N ASN B 498 -15.27 30.33 -10.80
CA ASN B 498 -14.55 29.84 -11.98
C ASN B 498 -13.73 28.58 -11.76
N LEU B 499 -13.81 27.99 -10.57
CA LEU B 499 -13.02 26.79 -10.26
C LEU B 499 -13.45 25.60 -11.10
N GLN B 500 -12.49 25.05 -11.85
CA GLN B 500 -12.73 23.86 -12.67
C GLN B 500 -12.15 22.57 -12.06
N VAL B 501 -11.05 22.68 -11.31
CA VAL B 501 -10.39 21.51 -10.73
C VAL B 501 -10.25 21.70 -9.23
N LEU B 502 -10.61 20.66 -8.47
CA LEU B 502 -10.53 20.68 -7.01
C LEU B 502 -10.00 19.34 -6.53
N ASP B 503 -8.83 19.37 -5.91
CA ASP B 503 -8.19 18.15 -5.39
C ASP B 503 -8.45 18.13 -3.89
N LEU B 504 -9.28 17.18 -3.44
CA LEU B 504 -9.56 17.04 -2.00
C LEU B 504 -9.00 15.71 -1.48
N SER B 505 -8.06 15.13 -2.22
CA SER B 505 -7.55 13.82 -1.85
C SER B 505 -6.85 13.82 -0.50
N HIS B 506 -6.83 12.66 0.16
CA HIS B 506 -6.14 12.52 1.44
C HIS B 506 -6.71 13.50 2.52
N ASN B 507 -8.02 13.48 2.69
CA ASN B 507 -8.69 14.16 3.81
C ASN B 507 -9.62 13.16 4.52
N LYS B 508 -10.59 13.68 5.28
CA LYS B 508 -11.59 12.85 5.96
C LYS B 508 -13.02 13.37 5.73
N LEU B 509 -13.30 13.72 4.49
CA LEU B 509 -14.60 14.22 4.11
C LEU B 509 -15.70 13.20 4.32
N ASP B 510 -16.84 13.73 4.78
CA ASP B 510 -18.02 12.95 5.07
C ASP B 510 -19.03 13.18 3.94
N LEU B 511 -19.13 12.21 3.04
CA LEU B 511 -19.98 12.38 1.90
C LEU B 511 -21.36 11.87 2.27
N TYR B 512 -22.28 12.83 2.35
CA TYR B 512 -23.58 12.61 2.97
C TYR B 512 -24.65 13.58 2.45
N HIS B 513 -24.42 14.88 2.58
CA HIS B 513 -25.39 15.89 2.10
C HIS B 513 -25.40 16.06 0.57
N TRP B 514 -26.59 16.14 -0.02
CA TRP B 514 -26.70 16.11 -1.47
C TRP B 514 -26.23 17.38 -2.17
N LYS B 515 -26.14 18.48 -1.42
CA LYS B 515 -25.68 19.75 -1.98
C LYS B 515 -24.15 19.92 -2.04
N SER B 516 -23.38 19.00 -1.46
CA SER B 516 -21.91 18.98 -1.63
C SER B 516 -21.46 19.47 -3.00
N PHE B 517 -20.64 20.51 -3.04
CA PHE B 517 -19.97 20.94 -4.27
C PHE B 517 -20.87 21.58 -5.35
N SER B 518 -22.18 21.70 -5.12
CA SER B 518 -23.08 22.27 -6.12
C SER B 518 -22.96 23.80 -6.24
N GLU B 519 -22.28 24.43 -5.30
CA GLU B 519 -21.89 25.82 -5.42
C GLU B 519 -20.70 26.04 -6.35
N LEU B 520 -20.23 25.01 -7.04
CA LEU B 520 -19.08 25.23 -7.93
C LEU B 520 -19.55 25.06 -9.37
N PRO B 521 -19.95 26.16 -10.02
CA PRO B 521 -20.67 26.00 -11.28
C PRO B 521 -19.82 25.45 -12.41
N GLN B 522 -18.51 25.68 -12.37
CA GLN B 522 -17.62 25.25 -13.43
C GLN B 522 -16.81 23.96 -13.11
N LEU B 523 -17.08 23.31 -11.98
CA LEU B 523 -16.30 22.15 -11.53
C LEU B 523 -16.35 20.97 -12.51
N GLN B 524 -15.18 20.62 -13.04
CA GLN B 524 -15.02 19.55 -14.04
C GLN B 524 -14.23 18.34 -13.59
N ALA B 525 -13.30 18.54 -12.66
CA ALA B 525 -12.49 17.47 -12.13
C ALA B 525 -12.44 17.60 -10.59
N LEU B 526 -12.85 16.55 -9.91
CA LEU B 526 -12.91 16.50 -8.47
C LEU B 526 -12.22 15.22 -7.96
N ASP B 527 -11.17 15.39 -7.16
CA ASP B 527 -10.51 14.21 -6.60
C ASP B 527 -10.90 14.02 -5.13
N LEU B 528 -11.66 12.97 -4.82
CA LEU B 528 -12.04 12.62 -3.44
C LEU B 528 -11.34 11.35 -2.92
N SER B 529 -10.18 11.02 -3.48
CA SER B 529 -9.50 9.80 -3.18
C SER B 529 -8.89 9.86 -1.81
N TYR B 530 -8.66 8.68 -1.22
CA TYR B 530 -8.03 8.58 0.12
C TYR B 530 -8.76 9.45 1.16
N ASN B 531 -10.08 9.45 1.10
CA ASN B 531 -10.95 9.90 2.19
C ASN B 531 -11.63 8.70 2.82
N SER B 532 -10.84 7.70 3.17
CA SER B 532 -11.39 6.40 3.54
C SER B 532 -11.95 6.31 4.96
N GLN B 533 -11.41 7.10 5.88
CA GLN B 533 -11.72 6.85 7.28
C GLN B 533 -13.23 6.82 7.57
N PRO B 534 -14.02 7.76 7.02
CA PRO B 534 -15.44 7.68 7.31
C PRO B 534 -16.09 6.42 6.78
N PHE B 535 -15.64 5.94 5.62
CA PHE B 535 -16.25 4.76 5.02
C PHE B 535 -15.92 3.48 5.79
N SER B 536 -14.90 3.54 6.67
CA SER B 536 -14.50 2.42 7.49
C SER B 536 -15.26 2.36 8.81
N MET B 537 -16.08 3.37 9.12
CA MET B 537 -16.94 3.33 10.33
C MET B 537 -18.08 2.31 10.19
N LYS B 538 -18.01 1.21 10.95
CA LYS B 538 -19.00 0.14 10.84
C LYS B 538 -20.32 0.51 11.54
N GLY B 539 -21.29 0.92 10.74
CA GLY B 539 -22.59 1.25 11.25
C GLY B 539 -23.06 2.64 10.87
N ILE B 540 -22.18 3.45 10.34
CA ILE B 540 -22.55 4.74 9.79
C ILE B 540 -22.38 4.75 8.27
N GLY B 541 -23.48 5.07 7.59
CA GLY B 541 -23.49 5.01 6.13
C GLY B 541 -23.20 6.35 5.51
N HIS B 542 -23.19 6.36 4.18
CA HIS B 542 -22.83 7.57 3.39
C HIS B 542 -23.66 7.65 2.15
N ASN B 543 -23.49 8.72 1.41
CA ASN B 543 -24.41 9.00 0.33
C ASN B 543 -23.74 9.75 -0.80
N PHE B 544 -23.87 9.21 -2.00
CA PHE B 544 -23.23 9.75 -3.22
C PHE B 544 -24.21 10.49 -4.14
N SER B 545 -25.43 10.75 -3.66
CA SER B 545 -26.43 11.39 -4.49
C SER B 545 -25.99 12.80 -4.96
N PHE B 546 -25.04 13.41 -4.24
CA PHE B 546 -24.48 14.68 -4.70
C PHE B 546 -23.92 14.63 -6.13
N VAL B 547 -23.45 13.47 -6.56
CA VAL B 547 -22.78 13.40 -7.85
C VAL B 547 -23.72 13.82 -8.96
N ALA B 548 -24.99 13.45 -8.85
CA ALA B 548 -26.02 13.80 -9.84
C ALA B 548 -26.25 15.29 -10.06
N HIS B 549 -25.93 16.11 -9.08
CA HIS B 549 -26.15 17.56 -9.14
C HIS B 549 -24.90 18.32 -9.62
N LEU B 550 -23.80 17.61 -9.92
CA LEU B 550 -22.58 18.29 -10.42
C LEU B 550 -22.58 18.28 -11.95
N SER B 551 -23.10 19.36 -12.51
CA SER B 551 -23.60 19.27 -13.88
C SER B 551 -22.51 19.44 -14.96
N MET B 552 -21.35 19.96 -14.57
CA MET B 552 -20.17 20.06 -15.43
C MET B 552 -19.11 18.97 -15.16
N LEU B 553 -19.32 18.14 -14.16
CA LEU B 553 -18.29 17.19 -13.69
C LEU B 553 -18.00 16.16 -14.75
N HIS B 554 -16.73 16.09 -15.13
CA HIS B 554 -16.26 15.22 -16.19
C HIS B 554 -15.32 14.12 -15.62
N SER B 555 -14.55 14.45 -14.60
CA SER B 555 -13.61 13.51 -14.00
C SER B 555 -13.80 13.44 -12.48
N LEU B 556 -13.95 12.22 -11.96
CA LEU B 556 -14.20 11.99 -10.56
C LEU B 556 -13.35 10.85 -10.05
N SER B 557 -12.69 11.03 -8.93
CA SER B 557 -12.01 9.92 -8.26
C SER B 557 -12.62 9.69 -6.89
N LEU B 558 -13.04 8.46 -6.66
CA LEU B 558 -13.44 7.96 -5.37
C LEU B 558 -12.49 6.84 -4.94
N ALA B 559 -11.26 6.88 -5.45
CA ALA B 559 -10.34 5.77 -5.24
C ALA B 559 -9.84 5.66 -3.79
N HIS B 560 -9.44 4.45 -3.42
CA HIS B 560 -8.84 4.17 -2.13
C HIS B 560 -9.67 4.72 -0.98
N ASN B 561 -10.98 4.48 -1.03
CA ASN B 561 -11.88 5.02 -0.03
C ASN B 561 -12.48 3.95 0.88
N ASP B 562 -12.13 2.68 0.67
CA ASP B 562 -12.73 1.58 1.44
C ASP B 562 -14.26 1.59 1.31
N ILE B 563 -14.78 1.96 0.14
CA ILE B 563 -16.22 1.98 -0.05
C ILE B 563 -16.68 0.54 -0.19
N HIS B 564 -17.44 0.08 0.80
CA HIS B 564 -17.83 -1.33 0.80
C HIS B 564 -19.17 -1.68 1.38
N THR B 565 -19.79 -0.75 2.08
CA THR B 565 -21.04 -1.03 2.75
C THR B 565 -21.74 0.27 3.09
N ARG B 566 -23.08 0.20 3.12
CA ARG B 566 -23.90 1.27 3.60
C ARG B 566 -23.68 2.57 2.84
N VAL B 567 -23.75 2.48 1.53
CA VAL B 567 -23.74 3.66 0.67
C VAL B 567 -24.96 3.64 -0.24
N SER B 568 -25.23 4.77 -0.87
CA SER B 568 -26.28 4.81 -1.89
C SER B 568 -26.02 3.76 -2.98
N SER B 569 -27.10 3.21 -3.51
CA SER B 569 -27.02 2.07 -4.38
C SER B 569 -26.86 2.42 -5.88
N HIS B 570 -26.96 3.69 -6.22
CA HIS B 570 -26.92 4.16 -7.64
C HIS B 570 -26.05 5.43 -7.72
N LEU B 571 -24.98 5.45 -8.53
CA LEU B 571 -24.41 6.71 -8.96
C LEU B 571 -25.15 7.17 -10.22
N ASN B 572 -25.34 8.49 -10.34
CA ASN B 572 -26.02 9.09 -11.50
C ASN B 572 -25.32 10.35 -11.97
N SER B 573 -25.22 10.49 -13.29
CA SER B 573 -24.67 11.69 -13.89
C SER B 573 -24.94 11.64 -15.38
N ASN B 574 -24.96 12.81 -16.02
CA ASN B 574 -24.92 12.90 -17.49
C ASN B 574 -23.59 13.42 -18.02
N SER B 575 -22.70 13.85 -17.14
CA SER B 575 -21.44 14.50 -17.57
C SER B 575 -20.18 13.66 -17.28
N VAL B 576 -20.22 12.81 -16.25
CA VAL B 576 -19.01 12.11 -15.82
C VAL B 576 -18.52 11.18 -16.91
N ARG B 577 -17.26 11.32 -17.26
CA ARG B 577 -16.61 10.52 -18.32
C ARG B 577 -15.51 9.57 -17.81
N PHE B 578 -14.78 9.99 -16.79
CA PHE B 578 -13.77 9.18 -16.11
C PHE B 578 -14.14 9.02 -14.63
N LEU B 579 -14.31 7.80 -14.17
CA LEU B 579 -14.46 7.49 -12.75
C LEU B 579 -13.38 6.50 -12.30
N ASP B 580 -12.53 6.95 -11.36
CA ASP B 580 -11.57 6.08 -10.71
C ASP B 580 -12.20 5.54 -9.42
N PHE B 581 -12.50 4.26 -9.40
CA PHE B 581 -13.05 3.60 -8.23
C PHE B 581 -12.08 2.54 -7.66
N SER B 582 -10.83 2.63 -8.04
CA SER B 582 -9.81 1.74 -7.50
C SER B 582 -9.74 1.75 -5.99
N GLY B 583 -9.44 0.58 -5.42
CA GLY B 583 -9.10 0.50 -3.99
C GLY B 583 -10.32 0.62 -3.11
N ASN B 584 -11.42 0.04 -3.57
CA ASN B 584 -12.64 -0.01 -2.82
C ASN B 584 -13.07 -1.48 -2.66
N GLY B 585 -14.32 -1.72 -2.32
CA GLY B 585 -14.77 -3.07 -2.05
C GLY B 585 -15.98 -3.43 -2.86
N MET B 586 -15.86 -3.32 -4.18
CA MET B 586 -16.95 -3.67 -5.08
C MET B 586 -17.24 -5.16 -4.99
N GLY B 587 -16.20 -5.93 -4.73
CA GLY B 587 -16.38 -7.36 -4.48
C GLY B 587 -17.45 -7.58 -3.43
N ARG B 588 -17.31 -6.89 -2.32
CA ARG B 588 -18.27 -7.06 -1.25
C ARG B 588 -19.63 -6.45 -1.62
N MET B 589 -19.63 -5.33 -2.36
CA MET B 589 -20.87 -4.71 -2.74
C MET B 589 -21.69 -5.60 -3.69
N TRP B 590 -21.02 -6.28 -4.62
CA TRP B 590 -21.69 -7.15 -5.58
C TRP B 590 -21.98 -8.53 -5.01
N ASP B 591 -21.63 -8.75 -3.74
CA ASP B 591 -22.07 -9.93 -3.01
C ASP B 591 -23.27 -9.66 -2.10
N GLU B 592 -23.86 -8.46 -2.16
CA GLU B 592 -25.02 -8.13 -1.33
C GLU B 592 -26.36 -8.25 -2.05
N GLY B 593 -26.68 -9.43 -2.55
CA GLY B 593 -27.88 -9.61 -3.36
C GLY B 593 -27.86 -8.60 -4.50
N GLY B 594 -28.99 -8.03 -4.81
CA GLY B 594 -29.01 -7.10 -5.92
C GLY B 594 -28.76 -5.65 -5.56
N LEU B 595 -28.36 -5.38 -4.33
CA LEU B 595 -28.36 -4.01 -3.86
C LEU B 595 -27.53 -3.06 -4.71
N TYR B 596 -26.34 -3.50 -5.14
CA TYR B 596 -25.43 -2.61 -5.87
C TYR B 596 -25.25 -3.05 -7.31
N LEU B 597 -26.23 -3.80 -7.80
CA LEU B 597 -26.11 -4.38 -9.13
C LEU B 597 -26.09 -3.32 -10.26
N HIS B 598 -26.70 -2.16 -10.01
CA HIS B 598 -26.78 -1.08 -11.00
C HIS B 598 -26.02 0.14 -10.53
N PHE B 599 -25.00 -0.06 -9.67
CA PHE B 599 -24.25 1.07 -9.05
C PHE B 599 -23.70 2.08 -10.07
N PHE B 600 -23.08 1.58 -11.13
CA PHE B 600 -22.46 2.46 -12.13
C PHE B 600 -23.38 2.81 -13.28
N GLN B 601 -24.53 2.16 -13.35
CA GLN B 601 -25.30 2.17 -14.57
C GLN B 601 -25.75 3.56 -14.96
N GLY B 602 -26.21 4.34 -13.98
CA GLY B 602 -26.69 5.68 -14.27
C GLY B 602 -25.64 6.73 -14.55
N LEU B 603 -24.37 6.34 -14.72
CA LEU B 603 -23.37 7.26 -15.19
C LEU B 603 -23.43 7.31 -16.73
N SER B 604 -24.42 8.03 -17.28
CA SER B 604 -24.60 8.07 -18.74
C SER B 604 -23.44 8.72 -19.41
N GLY B 605 -22.93 8.07 -20.43
CA GLY B 605 -21.79 8.60 -21.14
C GLY B 605 -20.46 8.17 -20.60
N LEU B 606 -20.41 7.43 -19.51
CA LEU B 606 -19.14 7.08 -18.88
C LEU B 606 -18.25 6.42 -19.93
N LEU B 607 -17.01 6.86 -20.01
CA LEU B 607 -16.05 6.34 -20.97
C LEU B 607 -14.96 5.48 -20.33
N LYS B 608 -14.52 5.82 -19.12
CA LYS B 608 -13.47 5.05 -18.44
C LYS B 608 -13.84 4.76 -16.98
N LEU B 609 -13.68 3.50 -16.60
CA LEU B 609 -13.95 3.06 -15.25
C LEU B 609 -12.82 2.21 -14.70
N ASP B 610 -12.22 2.65 -13.60
CA ASP B 610 -11.18 1.88 -12.95
C ASP B 610 -11.71 1.13 -11.74
N LEU B 611 -11.74 -0.20 -11.86
CA LEU B 611 -12.17 -1.07 -10.78
C LEU B 611 -11.00 -1.92 -10.28
N SER B 612 -9.77 -1.44 -10.44
CA SER B 612 -8.65 -2.19 -9.90
C SER B 612 -8.71 -2.25 -8.37
N GLN B 613 -8.09 -3.29 -7.80
CA GLN B 613 -7.99 -3.45 -6.36
C GLN B 613 -9.33 -3.27 -5.67
N ASN B 614 -10.32 -4.03 -6.11
CA ASN B 614 -11.63 -4.01 -5.50
C ASN B 614 -12.02 -5.35 -4.88
N ASN B 615 -11.03 -6.21 -4.60
CA ASN B 615 -11.26 -7.54 -4.02
C ASN B 615 -12.32 -8.33 -4.74
N LEU B 616 -12.31 -8.27 -6.06
CA LEU B 616 -13.22 -9.07 -6.86
C LEU B 616 -12.67 -10.47 -7.01
N HIS B 617 -13.40 -11.44 -6.48
CA HIS B 617 -13.09 -12.86 -6.60
C HIS B 617 -13.88 -13.54 -7.73
N ILE B 618 -14.91 -12.87 -8.23
CA ILE B 618 -15.69 -13.35 -9.35
C ILE B 618 -16.37 -12.19 -10.06
N LEU B 619 -16.69 -12.37 -11.33
CA LEU B 619 -17.60 -11.47 -12.00
C LEU B 619 -18.68 -12.21 -12.79
N ARG B 620 -19.92 -11.86 -12.56
CA ARG B 620 -21.04 -12.36 -13.35
C ARG B 620 -21.28 -11.50 -14.61
N PRO B 621 -21.96 -12.08 -15.63
CA PRO B 621 -22.17 -11.29 -16.83
C PRO B 621 -23.02 -10.06 -16.57
N GLN B 622 -24.03 -10.19 -15.67
CA GLN B 622 -24.91 -9.08 -15.32
C GLN B 622 -24.08 -7.89 -14.80
N ASN B 623 -22.98 -8.15 -14.11
CA ASN B 623 -22.14 -7.07 -13.56
C ASN B 623 -21.50 -6.22 -14.67
N LEU B 624 -21.00 -6.85 -15.73
CA LEU B 624 -20.50 -6.07 -16.87
C LEU B 624 -21.63 -5.45 -17.69
N ASP B 625 -22.71 -6.22 -17.88
CA ASP B 625 -23.83 -5.77 -18.68
C ASP B 625 -24.51 -4.53 -18.11
N ASN B 626 -24.39 -4.28 -16.80
CA ASN B 626 -25.00 -3.12 -16.17
C ASN B 626 -24.03 -1.95 -15.98
N LEU B 627 -22.80 -2.08 -16.52
CA LEU B 627 -21.97 -0.89 -16.68
C LEU B 627 -22.56 -0.08 -17.82
N PRO B 628 -22.29 1.22 -17.86
CA PRO B 628 -22.77 2.05 -18.98
C PRO B 628 -22.25 1.53 -20.32
N LYS B 629 -23.16 1.42 -21.28
CA LYS B 629 -22.83 0.93 -22.63
C LYS B 629 -21.79 1.77 -23.40
N SER B 630 -21.62 3.02 -22.99
CA SER B 630 -20.62 3.93 -23.55
C SER B 630 -19.14 3.58 -23.20
N LEU B 631 -18.94 2.60 -22.34
CA LEU B 631 -17.64 2.36 -21.76
C LEU B 631 -16.59 1.93 -22.78
N LYS B 632 -15.47 2.65 -22.80
CA LYS B 632 -14.32 2.35 -23.65
C LYS B 632 -13.13 1.76 -22.92
N LEU B 633 -13.04 1.99 -21.62
CA LEU B 633 -11.92 1.50 -20.82
C LEU B 633 -12.41 0.97 -19.48
N LEU B 634 -12.03 -0.28 -19.20
CA LEU B 634 -12.32 -0.95 -17.96
C LEU B 634 -11.01 -1.55 -17.43
N SER B 635 -10.67 -1.21 -16.18
CA SER B 635 -9.52 -1.81 -15.52
C SER B 635 -10.02 -2.68 -14.39
N LEU B 636 -9.57 -3.93 -14.37
CA LEU B 636 -9.81 -4.88 -13.32
C LEU B 636 -8.45 -5.32 -12.74
N ARG B 637 -7.45 -4.46 -12.87
CA ARG B 637 -6.07 -4.77 -12.43
C ARG B 637 -6.02 -5.13 -10.94
N ASP B 638 -5.21 -6.12 -10.59
CA ASP B 638 -4.97 -6.47 -9.20
C ASP B 638 -6.21 -6.81 -8.40
N ASN B 639 -7.04 -7.67 -8.97
CA ASN B 639 -8.14 -8.28 -8.26
C ASN B 639 -7.80 -9.78 -8.00
N TYR B 640 -8.77 -10.64 -7.72
CA TYR B 640 -8.50 -12.05 -7.48
C TYR B 640 -9.31 -12.89 -8.44
N LEU B 641 -9.37 -12.48 -9.70
CA LEU B 641 -10.13 -13.20 -10.69
C LEU B 641 -9.35 -14.42 -11.18
N SER B 642 -9.91 -15.62 -11.04
CA SER B 642 -9.32 -16.80 -11.63
C SER B 642 -10.20 -17.44 -12.70
N PHE B 643 -11.23 -16.74 -13.10
CA PHE B 643 -12.08 -17.13 -14.18
C PHE B 643 -12.56 -15.86 -14.89
N PHE B 644 -12.67 -15.88 -16.21
CA PHE B 644 -13.29 -14.76 -16.92
C PHE B 644 -13.96 -15.31 -18.16
N GLN B 645 -15.26 -15.03 -18.26
CA GLN B 645 -16.08 -15.47 -19.39
C GLN B 645 -15.98 -14.41 -20.51
N TRP B 646 -15.14 -14.71 -21.50
CA TRP B 646 -14.81 -13.73 -22.54
C TRP B 646 -15.97 -13.30 -23.43
N THR B 647 -16.97 -14.15 -23.55
CA THR B 647 -18.15 -13.81 -24.34
C THR B 647 -18.90 -12.64 -23.71
N SER B 648 -18.73 -12.42 -22.41
CA SER B 648 -19.28 -11.21 -21.77
C SER B 648 -18.74 -9.88 -22.30
N LEU B 649 -17.65 -9.89 -23.04
CA LEU B 649 -17.19 -8.66 -23.73
C LEU B 649 -18.18 -8.13 -24.75
N SER B 650 -19.06 -9.00 -25.25
CA SER B 650 -20.13 -8.55 -26.15
C SER B 650 -21.09 -7.59 -25.45
N PHE B 651 -21.18 -7.64 -24.12
CA PHE B 651 -21.97 -6.68 -23.36
C PHE B 651 -21.24 -5.33 -23.11
N LEU B 652 -20.00 -5.17 -23.58
CA LEU B 652 -19.29 -3.92 -23.52
C LEU B 652 -18.95 -3.53 -24.95
N PRO B 653 -19.97 -3.07 -25.67
CA PRO B 653 -19.77 -2.96 -27.13
C PRO B 653 -18.75 -1.96 -27.51
N ASN B 654 -18.55 -0.92 -26.73
CA ASN B 654 -17.58 0.12 -27.09
C ASN B 654 -16.17 -0.07 -26.49
N LEU B 655 -15.96 -1.19 -25.77
CA LEU B 655 -14.69 -1.38 -25.06
C LEU B 655 -13.55 -1.38 -26.04
N GLU B 656 -12.54 -0.58 -25.74
CA GLU B 656 -11.27 -0.54 -26.48
C GLU B 656 -10.07 -0.99 -25.62
N VAL B 657 -10.16 -0.84 -24.30
CA VAL B 657 -9.04 -1.20 -23.46
C VAL B 657 -9.53 -2.00 -22.28
N LEU B 658 -8.89 -3.14 -22.05
CA LEU B 658 -9.21 -4.01 -20.93
C LEU B 658 -7.91 -4.41 -20.25
N ASP B 659 -7.84 -4.15 -18.94
CA ASP B 659 -6.68 -4.45 -18.15
C ASP B 659 -7.07 -5.49 -17.11
N LEU B 660 -6.59 -6.71 -17.29
CA LEU B 660 -6.79 -7.80 -16.31
C LEU B 660 -5.47 -8.25 -15.65
N ALA B 661 -4.46 -7.39 -15.70
CA ALA B 661 -3.16 -7.72 -15.10
C ALA B 661 -3.28 -7.94 -13.60
N GLY B 662 -2.39 -8.76 -13.07
CA GLY B 662 -2.34 -9.02 -11.63
C GLY B 662 -3.49 -9.82 -11.07
N ASN B 663 -4.19 -10.58 -11.92
CA ASN B 663 -5.25 -11.46 -11.41
C ASN B 663 -4.69 -12.88 -11.27
N GLN B 664 -5.54 -13.91 -11.22
CA GLN B 664 -5.06 -15.28 -11.05
C GLN B 664 -5.57 -16.18 -12.24
N LEU B 665 -5.66 -15.62 -13.43
CA LEU B 665 -6.07 -16.40 -14.60
C LEU B 665 -5.07 -17.54 -14.87
N LYS B 666 -5.59 -18.75 -15.09
CA LYS B 666 -4.74 -19.94 -15.32
C LYS B 666 -4.51 -20.24 -16.79
N ALA B 667 -5.33 -19.61 -17.63
CA ALA B 667 -5.29 -19.77 -19.05
C ALA B 667 -6.20 -18.72 -19.69
N LEU B 668 -6.09 -18.55 -21.01
CA LEU B 668 -7.05 -17.76 -21.73
C LEU B 668 -7.95 -18.81 -22.39
N THR B 669 -9.16 -18.94 -21.85
CA THR B 669 -10.05 -20.02 -22.18
C THR B 669 -11.46 -19.61 -21.73
N ASN B 670 -12.45 -20.49 -21.84
CA ASN B 670 -13.84 -20.14 -21.55
C ASN B 670 -14.27 -19.02 -22.45
N GLY B 671 -14.07 -19.25 -23.75
CA GLY B 671 -14.46 -18.30 -24.78
C GLY B 671 -13.26 -17.69 -25.46
N THR B 672 -13.55 -16.91 -26.48
CA THR B 672 -12.54 -16.25 -27.26
C THR B 672 -13.00 -14.82 -27.38
N LEU B 673 -12.12 -13.94 -27.76
CA LEU B 673 -12.56 -12.57 -27.97
C LEU B 673 -13.65 -12.63 -29.04
N PRO B 674 -14.81 -12.03 -28.78
CA PRO B 674 -15.91 -12.19 -29.70
C PRO B 674 -15.80 -11.30 -30.95
N ASN B 675 -16.42 -11.78 -32.02
CA ASN B 675 -16.53 -11.05 -33.25
C ASN B 675 -17.16 -9.67 -33.01
N GLY B 676 -16.66 -8.66 -33.72
CA GLY B 676 -17.18 -7.30 -33.59
C GLY B 676 -16.59 -6.48 -32.43
N THR B 677 -15.84 -7.11 -31.51
CA THR B 677 -15.21 -6.39 -30.42
C THR B 677 -14.27 -5.33 -30.94
N LEU B 678 -14.34 -4.15 -30.35
CA LEU B 678 -13.47 -3.05 -30.73
C LEU B 678 -12.15 -3.02 -29.93
N LEU B 679 -11.83 -4.10 -29.23
CA LEU B 679 -10.72 -4.09 -28.29
C LEU B 679 -9.42 -3.79 -28.99
N GLN B 680 -8.67 -2.86 -28.42
CA GLN B 680 -7.38 -2.40 -28.96
C GLN B 680 -6.22 -2.86 -28.08
N LYS B 681 -6.41 -2.90 -26.77
CA LYS B 681 -5.37 -3.26 -25.81
C LYS B 681 -5.90 -4.24 -24.82
N LEU B 682 -5.16 -5.30 -24.62
CA LEU B 682 -5.51 -6.31 -23.64
C LEU B 682 -4.24 -6.59 -22.86
N ASP B 683 -4.31 -6.33 -21.56
CA ASP B 683 -3.22 -6.55 -20.66
C ASP B 683 -3.64 -7.70 -19.76
N VAL B 684 -2.97 -8.85 -19.92
CA VAL B 684 -3.19 -10.00 -19.05
C VAL B 684 -1.86 -10.41 -18.41
N SER B 685 -1.00 -9.43 -18.21
CA SER B 685 0.27 -9.68 -17.54
C SER B 685 0.11 -10.01 -16.07
N SER B 686 1.15 -10.67 -15.56
CA SER B 686 1.25 -11.00 -14.14
C SER B 686 0.03 -11.78 -13.67
N ASN B 687 -0.38 -12.76 -14.48
CA ASN B 687 -1.37 -13.75 -14.07
C ASN B 687 -0.66 -15.11 -13.87
N SER B 688 -1.33 -16.25 -14.04
CA SER B 688 -0.65 -17.57 -14.06
C SER B 688 -0.99 -18.36 -15.32
N ILE B 689 -1.04 -17.66 -16.43
CA ILE B 689 -1.53 -18.20 -17.66
C ILE B 689 -0.55 -19.24 -18.21
N VAL B 690 -1.04 -20.48 -18.38
CA VAL B 690 -0.23 -21.58 -18.90
C VAL B 690 -0.60 -21.92 -20.35
N SER B 691 -1.83 -21.64 -20.77
CA SER B 691 -2.24 -21.90 -22.14
C SER B 691 -3.23 -20.91 -22.68
N VAL B 692 -3.26 -20.86 -24.00
CA VAL B 692 -4.20 -20.07 -24.75
C VAL B 692 -4.89 -21.00 -25.74
N VAL B 693 -6.19 -20.89 -25.79
CA VAL B 693 -7.02 -21.65 -26.65
C VAL B 693 -6.81 -21.18 -28.11
N PRO B 694 -6.94 -22.11 -29.10
CA PRO B 694 -6.82 -21.75 -30.52
C PRO B 694 -7.68 -20.55 -30.93
N ALA B 695 -7.09 -19.64 -31.68
CA ALA B 695 -7.81 -18.49 -32.22
C ALA B 695 -8.40 -17.55 -31.13
N PHE B 696 -7.83 -17.57 -29.92
CA PHE B 696 -8.33 -16.71 -28.84
C PHE B 696 -8.40 -15.26 -29.27
N PHE B 697 -7.40 -14.76 -29.97
CA PHE B 697 -7.36 -13.34 -30.33
C PHE B 697 -7.89 -13.04 -31.74
N ALA B 698 -8.22 -14.09 -32.50
CA ALA B 698 -8.35 -13.99 -33.97
C ALA B 698 -9.39 -13.04 -34.51
N LEU B 699 -10.51 -12.88 -33.82
CA LEU B 699 -11.58 -12.03 -34.33
C LEU B 699 -11.49 -10.57 -33.85
N ALA B 700 -10.46 -10.23 -33.08
CA ALA B 700 -10.28 -8.88 -32.57
C ALA B 700 -9.53 -8.07 -33.59
N VAL B 701 -10.27 -7.66 -34.61
CA VAL B 701 -9.74 -6.97 -35.80
C VAL B 701 -9.02 -5.68 -35.43
N GLU B 702 -9.40 -5.01 -34.32
CA GLU B 702 -8.81 -3.71 -33.97
C GLU B 702 -7.61 -3.82 -33.01
N LEU B 703 -7.24 -5.05 -32.65
CA LEU B 703 -6.31 -5.33 -31.57
C LEU B 703 -4.88 -4.91 -31.91
N LYS B 704 -4.27 -4.07 -31.07
CA LYS B 704 -2.92 -3.55 -31.33
C LYS B 704 -1.90 -3.97 -30.28
N GLU B 705 -2.29 -4.02 -29.00
CA GLU B 705 -1.33 -4.29 -27.94
C GLU B 705 -1.77 -5.43 -27.09
N VAL B 706 -0.94 -6.45 -26.95
CA VAL B 706 -1.22 -7.49 -25.98
C VAL B 706 -0.01 -7.77 -25.11
N ASN B 707 -0.27 -7.71 -23.81
CA ASN B 707 0.77 -7.92 -22.82
C ASN B 707 0.55 -9.26 -22.16
N LEU B 708 1.40 -10.23 -22.50
CA LEU B 708 1.34 -11.56 -21.91
C LEU B 708 2.46 -11.79 -20.94
N SER B 709 3.23 -10.75 -20.60
CA SER B 709 4.42 -10.90 -19.76
C SER B 709 4.12 -11.37 -18.35
N HIS B 710 5.14 -11.93 -17.71
CA HIS B 710 5.05 -12.45 -16.35
C HIS B 710 3.88 -13.44 -16.18
N ASN B 711 3.88 -14.46 -17.01
CA ASN B 711 2.91 -15.52 -16.91
C ASN B 711 3.72 -16.81 -16.89
N ILE B 712 3.12 -17.97 -17.20
CA ILE B 712 3.89 -19.22 -17.22
C ILE B 712 3.74 -19.95 -18.55
N LEU B 713 3.83 -19.17 -19.62
CA LEU B 713 3.79 -19.70 -20.98
C LEU B 713 5.11 -20.40 -21.33
N LYS B 714 5.01 -21.62 -21.86
CA LYS B 714 6.21 -22.35 -22.32
C LYS B 714 6.42 -22.12 -23.81
N THR B 715 5.46 -21.48 -24.45
CA THR B 715 5.56 -21.21 -25.88
C THR B 715 4.77 -19.94 -26.22
N VAL B 716 4.80 -19.55 -27.48
CA VAL B 716 4.01 -18.46 -28.02
C VAL B 716 3.61 -18.92 -29.43
N ASP B 717 2.31 -19.06 -29.68
CA ASP B 717 1.82 -19.72 -30.89
C ASP B 717 1.10 -18.76 -31.84
N ARG B 718 1.51 -18.79 -33.09
CA ARG B 718 0.84 -18.03 -34.14
C ARG B 718 -0.65 -18.36 -34.17
N SER B 719 -0.99 -19.62 -33.87
CA SER B 719 -2.36 -20.09 -33.98
C SER B 719 -3.32 -19.51 -32.90
N TRP B 720 -2.77 -18.85 -31.87
CA TRP B 720 -3.59 -18.06 -30.92
C TRP B 720 -4.19 -16.83 -31.58
N PHE B 721 -3.50 -16.30 -32.60
CA PHE B 721 -3.85 -15.01 -33.19
C PHE B 721 -4.45 -15.12 -34.57
N GLY B 722 -3.99 -16.08 -35.36
CA GLY B 722 -4.29 -16.08 -36.80
C GLY B 722 -3.64 -14.86 -37.46
N PRO B 723 -4.26 -14.36 -38.54
CA PRO B 723 -3.63 -13.27 -39.30
C PRO B 723 -3.49 -11.92 -38.59
N ILE B 724 -4.31 -11.62 -37.59
CA ILE B 724 -4.20 -10.30 -36.91
C ILE B 724 -2.88 -10.09 -36.15
N VAL B 725 -2.06 -11.12 -36.05
CA VAL B 725 -0.74 -10.95 -35.45
C VAL B 725 0.11 -9.92 -36.20
N MET B 726 -0.11 -9.79 -37.51
CA MET B 726 0.62 -8.79 -38.34
C MET B 726 0.19 -7.34 -38.11
N ASN B 727 -1.04 -7.13 -37.63
CA ASN B 727 -1.53 -5.80 -37.31
C ASN B 727 -1.13 -5.35 -35.87
N LEU B 728 -0.54 -6.23 -35.05
CA LEU B 728 -0.15 -5.82 -33.67
C LEU B 728 0.99 -4.82 -33.63
N THR B 729 0.89 -3.82 -32.77
CA THR B 729 1.97 -2.88 -32.52
C THR B 729 2.82 -3.31 -31.34
N VAL B 730 2.23 -3.96 -30.33
CA VAL B 730 3.04 -4.53 -29.25
C VAL B 730 2.56 -5.90 -28.78
N LEU B 731 3.50 -6.84 -28.71
CA LEU B 731 3.24 -8.19 -28.20
C LEU B 731 4.32 -8.50 -27.16
N ASP B 732 3.96 -8.48 -25.89
CA ASP B 732 4.96 -8.53 -24.85
C ASP B 732 4.97 -9.88 -24.23
N VAL B 733 6.09 -10.59 -24.34
CA VAL B 733 6.14 -11.99 -23.87
C VAL B 733 7.29 -12.23 -22.89
N ARG B 734 7.93 -11.16 -22.40
CA ARG B 734 8.97 -11.36 -21.40
C ARG B 734 8.49 -12.03 -20.11
N SER B 735 9.45 -12.49 -19.35
CA SER B 735 9.26 -13.19 -18.08
C SER B 735 8.22 -14.29 -18.19
N ASN B 736 8.34 -15.09 -19.24
CA ASN B 736 7.65 -16.36 -19.34
C ASN B 736 8.73 -17.43 -19.45
N PRO B 737 8.51 -18.60 -18.84
CA PRO B 737 9.50 -19.67 -18.87
C PRO B 737 9.43 -20.46 -20.18
N LEU B 738 9.71 -19.76 -21.27
CA LEU B 738 9.72 -20.33 -22.59
C LEU B 738 10.66 -21.56 -22.69
N HIS B 739 10.18 -22.63 -23.31
CA HIS B 739 10.94 -23.87 -23.51
C HIS B 739 11.77 -23.70 -24.78
N CYS B 740 13.07 -23.55 -24.59
CA CYS B 740 13.99 -23.33 -25.72
C CYS B 740 14.62 -24.65 -26.17
N ALA B 741 13.76 -25.55 -26.66
CA ALA B 741 14.16 -26.79 -27.30
C ALA B 741 14.59 -26.49 -28.72
N CYS B 742 15.29 -27.43 -29.32
CA CYS B 742 16.08 -27.14 -30.52
C CYS B 742 15.22 -26.65 -31.70
N GLY B 743 14.14 -27.36 -32.00
CA GLY B 743 13.25 -26.93 -33.09
C GLY B 743 12.28 -25.80 -32.77
N ALA B 744 12.31 -25.29 -31.54
CA ALA B 744 11.20 -24.51 -30.95
C ALA B 744 10.50 -23.54 -31.90
N ALA B 745 9.18 -23.71 -31.99
CA ALA B 745 8.34 -23.01 -32.98
C ALA B 745 8.15 -21.50 -32.74
N PHE B 746 8.10 -21.07 -31.47
CA PHE B 746 7.83 -19.67 -31.16
C PHE B 746 8.87 -18.71 -31.74
N VAL B 747 10.11 -19.19 -31.90
CA VAL B 747 11.18 -18.33 -32.41
C VAL B 747 10.83 -17.72 -33.76
N ASP B 748 10.22 -18.53 -34.62
CA ASP B 748 9.86 -18.09 -35.95
C ASP B 748 8.76 -17.05 -35.87
N LEU B 749 7.80 -17.26 -34.98
CA LEU B 749 6.76 -16.25 -34.77
C LEU B 749 7.37 -14.92 -34.30
N LEU B 750 8.19 -14.99 -33.25
CA LEU B 750 8.73 -13.74 -32.69
C LEU B 750 9.58 -13.01 -33.71
N LEU B 751 10.36 -13.74 -34.50
CA LEU B 751 11.13 -13.09 -35.57
C LEU B 751 10.25 -12.42 -36.62
N GLU B 752 9.13 -13.06 -36.96
CA GLU B 752 8.17 -12.50 -37.92
C GLU B 752 7.62 -11.17 -37.44
N VAL B 753 7.46 -10.99 -36.12
CA VAL B 753 6.95 -9.72 -35.57
C VAL B 753 7.98 -8.97 -34.68
N GLN B 754 9.26 -9.17 -34.97
CA GLN B 754 10.35 -8.72 -34.12
C GLN B 754 10.35 -7.26 -33.76
N THR B 755 9.98 -6.38 -34.68
CA THR B 755 9.94 -4.96 -34.31
C THR B 755 8.81 -4.64 -33.32
N LYS B 756 7.92 -5.60 -33.06
CA LYS B 756 6.78 -5.37 -32.18
C LYS B 756 6.90 -6.02 -30.81
N VAL B 757 8.00 -6.72 -30.55
CA VAL B 757 8.14 -7.33 -29.25
C VAL B 757 9.27 -6.65 -28.48
N PRO B 758 8.86 -5.89 -27.42
CA PRO B 758 9.81 -5.15 -26.61
C PRO B 758 10.77 -6.11 -25.94
N GLY B 759 12.05 -5.74 -25.96
CA GLY B 759 13.13 -6.52 -25.38
C GLY B 759 13.34 -7.86 -26.01
N LEU B 760 13.03 -8.01 -27.29
CA LEU B 760 13.21 -9.31 -27.94
C LEU B 760 14.69 -9.70 -27.92
N ALA B 761 15.54 -8.76 -28.28
CA ALA B 761 16.96 -9.05 -28.48
C ALA B 761 17.63 -9.77 -27.29
N ASN B 762 17.44 -9.27 -26.08
CA ASN B 762 18.01 -9.94 -24.89
C ASN B 762 17.05 -10.09 -23.70
N GLY B 763 15.94 -9.38 -23.67
CA GLY B 763 14.99 -9.47 -22.56
C GLY B 763 14.00 -10.63 -22.56
N VAL B 764 13.86 -11.32 -23.69
CA VAL B 764 12.98 -12.50 -23.74
C VAL B 764 13.82 -13.73 -23.49
N LYS B 765 13.52 -14.42 -22.39
CA LYS B 765 14.38 -15.44 -21.85
C LYS B 765 13.68 -16.78 -21.79
N CYS B 766 14.50 -17.83 -21.76
CA CYS B 766 14.07 -19.23 -21.62
C CYS B 766 13.87 -19.63 -20.17
N GLY B 767 12.90 -20.49 -19.88
CA GLY B 767 12.76 -21.11 -18.55
C GLY B 767 13.44 -22.47 -18.45
N SER B 768 13.70 -23.07 -19.63
CA SER B 768 14.15 -24.45 -19.78
C SER B 768 14.69 -24.62 -21.22
N PRO B 769 15.51 -25.64 -21.48
CA PRO B 769 16.00 -26.62 -20.50
C PRO B 769 17.06 -26.01 -19.59
N GLY B 770 17.51 -26.78 -18.59
CA GLY B 770 18.41 -26.27 -17.53
C GLY B 770 19.61 -25.43 -17.99
N GLN B 771 20.27 -25.86 -19.06
CA GLN B 771 21.44 -25.17 -19.67
C GLN B 771 21.11 -23.71 -20.04
N LEU B 772 19.86 -23.45 -20.44
CA LEU B 772 19.45 -22.15 -21.00
C LEU B 772 18.59 -21.30 -20.06
N GLN B 773 18.23 -21.82 -18.89
CA GLN B 773 17.47 -21.05 -17.89
C GLN B 773 18.10 -19.69 -17.69
N GLY B 774 17.29 -18.68 -17.82
CA GLY B 774 17.71 -17.33 -17.53
C GLY B 774 18.46 -16.65 -18.64
N ARG B 775 18.61 -17.32 -19.79
CA ARG B 775 19.34 -16.78 -20.92
C ARG B 775 18.41 -16.40 -22.04
N SER B 776 18.88 -15.46 -22.87
CA SER B 776 18.19 -15.06 -24.10
C SER B 776 17.78 -16.23 -24.97
N ILE B 777 16.63 -16.13 -25.62
CA ILE B 777 16.23 -17.16 -26.57
C ILE B 777 17.20 -17.24 -27.74
N PHE B 778 18.04 -16.21 -27.92
CA PHE B 778 19.07 -16.21 -28.96
C PHE B 778 20.49 -16.58 -28.48
N ALA B 779 20.62 -17.12 -27.27
CA ALA B 779 21.94 -17.52 -26.78
C ALA B 779 22.43 -18.78 -27.48
N GLN B 780 21.57 -19.76 -27.68
CA GLN B 780 21.76 -20.77 -28.73
C GLN B 780 21.08 -20.26 -29.96
N ASP B 781 21.43 -20.78 -31.13
CA ASP B 781 20.57 -20.65 -32.30
C ASP B 781 19.58 -21.84 -32.26
N LEU B 782 18.29 -21.52 -32.14
CA LEU B 782 17.28 -22.56 -31.98
C LEU B 782 16.60 -22.99 -33.29
N ARG B 783 17.12 -22.53 -34.43
CA ARG B 783 16.72 -23.07 -35.74
C ARG B 783 17.73 -24.10 -36.28
N LEU B 784 19.03 -23.85 -36.06
CA LEU B 784 20.10 -24.76 -36.51
C LEU B 784 20.17 -25.98 -35.57
N CYS B 785 19.29 -26.96 -35.83
CA CYS B 785 19.02 -28.06 -34.90
C CYS B 785 17.84 -28.89 -35.40
#